data_2ECT
#
_entry.id   2ECT
#
loop_
_entity.id
_entity.type
_entity.pdbx_description
1 polymer 'RING finger protein 126'
2 non-polymer 'ZINC ION'
#
_entity_poly.entity_id   1
_entity_poly.type   'polypeptide(L)'
_entity_poly.pdbx_seq_one_letter_code
;GSSGSSGTEEHVGSGLECPVCKEDYALGESVRQLPCNHLFHDSCIVPWLEQHDSCPVCRKSLTGQNTATNPPGLTGVG
;
_entity_poly.pdbx_strand_id   A
#
loop_
_chem_comp.id
_chem_comp.type
_chem_comp.name
_chem_comp.formula
ZN non-polymer 'ZINC ION' 'Zn 2'
#
# COMPACT_ATOMS: atom_id res chain seq x y z
N GLY A 1 -4.93 -6.29 -39.30
CA GLY A 1 -5.35 -5.16 -38.49
C GLY A 1 -4.43 -4.92 -37.31
N SER A 2 -5.02 -4.60 -36.16
CA SER A 2 -4.24 -4.33 -34.95
C SER A 2 -3.91 -5.63 -34.23
N SER A 3 -2.62 -5.94 -34.15
CA SER A 3 -2.16 -7.16 -33.48
C SER A 3 -1.08 -6.84 -32.45
N GLY A 4 -1.38 -7.11 -31.19
CA GLY A 4 -0.42 -6.86 -30.13
C GLY A 4 -1.06 -6.92 -28.75
N SER A 5 -0.26 -7.31 -27.76
CA SER A 5 -0.75 -7.41 -26.38
C SER A 5 0.42 -7.44 -25.40
N SER A 6 0.10 -7.23 -24.12
CA SER A 6 1.12 -7.21 -23.07
C SER A 6 0.71 -8.12 -21.91
N GLY A 7 -0.51 -7.95 -21.44
CA GLY A 7 -1.01 -8.75 -20.33
C GLY A 7 -1.28 -7.93 -19.09
N THR A 8 -1.44 -8.61 -17.96
CA THR A 8 -1.71 -7.94 -16.69
C THR A 8 -0.82 -8.47 -15.58
N GLU A 9 0.42 -7.99 -15.53
CA GLU A 9 1.36 -8.42 -14.51
C GLU A 9 0.94 -7.94 -13.12
N GLU A 10 1.48 -8.58 -12.08
CA GLU A 10 1.14 -8.22 -10.72
C GLU A 10 1.15 -6.71 -10.53
N HIS A 11 2.31 -6.09 -10.77
CA HIS A 11 2.45 -4.65 -10.64
C HIS A 11 3.02 -4.04 -11.92
N VAL A 12 2.17 -3.86 -12.92
CA VAL A 12 2.60 -3.29 -14.19
C VAL A 12 1.96 -1.92 -14.41
N GLY A 13 0.76 -1.74 -13.86
CA GLY A 13 0.07 -0.47 -14.02
C GLY A 13 -1.38 -0.65 -14.43
N SER A 14 -2.05 -1.61 -13.81
CA SER A 14 -3.45 -1.88 -14.11
C SER A 14 -4.34 -1.58 -12.92
N GLY A 15 -5.13 -0.50 -13.04
CA GLY A 15 -6.02 -0.12 -11.96
C GLY A 15 -5.43 -0.41 -10.59
N LEU A 16 -4.15 -0.14 -10.43
CA LEU A 16 -3.47 -0.38 -9.16
C LEU A 16 -3.21 0.93 -8.43
N GLU A 17 -3.57 2.04 -9.06
CA GLU A 17 -3.37 3.36 -8.46
C GLU A 17 -3.65 3.33 -6.96
N CYS A 18 -2.83 4.04 -6.20
CA CYS A 18 -2.99 4.09 -4.75
C CYS A 18 -4.39 4.55 -4.36
N PRO A 19 -5.06 3.76 -3.52
CA PRO A 19 -6.41 4.07 -3.05
C PRO A 19 -6.45 5.26 -2.11
N VAL A 20 -5.36 5.45 -1.36
CA VAL A 20 -5.27 6.57 -0.42
C VAL A 20 -5.57 7.90 -1.11
N CYS A 21 -4.91 8.13 -2.25
CA CYS A 21 -5.10 9.36 -3.01
C CYS A 21 -5.85 9.08 -4.31
N LYS A 22 -5.87 7.81 -4.72
CA LYS A 22 -6.55 7.42 -5.94
C LYS A 22 -5.93 8.09 -7.16
N GLU A 23 -4.60 8.18 -7.17
CA GLU A 23 -3.89 8.80 -8.28
C GLU A 23 -3.25 7.74 -9.18
N ASP A 24 -2.07 7.28 -8.80
CA ASP A 24 -1.36 6.27 -9.58
C ASP A 24 0.02 5.98 -8.97
N TYR A 25 0.68 4.96 -9.50
CA TYR A 25 2.01 4.58 -9.00
C TYR A 25 3.09 5.09 -9.94
N ALA A 26 4.34 4.69 -9.66
CA ALA A 26 5.47 5.10 -10.47
C ALA A 26 6.71 4.25 -10.16
N LEU A 27 7.34 3.75 -11.21
CA LEU A 27 8.54 2.92 -11.05
C LEU A 27 9.41 3.44 -9.91
N GLY A 28 9.63 4.74 -9.89
CA GLY A 28 10.46 5.33 -8.85
C GLY A 28 9.69 5.54 -7.55
N GLU A 29 8.37 5.67 -7.66
CA GLU A 29 7.52 5.87 -6.49
C GLU A 29 7.55 4.65 -5.58
N SER A 30 8.04 4.83 -4.36
CA SER A 30 8.12 3.74 -3.40
C SER A 30 6.72 3.26 -3.00
N VAL A 31 6.34 2.08 -3.49
CA VAL A 31 5.04 1.51 -3.19
C VAL A 31 5.15 0.42 -2.13
N ARG A 32 4.10 0.26 -1.33
CA ARG A 32 4.07 -0.74 -0.29
C ARG A 32 2.88 -1.69 -0.46
N GLN A 33 3.14 -2.98 -0.32
CA GLN A 33 2.09 -3.98 -0.47
C GLN A 33 1.62 -4.48 0.90
N LEU A 34 0.32 -4.69 1.03
CA LEU A 34 -0.26 -5.15 2.28
C LEU A 34 -0.51 -6.66 2.24
N PRO A 35 -0.65 -7.27 3.42
CA PRO A 35 -0.88 -8.71 3.55
C PRO A 35 -2.29 -9.10 3.07
N CYS A 36 -3.01 -8.14 2.50
CA CYS A 36 -4.35 -8.39 2.01
C CYS A 36 -4.41 -8.25 0.49
N ASN A 37 -3.24 -8.18 -0.15
CA ASN A 37 -3.14 -8.05 -1.59
C ASN A 37 -3.50 -6.64 -2.03
N HIS A 38 -3.19 -5.67 -1.18
CA HIS A 38 -3.49 -4.26 -1.48
C HIS A 38 -2.23 -3.42 -1.36
N LEU A 39 -1.92 -2.67 -2.42
CA LEU A 39 -0.74 -1.82 -2.43
C LEU A 39 -1.10 -0.38 -2.09
N PHE A 40 -0.12 0.39 -1.63
CA PHE A 40 -0.34 1.78 -1.27
C PHE A 40 0.98 2.56 -1.28
N HIS A 41 0.89 3.84 -1.65
CA HIS A 41 2.07 4.70 -1.70
C HIS A 41 2.82 4.67 -0.38
N ASP A 42 4.14 4.51 -0.44
CA ASP A 42 4.96 4.48 0.76
C ASP A 42 4.83 5.78 1.55
N SER A 43 4.18 6.77 0.95
CA SER A 43 3.98 8.06 1.60
C SER A 43 2.52 8.24 2.02
N CYS A 44 1.67 7.33 1.57
CA CYS A 44 0.25 7.39 1.89
C CYS A 44 -0.11 6.35 2.96
N ILE A 45 0.55 5.20 2.90
CA ILE A 45 0.31 4.13 3.86
C ILE A 45 1.14 4.32 5.11
N VAL A 46 2.42 4.64 4.94
CA VAL A 46 3.33 4.85 6.06
C VAL A 46 2.66 5.67 7.15
N PRO A 47 2.21 6.87 6.80
CA PRO A 47 1.54 7.79 7.73
C PRO A 47 0.16 7.28 8.14
N TRP A 48 -0.35 6.28 7.43
CA TRP A 48 -1.65 5.71 7.72
C TRP A 48 -1.54 4.63 8.78
N LEU A 49 -0.76 3.59 8.49
CA LEU A 49 -0.58 2.48 9.43
C LEU A 49 -0.09 3.00 10.78
N GLU A 50 0.68 4.08 10.76
CA GLU A 50 1.22 4.67 11.98
C GLU A 50 0.11 5.36 12.78
N GLN A 51 -1.11 5.32 12.25
CA GLN A 51 -2.25 5.94 12.91
C GLN A 51 -3.37 4.94 13.11
N HIS A 52 -3.59 4.09 12.12
CA HIS A 52 -4.64 3.08 12.18
C HIS A 52 -4.04 1.68 12.24
N ASP A 53 -2.86 1.51 11.65
CA ASP A 53 -2.18 0.23 11.62
C ASP A 53 -3.03 -0.83 10.93
N SER A 54 -3.68 -0.43 9.84
CA SER A 54 -4.53 -1.35 9.08
C SER A 54 -4.66 -0.88 7.64
N CYS A 55 -5.45 -1.62 6.86
CA CYS A 55 -5.68 -1.29 5.45
C CYS A 55 -6.79 -0.25 5.31
N PRO A 56 -6.46 0.88 4.65
CA PRO A 56 -7.41 1.97 4.43
C PRO A 56 -8.50 1.58 3.43
N VAL A 57 -8.47 0.34 2.99
CA VAL A 57 -9.47 -0.16 2.03
C VAL A 57 -10.35 -1.23 2.66
N CYS A 58 -9.74 -2.32 3.09
CA CYS A 58 -10.46 -3.43 3.70
C CYS A 58 -10.20 -3.49 5.21
N ARG A 59 -9.19 -2.73 5.64
CA ARG A 59 -8.84 -2.70 7.06
C ARG A 59 -8.55 -4.10 7.58
N LYS A 60 -7.77 -4.87 6.83
CA LYS A 60 -7.43 -6.23 7.21
C LYS A 60 -6.40 -6.23 8.36
N SER A 61 -6.85 -6.63 9.54
CA SER A 61 -5.98 -6.68 10.71
C SER A 61 -4.56 -7.10 10.31
N LEU A 62 -3.62 -6.19 10.43
CA LEU A 62 -2.22 -6.48 10.09
C LEU A 62 -1.47 -6.99 11.30
N THR A 63 -2.13 -7.80 12.12
CA THR A 63 -1.52 -8.37 13.31
C THR A 63 -2.25 -9.63 13.77
N GLY A 64 -1.50 -10.58 14.28
CA GLY A 64 -2.09 -11.83 14.75
C GLY A 64 -1.68 -12.17 16.17
N GLN A 65 -0.40 -11.95 16.48
CA GLN A 65 0.12 -12.25 17.80
C GLN A 65 -0.48 -11.32 18.84
N ASN A 66 -0.15 -11.55 20.11
CA ASN A 66 -0.67 -10.73 21.21
C ASN A 66 -0.62 -9.25 20.84
N THR A 67 -1.38 -8.44 21.57
CA THR A 67 -1.42 -7.01 21.33
C THR A 67 -0.03 -6.39 21.43
N ALA A 68 0.75 -6.83 22.41
CA ALA A 68 2.10 -6.33 22.61
C ALA A 68 2.91 -6.43 21.32
N THR A 69 2.98 -5.32 20.58
CA THR A 69 3.72 -5.29 19.33
C THR A 69 4.42 -3.96 19.14
N ASN A 70 5.60 -3.99 18.52
CA ASN A 70 6.36 -2.77 18.28
C ASN A 70 5.46 -1.64 17.82
N PRO A 71 5.63 -0.46 18.44
CA PRO A 71 4.84 0.73 18.11
C PRO A 71 5.19 1.29 16.73
N PRO A 72 4.23 2.03 16.13
CA PRO A 72 4.41 2.64 14.82
C PRO A 72 5.42 3.78 14.84
N GLY A 73 5.63 4.36 16.01
CA GLY A 73 6.58 5.45 16.14
C GLY A 73 6.91 5.76 17.58
N LEU A 74 6.47 6.93 18.06
CA LEU A 74 6.74 7.34 19.43
C LEU A 74 5.43 7.66 20.16
N THR A 75 5.41 7.38 21.46
CA THR A 75 4.22 7.64 22.27
C THR A 75 3.49 8.89 21.78
N GLY A 76 4.24 9.93 21.45
CA GLY A 76 3.64 11.16 20.99
C GLY A 76 2.50 10.92 20.02
N VAL A 77 2.75 10.08 19.01
CA VAL A 77 1.73 9.77 18.01
C VAL A 77 0.34 9.69 18.66
N GLY A 78 -0.67 10.14 17.91
CA GLY A 78 -2.03 10.11 18.43
C GLY A 78 -2.50 8.70 18.73
ZN ZN B . -1.18 7.73 -2.54
ZN ZN C . -6.77 -4.44 2.10
N GLY A 1 7.65 -4.33 -29.92
CA GLY A 1 8.87 -3.55 -30.00
C GLY A 1 9.99 -4.12 -29.16
N SER A 2 11.21 -3.64 -29.39
CA SER A 2 12.37 -4.11 -28.64
C SER A 2 12.17 -3.92 -27.15
N SER A 3 11.70 -4.97 -26.47
CA SER A 3 11.46 -4.91 -25.04
C SER A 3 10.44 -3.83 -24.70
N GLY A 4 9.38 -3.77 -25.49
CA GLY A 4 8.34 -2.78 -25.27
C GLY A 4 7.16 -3.34 -24.48
N SER A 5 5.95 -2.92 -24.85
CA SER A 5 4.75 -3.39 -24.17
C SER A 5 3.98 -4.37 -25.04
N SER A 6 4.03 -5.65 -24.67
CA SER A 6 3.34 -6.70 -25.43
C SER A 6 1.84 -6.65 -25.17
N GLY A 7 1.45 -6.79 -23.91
CA GLY A 7 0.05 -6.77 -23.54
C GLY A 7 -0.18 -6.40 -22.09
N THR A 8 0.47 -7.13 -21.19
CA THR A 8 0.34 -6.87 -19.76
C THR A 8 1.65 -7.14 -19.03
N GLU A 9 2.29 -6.08 -18.55
CA GLU A 9 3.55 -6.22 -17.83
C GLU A 9 3.33 -6.18 -16.32
N GLU A 10 4.25 -6.76 -15.58
CA GLU A 10 4.16 -6.79 -14.12
C GLU A 10 4.02 -5.38 -13.55
N HIS A 11 2.92 -5.14 -12.85
CA HIS A 11 2.66 -3.83 -12.25
C HIS A 11 2.91 -2.72 -13.26
N VAL A 12 2.30 -2.84 -14.43
CA VAL A 12 2.44 -1.85 -15.48
C VAL A 12 1.55 -0.64 -15.24
N GLY A 13 0.55 -0.83 -14.38
CA GLY A 13 -0.37 0.25 -14.07
C GLY A 13 -1.82 -0.12 -14.36
N SER A 14 -2.19 -1.35 -14.03
CA SER A 14 -3.55 -1.82 -14.27
C SER A 14 -4.43 -1.57 -13.05
N GLY A 15 -5.22 -0.49 -13.11
CA GLY A 15 -6.10 -0.16 -12.00
C GLY A 15 -5.49 -0.50 -10.66
N LEU A 16 -4.26 -0.07 -10.44
CA LEU A 16 -3.57 -0.34 -9.18
C LEU A 16 -3.28 0.96 -8.43
N GLU A 17 -3.62 2.09 -9.05
CA GLU A 17 -3.40 3.39 -8.44
C GLU A 17 -3.68 3.34 -6.94
N CYS A 18 -2.85 4.04 -6.17
CA CYS A 18 -3.00 4.07 -4.72
C CYS A 18 -4.40 4.54 -4.33
N PRO A 19 -5.06 3.75 -3.47
CA PRO A 19 -6.42 4.05 -3.00
C PRO A 19 -6.45 5.25 -2.07
N VAL A 20 -5.37 5.44 -1.32
CA VAL A 20 -5.27 6.57 -0.39
C VAL A 20 -5.57 7.89 -1.08
N CYS A 21 -4.91 8.12 -2.21
CA CYS A 21 -5.10 9.35 -2.97
C CYS A 21 -5.87 9.08 -4.26
N LYS A 22 -5.86 7.82 -4.70
CA LYS A 22 -6.55 7.42 -5.91
C LYS A 22 -5.93 8.10 -7.14
N GLU A 23 -4.61 8.19 -7.16
CA GLU A 23 -3.90 8.81 -8.27
C GLU A 23 -3.28 7.75 -9.18
N ASP A 24 -2.10 7.28 -8.82
CA ASP A 24 -1.41 6.26 -9.60
C ASP A 24 -0.04 5.96 -9.01
N TYR A 25 0.60 4.92 -9.51
CA TYR A 25 1.93 4.52 -9.04
C TYR A 25 3.01 5.00 -9.98
N ALA A 26 4.26 4.59 -9.71
CA ALA A 26 5.39 4.98 -10.54
C ALA A 26 6.60 4.10 -10.25
N LEU A 27 7.19 3.55 -11.30
CA LEU A 27 8.36 2.69 -11.16
C LEU A 27 9.26 3.18 -10.03
N GLY A 28 9.56 4.47 -10.03
CA GLY A 28 10.41 5.04 -9.00
C GLY A 28 9.65 5.29 -7.70
N GLU A 29 8.35 5.54 -7.81
CA GLU A 29 7.52 5.79 -6.64
C GLU A 29 7.53 4.60 -5.70
N SER A 30 8.04 4.81 -4.49
CA SER A 30 8.12 3.76 -3.49
C SER A 30 6.72 3.30 -3.07
N VAL A 31 6.35 2.09 -3.50
CA VAL A 31 5.05 1.53 -3.18
C VAL A 31 5.16 0.44 -2.12
N ARG A 32 4.10 0.27 -1.33
CA ARG A 32 4.08 -0.73 -0.29
C ARG A 32 2.88 -1.67 -0.45
N GLN A 33 3.14 -2.97 -0.31
CA GLN A 33 2.08 -3.97 -0.45
C GLN A 33 1.60 -4.44 0.92
N LEU A 34 0.30 -4.68 1.04
CA LEU A 34 -0.28 -5.13 2.30
C LEU A 34 -0.52 -6.64 2.26
N PRO A 35 -0.67 -7.24 3.45
CA PRO A 35 -0.91 -8.68 3.59
C PRO A 35 -2.30 -9.08 3.11
N CYS A 36 -3.02 -8.12 2.53
CA CYS A 36 -4.36 -8.38 2.03
C CYS A 36 -4.42 -8.24 0.51
N ASN A 37 -3.24 -8.18 -0.12
CA ASN A 37 -3.15 -8.04 -1.56
C ASN A 37 -3.50 -6.63 -2.01
N HIS A 38 -3.20 -5.66 -1.16
CA HIS A 38 -3.49 -4.26 -1.46
C HIS A 38 -2.23 -3.42 -1.35
N LEU A 39 -1.93 -2.67 -2.41
CA LEU A 39 -0.75 -1.82 -2.44
C LEU A 39 -1.11 -0.38 -2.10
N PHE A 40 -0.13 0.38 -1.63
CA PHE A 40 -0.34 1.78 -1.27
C PHE A 40 0.97 2.56 -1.28
N HIS A 41 0.90 3.82 -1.68
CA HIS A 41 2.08 4.68 -1.75
C HIS A 41 2.83 4.65 -0.43
N ASP A 42 4.16 4.52 -0.51
CA ASP A 42 5.00 4.48 0.68
C ASP A 42 4.88 5.79 1.48
N SER A 43 4.18 6.77 0.89
CA SER A 43 4.00 8.06 1.54
C SER A 43 2.55 8.26 1.95
N CYS A 44 1.69 7.32 1.54
CA CYS A 44 0.27 7.39 1.86
C CYS A 44 -0.10 6.37 2.93
N ILE A 45 0.57 5.22 2.89
CA ILE A 45 0.32 4.15 3.85
C ILE A 45 1.15 4.34 5.11
N VAL A 46 2.43 4.64 4.93
CA VAL A 46 3.34 4.84 6.05
C VAL A 46 2.67 5.65 7.15
N PRO A 47 2.21 6.86 6.81
CA PRO A 47 1.53 7.76 7.75
C PRO A 47 0.16 7.24 8.17
N TRP A 48 -0.36 6.28 7.41
CA TRP A 48 -1.66 5.70 7.70
C TRP A 48 -1.55 4.62 8.78
N LEU A 49 -0.75 3.59 8.50
CA LEU A 49 -0.56 2.50 9.45
C LEU A 49 -0.09 3.03 10.80
N GLU A 50 0.67 4.12 10.77
CA GLU A 50 1.19 4.72 12.00
C GLU A 50 0.07 5.38 12.80
N GLN A 51 -1.14 5.36 12.24
CA GLN A 51 -2.29 5.95 12.90
C GLN A 51 -3.40 4.92 13.10
N HIS A 52 -3.60 4.07 12.11
CA HIS A 52 -4.63 3.04 12.18
C HIS A 52 -4.00 1.65 12.20
N ASP A 53 -2.80 1.54 11.63
CA ASP A 53 -2.08 0.26 11.59
C ASP A 53 -2.92 -0.80 10.88
N SER A 54 -3.69 -0.37 9.88
CA SER A 54 -4.53 -1.29 9.12
C SER A 54 -4.68 -0.81 7.68
N CYS A 55 -5.40 -1.60 6.88
CA CYS A 55 -5.63 -1.26 5.48
C CYS A 55 -6.74 -0.23 5.34
N PRO A 56 -6.43 0.89 4.67
CA PRO A 56 -7.38 1.98 4.46
C PRO A 56 -8.48 1.59 3.48
N VAL A 57 -8.46 0.34 3.04
CA VAL A 57 -9.47 -0.16 2.10
C VAL A 57 -10.35 -1.22 2.74
N CYS A 58 -9.72 -2.33 3.14
CA CYS A 58 -10.45 -3.43 3.77
C CYS A 58 -10.19 -3.46 5.27
N ARG A 59 -9.16 -2.73 5.70
CA ARG A 59 -8.81 -2.68 7.12
C ARG A 59 -8.52 -4.08 7.66
N LYS A 60 -7.68 -4.82 6.95
CA LYS A 60 -7.33 -6.18 7.35
C LYS A 60 -6.25 -6.16 8.43
N SER A 61 -6.63 -6.55 9.65
CA SER A 61 -5.70 -6.57 10.76
C SER A 61 -4.29 -6.94 10.30
N LEU A 62 -3.35 -6.03 10.50
CA LEU A 62 -1.97 -6.25 10.11
C LEU A 62 -1.13 -6.74 11.28
N THR A 63 -1.72 -7.61 12.10
CA THR A 63 -1.03 -8.15 13.27
C THR A 63 -1.70 -9.43 13.75
N GLY A 64 -0.88 -10.41 14.12
CA GLY A 64 -1.41 -11.67 14.60
C GLY A 64 -0.33 -12.57 15.16
N GLN A 65 -0.21 -13.77 14.60
CA GLN A 65 0.80 -14.73 15.05
C GLN A 65 2.17 -14.08 15.15
N ASN A 66 2.68 -13.61 14.02
CA ASN A 66 3.98 -12.96 13.98
C ASN A 66 4.15 -12.14 12.70
N THR A 67 5.04 -11.15 12.76
CA THR A 67 5.30 -10.29 11.61
C THR A 67 6.74 -9.81 11.59
N ALA A 68 7.31 -9.68 10.40
CA ALA A 68 8.68 -9.22 10.25
C ALA A 68 8.77 -7.70 10.32
N THR A 69 7.91 -7.04 9.56
CA THR A 69 7.88 -5.58 9.53
C THR A 69 7.45 -5.01 10.88
N ASN A 70 8.26 -4.09 11.41
CA ASN A 70 7.95 -3.46 12.69
C ASN A 70 6.64 -2.70 12.63
N PRO A 71 5.91 -2.68 13.77
CA PRO A 71 4.63 -1.98 13.87
C PRO A 71 4.78 -0.47 13.83
N PRO A 72 4.07 0.17 12.88
CA PRO A 72 4.12 1.63 12.71
C PRO A 72 3.43 2.36 13.86
N GLY A 73 2.76 1.61 14.72
CA GLY A 73 2.06 2.21 15.85
C GLY A 73 2.73 1.88 17.17
N LEU A 74 2.17 2.39 18.26
CA LEU A 74 2.72 2.16 19.59
C LEU A 74 4.20 2.51 19.64
N THR A 75 4.56 3.64 19.05
CA THR A 75 5.94 4.08 19.03
C THR A 75 6.14 5.32 19.90
N GLY A 76 5.34 6.34 19.66
CA GLY A 76 5.44 7.56 20.43
C GLY A 76 4.80 8.75 19.72
N VAL A 77 3.55 8.58 19.31
CA VAL A 77 2.83 9.65 18.61
C VAL A 77 1.87 10.36 19.55
N GLY A 78 1.64 11.65 19.29
CA GLY A 78 0.75 12.43 20.12
C GLY A 78 0.46 13.80 19.55
ZN ZN B . -1.17 7.71 -2.54
ZN ZN C . -6.70 -4.42 2.13
N GLY A 1 14.47 -7.66 -25.05
CA GLY A 1 14.00 -6.37 -25.48
C GLY A 1 12.53 -6.39 -25.85
N SER A 2 12.25 -6.25 -27.14
CA SER A 2 10.87 -6.24 -27.63
C SER A 2 10.01 -7.22 -26.83
N SER A 3 8.76 -6.84 -26.58
CA SER A 3 7.84 -7.67 -25.83
C SER A 3 7.07 -8.60 -26.76
N GLY A 4 6.23 -9.45 -26.17
CA GLY A 4 5.44 -10.39 -26.96
C GLY A 4 4.42 -9.69 -27.83
N SER A 5 3.14 -9.94 -27.56
CA SER A 5 2.06 -9.33 -28.32
C SER A 5 1.31 -8.30 -27.49
N SER A 6 0.92 -8.70 -26.29
CA SER A 6 0.19 -7.81 -25.39
C SER A 6 1.16 -7.05 -24.48
N GLY A 7 0.73 -5.88 -24.01
CA GLY A 7 1.55 -5.07 -23.14
C GLY A 7 0.99 -4.96 -21.74
N THR A 8 1.23 -5.98 -20.93
CA THR A 8 0.74 -6.01 -19.56
C THR A 8 1.56 -6.95 -18.69
N GLU A 9 1.88 -6.51 -17.47
CA GLU A 9 2.66 -7.32 -16.55
C GLU A 9 2.01 -7.35 -15.17
N GLU A 10 2.62 -8.10 -14.25
CA GLU A 10 2.10 -8.22 -12.89
C GLU A 10 1.89 -6.83 -12.27
N HIS A 11 2.94 -6.01 -12.30
CA HIS A 11 2.86 -4.67 -11.74
C HIS A 11 3.35 -3.63 -12.75
N VAL A 12 2.49 -3.32 -13.72
CA VAL A 12 2.84 -2.35 -14.75
C VAL A 12 2.03 -1.07 -14.58
N GLY A 13 0.79 -1.21 -14.13
CA GLY A 13 -0.07 -0.05 -13.93
C GLY A 13 -1.51 -0.33 -14.32
N SER A 14 -2.02 -1.48 -13.92
CA SER A 14 -3.39 -1.87 -14.23
C SER A 14 -4.31 -1.64 -13.02
N GLY A 15 -5.10 -0.57 -13.09
CA GLY A 15 -6.01 -0.26 -12.01
C GLY A 15 -5.43 -0.58 -10.65
N LEU A 16 -4.19 -0.16 -10.42
CA LEU A 16 -3.51 -0.42 -9.15
C LEU A 16 -3.25 0.89 -8.41
N GLU A 17 -3.57 2.01 -9.04
CA GLU A 17 -3.36 3.32 -8.44
C GLU A 17 -3.64 3.28 -6.94
N CYS A 18 -2.82 3.99 -6.17
CA CYS A 18 -2.97 4.04 -4.72
C CYS A 18 -4.38 4.50 -4.34
N PRO A 19 -5.04 3.72 -3.48
CA PRO A 19 -6.40 4.03 -3.01
C PRO A 19 -6.43 5.24 -2.09
N VAL A 20 -5.36 5.44 -1.34
CA VAL A 20 -5.26 6.57 -0.42
C VAL A 20 -5.57 7.88 -1.13
N CYS A 21 -4.90 8.11 -2.25
CA CYS A 21 -5.10 9.33 -3.03
C CYS A 21 -5.86 9.04 -4.32
N LYS A 22 -5.84 7.78 -4.74
CA LYS A 22 -6.52 7.36 -5.97
C LYS A 22 -5.90 8.03 -7.19
N GLU A 23 -4.58 8.12 -7.20
CA GLU A 23 -3.87 8.73 -8.31
C GLU A 23 -3.24 7.67 -9.21
N ASP A 24 -2.06 7.22 -8.83
CA ASP A 24 -1.35 6.20 -9.61
C ASP A 24 0.02 5.92 -9.01
N TYR A 25 0.68 4.88 -9.52
CA TYR A 25 2.01 4.51 -9.03
C TYR A 25 3.09 4.99 -9.99
N ALA A 26 4.34 4.59 -9.71
CA ALA A 26 5.46 4.98 -10.55
C ALA A 26 6.70 4.14 -10.22
N LEU A 27 7.35 3.62 -11.26
CA LEU A 27 8.55 2.81 -11.09
C LEU A 27 9.44 3.37 -9.98
N GLY A 28 9.61 4.69 -9.99
CA GLY A 28 10.44 5.34 -8.98
C GLY A 28 9.70 5.55 -7.67
N GLU A 29 8.37 5.61 -7.74
CA GLU A 29 7.55 5.81 -6.56
C GLU A 29 7.59 4.59 -5.65
N SER A 30 8.06 4.79 -4.42
CA SER A 30 8.15 3.71 -3.46
C SER A 30 6.76 3.24 -3.02
N VAL A 31 6.33 2.10 -3.54
CA VAL A 31 5.02 1.54 -3.21
C VAL A 31 5.16 0.44 -2.16
N ARG A 32 4.10 0.28 -1.36
CA ARG A 32 4.09 -0.73 -0.31
C ARG A 32 2.90 -1.67 -0.48
N GLN A 33 3.16 -2.97 -0.35
CA GLN A 33 2.10 -3.97 -0.48
C GLN A 33 1.63 -4.46 0.89
N LEU A 34 0.33 -4.69 1.03
CA LEU A 34 -0.24 -5.15 2.28
C LEU A 34 -0.49 -6.66 2.24
N PRO A 35 -0.62 -7.27 3.42
CA PRO A 35 -0.86 -8.70 3.55
C PRO A 35 -2.26 -9.10 3.08
N CYS A 36 -2.98 -8.14 2.52
CA CYS A 36 -4.33 -8.39 2.02
C CYS A 36 -4.40 -8.24 0.51
N ASN A 37 -3.22 -8.18 -0.13
CA ASN A 37 -3.14 -8.04 -1.58
C ASN A 37 -3.50 -6.63 -2.01
N HIS A 38 -3.21 -5.67 -1.15
CA HIS A 38 -3.50 -4.26 -1.44
C HIS A 38 -2.24 -3.42 -1.34
N LEU A 39 -1.94 -2.67 -2.40
CA LEU A 39 -0.76 -1.82 -2.43
C LEU A 39 -1.12 -0.38 -2.08
N PHE A 40 -0.12 0.37 -1.62
CA PHE A 40 -0.34 1.77 -1.25
C PHE A 40 0.99 2.54 -1.27
N HIS A 41 0.91 3.81 -1.67
CA HIS A 41 2.10 4.66 -1.74
C HIS A 41 2.86 4.63 -0.41
N ASP A 42 4.18 4.52 -0.49
CA ASP A 42 5.02 4.48 0.70
C ASP A 42 4.89 5.78 1.50
N SER A 43 4.18 6.75 0.92
CA SER A 43 3.99 8.04 1.58
C SER A 43 2.52 8.23 1.97
N CYS A 44 1.68 7.29 1.57
CA CYS A 44 0.25 7.35 1.87
C CYS A 44 -0.11 6.33 2.95
N ILE A 45 0.56 5.18 2.91
CA ILE A 45 0.31 4.12 3.88
C ILE A 45 1.14 4.31 5.14
N VAL A 46 2.43 4.61 4.96
CA VAL A 46 3.33 4.83 6.09
C VAL A 46 2.66 5.65 7.17
N PRO A 47 2.21 6.85 6.81
CA PRO A 47 1.54 7.77 7.74
C PRO A 47 0.16 7.27 8.16
N TRP A 48 -0.36 6.29 7.42
CA TRP A 48 -1.66 5.72 7.72
C TRP A 48 -1.56 4.65 8.79
N LEU A 49 -0.77 3.61 8.51
CA LEU A 49 -0.59 2.51 9.46
C LEU A 49 -0.12 3.04 10.81
N GLU A 50 0.63 4.13 10.79
CA GLU A 50 1.15 4.74 12.02
C GLU A 50 0.01 5.36 12.83
N GLN A 51 -1.20 5.33 12.27
CA GLN A 51 -2.36 5.90 12.94
C GLN A 51 -3.46 4.86 13.10
N HIS A 52 -3.65 4.04 12.08
CA HIS A 52 -4.67 3.00 12.11
C HIS A 52 -4.03 1.61 12.17
N ASP A 53 -2.81 1.51 11.65
CA ASP A 53 -2.09 0.24 11.64
C ASP A 53 -2.87 -0.83 10.89
N SER A 54 -3.73 -0.39 9.96
CA SER A 54 -4.54 -1.32 9.18
C SER A 54 -4.66 -0.84 7.74
N CYS A 55 -5.42 -1.58 6.94
CA CYS A 55 -5.62 -1.25 5.54
C CYS A 55 -6.74 -0.22 5.37
N PRO A 56 -6.43 0.90 4.70
CA PRO A 56 -7.39 1.98 4.47
C PRO A 56 -8.48 1.57 3.48
N VAL A 57 -8.45 0.32 3.05
CA VAL A 57 -9.44 -0.19 2.11
C VAL A 57 -10.31 -1.27 2.75
N CYS A 58 -9.67 -2.34 3.21
CA CYS A 58 -10.39 -3.44 3.84
C CYS A 58 -10.10 -3.48 5.34
N ARG A 59 -9.10 -2.73 5.77
CA ARG A 59 -8.71 -2.68 7.17
C ARG A 59 -8.43 -4.08 7.71
N LYS A 60 -7.63 -4.84 6.97
CA LYS A 60 -7.27 -6.19 7.36
C LYS A 60 -6.20 -6.18 8.46
N SER A 61 -6.61 -6.52 9.67
CA SER A 61 -5.68 -6.55 10.80
C SER A 61 -4.28 -6.96 10.36
N LEU A 62 -3.34 -6.04 10.49
CA LEU A 62 -1.96 -6.31 10.09
C LEU A 62 -1.14 -6.83 11.29
N THR A 63 -1.76 -7.70 12.08
CA THR A 63 -1.09 -8.27 13.25
C THR A 63 -1.88 -9.45 13.79
N GLY A 64 -1.24 -10.23 14.66
CA GLY A 64 -1.89 -11.39 15.24
C GLY A 64 -1.15 -12.68 14.97
N GLN A 65 -0.69 -12.83 13.72
CA GLN A 65 0.04 -14.03 13.32
C GLN A 65 1.37 -14.13 14.06
N ASN A 66 2.02 -15.29 13.95
CA ASN A 66 3.29 -15.51 14.61
C ASN A 66 4.22 -14.32 14.42
N THR A 67 4.28 -13.80 13.19
CA THR A 67 5.12 -12.65 12.88
C THR A 67 5.16 -11.67 14.04
N ALA A 68 6.33 -11.08 14.28
CA ALA A 68 6.49 -10.12 15.36
C ALA A 68 5.68 -8.85 15.09
N THR A 69 5.35 -8.12 16.15
CA THR A 69 4.58 -6.89 16.03
C THR A 69 5.48 -5.71 15.67
N ASN A 70 4.94 -4.77 14.90
CA ASN A 70 5.70 -3.60 14.49
C ASN A 70 5.16 -2.34 15.18
N PRO A 71 6.08 -1.48 15.66
CA PRO A 71 5.72 -0.25 16.35
C PRO A 71 5.12 0.79 15.40
N PRO A 72 4.18 1.60 15.92
CA PRO A 72 3.50 2.64 15.14
C PRO A 72 4.44 3.79 14.78
N GLY A 73 5.70 3.66 15.17
CA GLY A 73 6.66 4.70 14.88
C GLY A 73 7.51 5.06 16.10
N LEU A 74 8.25 6.17 15.99
CA LEU A 74 9.10 6.62 17.08
C LEU A 74 8.62 7.97 17.62
N THR A 75 8.81 8.18 18.93
CA THR A 75 8.40 9.42 19.56
C THR A 75 6.94 9.75 19.25
N GLY A 76 6.11 8.72 19.19
CA GLY A 76 4.70 8.91 18.90
C GLY A 76 4.47 9.97 17.83
N VAL A 77 4.51 9.55 16.58
CA VAL A 77 4.31 10.46 15.46
C VAL A 77 2.86 10.45 14.98
N GLY A 78 2.34 11.62 14.61
CA GLY A 78 0.98 11.71 14.14
C GLY A 78 0.87 12.24 12.73
ZN ZN B . -1.19 7.70 -2.56
ZN ZN C . -6.66 -4.37 2.17
N GLY A 1 5.63 -25.40 -34.63
CA GLY A 1 4.46 -24.91 -33.91
C GLY A 1 4.72 -24.77 -32.42
N SER A 2 4.10 -23.76 -31.81
CA SER A 2 4.26 -23.52 -30.39
C SER A 2 2.91 -23.53 -29.67
N SER A 3 2.89 -24.06 -28.45
CA SER A 3 1.67 -24.14 -27.67
C SER A 3 1.89 -23.58 -26.26
N GLY A 4 1.32 -22.41 -26.00
CA GLY A 4 1.45 -21.78 -24.70
C GLY A 4 2.14 -20.44 -24.78
N SER A 5 1.79 -19.65 -25.79
CA SER A 5 2.40 -18.33 -25.98
C SER A 5 1.50 -17.24 -25.40
N SER A 6 2.02 -16.52 -24.41
CA SER A 6 1.28 -15.45 -23.76
C SER A 6 2.18 -14.61 -22.86
N GLY A 7 1.79 -13.37 -22.63
CA GLY A 7 2.58 -12.48 -21.79
C GLY A 7 1.78 -11.90 -20.64
N THR A 8 2.47 -11.46 -19.60
CA THR A 8 1.82 -10.87 -18.44
C THR A 8 2.45 -9.53 -18.06
N GLU A 9 1.67 -8.46 -18.22
CA GLU A 9 2.15 -7.12 -17.91
C GLU A 9 2.34 -6.95 -16.39
N GLU A 10 3.59 -6.79 -15.97
CA GLU A 10 3.89 -6.63 -14.56
C GLU A 10 4.02 -5.15 -14.20
N HIS A 11 3.53 -4.79 -13.02
CA HIS A 11 3.58 -3.40 -12.56
C HIS A 11 3.43 -2.43 -13.73
N VAL A 12 2.60 -2.82 -14.70
CA VAL A 12 2.36 -1.98 -15.87
C VAL A 12 1.44 -0.82 -15.53
N GLY A 13 0.73 -0.93 -14.41
CA GLY A 13 -0.18 0.12 -14.00
C GLY A 13 -1.62 -0.19 -14.33
N SER A 14 -2.04 -1.42 -14.03
CA SER A 14 -3.41 -1.85 -14.31
C SER A 14 -4.31 -1.58 -13.11
N GLY A 15 -5.07 -0.49 -13.19
CA GLY A 15 -5.97 -0.13 -12.11
C GLY A 15 -5.41 -0.48 -10.75
N LEU A 16 -4.18 -0.04 -10.48
CA LEU A 16 -3.53 -0.31 -9.21
C LEU A 16 -3.24 0.98 -8.46
N GLU A 17 -3.57 2.11 -9.08
CA GLU A 17 -3.35 3.41 -8.47
C GLU A 17 -3.63 3.37 -6.97
N CYS A 18 -2.80 4.07 -6.20
CA CYS A 18 -2.97 4.11 -4.75
C CYS A 18 -4.36 4.58 -4.36
N PRO A 19 -5.05 3.80 -3.51
CA PRO A 19 -6.40 4.12 -3.05
C PRO A 19 -6.42 5.33 -2.12
N VAL A 20 -5.35 5.50 -1.35
CA VAL A 20 -5.24 6.62 -0.42
C VAL A 20 -5.52 7.94 -1.11
N CYS A 21 -4.86 8.17 -2.24
CA CYS A 21 -5.04 9.40 -3.01
C CYS A 21 -5.80 9.13 -4.30
N LYS A 22 -5.80 7.87 -4.74
CA LYS A 22 -6.50 7.47 -5.96
C LYS A 22 -5.86 8.14 -7.17
N GLU A 23 -4.54 8.22 -7.18
CA GLU A 23 -3.82 8.84 -8.29
C GLU A 23 -3.20 7.78 -9.20
N ASP A 24 -2.02 7.30 -8.82
CA ASP A 24 -1.32 6.29 -9.60
C ASP A 24 0.04 5.98 -8.99
N TYR A 25 0.70 4.94 -9.51
CA TYR A 25 2.02 4.54 -9.01
C TYR A 25 3.11 5.02 -9.96
N ALA A 26 4.35 4.60 -9.68
CA ALA A 26 5.48 4.98 -10.50
C ALA A 26 6.72 4.17 -10.14
N LEU A 27 7.37 3.60 -11.15
CA LEU A 27 8.57 2.80 -10.94
C LEU A 27 9.42 3.37 -9.81
N GLY A 28 9.67 4.67 -9.87
CA GLY A 28 10.48 5.33 -8.85
C GLY A 28 9.71 5.52 -7.55
N GLU A 29 8.39 5.64 -7.66
CA GLU A 29 7.55 5.83 -6.48
C GLU A 29 7.59 4.60 -5.58
N SER A 30 8.06 4.79 -4.35
CA SER A 30 8.15 3.70 -3.40
C SER A 30 6.76 3.22 -2.99
N VAL A 31 6.35 2.08 -3.52
CA VAL A 31 5.05 1.51 -3.21
C VAL A 31 5.16 0.42 -2.16
N ARG A 32 4.10 0.26 -1.36
CA ARG A 32 4.08 -0.75 -0.31
C ARG A 32 2.89 -1.68 -0.48
N GLN A 33 3.14 -2.98 -0.32
CA GLN A 33 2.08 -3.98 -0.46
C GLN A 33 1.61 -4.47 0.91
N LEU A 34 0.31 -4.67 1.05
CA LEU A 34 -0.27 -5.13 2.30
C LEU A 34 -0.52 -6.64 2.26
N PRO A 35 -0.67 -7.24 3.44
CA PRO A 35 -0.92 -8.69 3.57
C PRO A 35 -2.32 -9.07 3.09
N CYS A 36 -3.04 -8.10 2.53
CA CYS A 36 -4.38 -8.35 2.03
C CYS A 36 -4.43 -8.20 0.51
N ASN A 37 -3.25 -8.16 -0.12
CA ASN A 37 -3.16 -8.03 -1.56
C ASN A 37 -3.52 -6.62 -2.00
N HIS A 38 -3.22 -5.65 -1.14
CA HIS A 38 -3.51 -4.25 -1.44
C HIS A 38 -2.25 -3.40 -1.33
N LEU A 39 -1.94 -2.66 -2.39
CA LEU A 39 -0.76 -1.81 -2.42
C LEU A 39 -1.11 -0.37 -2.08
N PHE A 40 -0.12 0.39 -1.63
CA PHE A 40 -0.33 1.78 -1.27
C PHE A 40 0.99 2.56 -1.28
N HIS A 41 0.91 3.83 -1.66
CA HIS A 41 2.10 4.68 -1.73
C HIS A 41 2.86 4.66 -0.40
N ASP A 42 4.17 4.51 -0.47
CA ASP A 42 5.00 4.47 0.72
C ASP A 42 4.88 5.78 1.52
N SER A 43 4.21 6.77 0.92
CA SER A 43 4.03 8.06 1.56
C SER A 43 2.57 8.26 1.97
N CYS A 44 1.72 7.33 1.55
CA CYS A 44 0.29 7.40 1.87
C CYS A 44 -0.07 6.37 2.94
N ILE A 45 0.59 5.22 2.89
CA ILE A 45 0.34 4.15 3.85
C ILE A 45 1.16 4.34 5.11
N VAL A 46 2.44 4.67 4.95
CA VAL A 46 3.33 4.88 6.08
C VAL A 46 2.65 5.69 7.16
N PRO A 47 2.19 6.90 6.81
CA PRO A 47 1.51 7.81 7.75
C PRO A 47 0.13 7.30 8.15
N TRP A 48 -0.34 6.27 7.44
CA TRP A 48 -1.65 5.69 7.72
C TRP A 48 -1.54 4.60 8.78
N LEU A 49 -0.74 3.58 8.50
CA LEU A 49 -0.56 2.47 9.44
C LEU A 49 -0.11 2.99 10.80
N GLU A 50 0.70 4.03 10.80
CA GLU A 50 1.20 4.62 12.04
C GLU A 50 0.07 5.31 12.81
N GLN A 51 -1.12 5.31 12.22
CA GLN A 51 -2.28 5.93 12.84
C GLN A 51 -3.41 4.92 13.05
N HIS A 52 -3.56 4.02 12.08
CA HIS A 52 -4.60 3.00 12.16
C HIS A 52 -3.99 1.60 12.23
N ASP A 53 -2.80 1.46 11.65
CA ASP A 53 -2.10 0.17 11.64
C ASP A 53 -2.91 -0.88 10.90
N SER A 54 -3.71 -0.44 9.94
CA SER A 54 -4.54 -1.35 9.15
C SER A 54 -4.66 -0.86 7.71
N CYS A 55 -5.37 -1.63 6.90
CA CYS A 55 -5.57 -1.29 5.50
C CYS A 55 -6.63 -0.21 5.35
N PRO A 56 -6.28 0.89 4.66
CA PRO A 56 -7.18 2.01 4.43
C PRO A 56 -8.31 1.67 3.47
N VAL A 57 -8.36 0.40 3.06
CA VAL A 57 -9.39 -0.07 2.13
C VAL A 57 -10.26 -1.14 2.78
N CYS A 58 -9.66 -2.31 3.02
CA CYS A 58 -10.38 -3.42 3.62
C CYS A 58 -10.17 -3.44 5.14
N ARG A 59 -9.19 -2.67 5.59
CA ARG A 59 -8.88 -2.60 7.02
C ARG A 59 -8.63 -4.00 7.60
N LYS A 60 -7.78 -4.76 6.91
CA LYS A 60 -7.45 -6.12 7.34
C LYS A 60 -6.41 -6.09 8.46
N SER A 61 -6.78 -6.61 9.62
CA SER A 61 -5.87 -6.64 10.76
C SER A 61 -4.45 -7.02 10.33
N LEU A 62 -3.52 -6.09 10.51
CA LEU A 62 -2.13 -6.33 10.13
C LEU A 62 -1.33 -6.85 11.32
N THR A 63 -1.94 -7.73 12.11
CA THR A 63 -1.28 -8.30 13.28
C THR A 63 -2.08 -9.46 13.85
N GLY A 64 -1.39 -10.37 14.54
CA GLY A 64 -2.06 -11.52 15.12
C GLY A 64 -1.09 -12.56 15.61
N GLN A 65 -1.42 -13.22 16.72
CA GLN A 65 -0.56 -14.25 17.28
C GLN A 65 0.89 -13.80 17.31
N ASN A 66 1.11 -12.55 17.69
CA ASN A 66 2.46 -11.99 17.75
C ASN A 66 3.29 -12.44 16.55
N THR A 67 2.67 -12.39 15.36
CA THR A 67 3.35 -12.79 14.14
C THR A 67 4.01 -11.60 13.46
N ALA A 68 3.21 -10.61 13.10
CA ALA A 68 3.73 -9.41 12.45
C ALA A 68 4.05 -8.33 13.48
N THR A 69 5.33 -7.99 13.59
CA THR A 69 5.77 -6.97 14.53
C THR A 69 6.28 -5.73 13.82
N ASN A 70 5.47 -4.69 13.78
CA ASN A 70 5.84 -3.45 13.11
C ASN A 70 5.57 -2.25 14.01
N PRO A 71 6.61 -1.76 14.70
CA PRO A 71 6.51 -0.61 15.60
C PRO A 71 6.26 0.70 14.85
N PRO A 72 5.67 1.69 15.54
CA PRO A 72 5.38 3.00 14.96
C PRO A 72 6.64 3.80 14.68
N GLY A 73 6.84 4.17 13.42
CA GLY A 73 8.01 4.95 13.05
C GLY A 73 8.31 6.06 14.03
N LEU A 74 9.58 6.43 14.14
CA LEU A 74 10.00 7.49 15.05
C LEU A 74 9.78 8.86 14.43
N THR A 75 10.09 8.98 13.14
CA THR A 75 9.94 10.23 12.43
C THR A 75 8.54 10.36 11.83
N GLY A 76 8.05 11.59 11.75
CA GLY A 76 6.73 11.83 11.19
C GLY A 76 5.69 12.09 12.26
N VAL A 77 5.72 11.29 13.32
CA VAL A 77 4.77 11.45 14.43
C VAL A 77 5.45 12.08 15.64
N GLY A 78 5.40 13.40 15.71
CA GLY A 78 6.00 14.11 16.83
C GLY A 78 7.47 13.79 16.99
ZN ZN B . -1.14 7.74 -2.56
ZN ZN C . -6.74 -4.39 2.06
N GLY A 1 -13.71 -4.78 -33.11
CA GLY A 1 -13.05 -3.54 -32.75
C GLY A 1 -11.69 -3.76 -32.11
N SER A 2 -10.69 -3.05 -32.61
CA SER A 2 -9.33 -3.18 -32.07
C SER A 2 -9.11 -2.21 -30.91
N SER A 3 -10.11 -2.11 -30.04
CA SER A 3 -10.02 -1.21 -28.90
C SER A 3 -10.10 -2.00 -27.59
N GLY A 4 -9.03 -1.92 -26.80
CA GLY A 4 -8.99 -2.64 -25.54
C GLY A 4 -7.65 -2.50 -24.84
N SER A 5 -7.53 -3.13 -23.66
CA SER A 5 -6.30 -3.07 -22.90
C SER A 5 -5.11 -3.57 -23.72
N SER A 6 -3.96 -2.94 -23.53
CA SER A 6 -2.76 -3.33 -24.25
C SER A 6 -1.77 -4.05 -23.34
N GLY A 7 -1.53 -5.32 -23.63
CA GLY A 7 -0.62 -6.11 -22.82
C GLY A 7 -1.09 -6.27 -21.39
N THR A 8 -0.35 -7.04 -20.60
CA THR A 8 -0.70 -7.27 -19.21
C THR A 8 0.48 -7.83 -18.42
N GLU A 9 0.73 -7.27 -17.25
CA GLU A 9 1.84 -7.71 -16.41
C GLU A 9 1.46 -7.65 -14.93
N GLU A 10 2.30 -8.24 -14.08
CA GLU A 10 2.05 -8.24 -12.65
C GLU A 10 1.87 -6.83 -12.12
N HIS A 11 2.94 -6.04 -12.16
CA HIS A 11 2.91 -4.66 -11.68
C HIS A 11 3.38 -3.70 -12.77
N VAL A 12 2.46 -3.29 -13.64
CA VAL A 12 2.78 -2.37 -14.72
C VAL A 12 2.00 -1.07 -14.59
N GLY A 13 0.75 -1.18 -14.14
CA GLY A 13 -0.09 0.00 -13.99
C GLY A 13 -1.53 -0.26 -14.35
N SER A 14 -2.06 -1.41 -13.92
CA SER A 14 -3.44 -1.78 -14.21
C SER A 14 -4.34 -1.53 -13.01
N GLY A 15 -5.14 -0.46 -13.09
CA GLY A 15 -6.03 -0.13 -12.00
C GLY A 15 -5.43 -0.45 -10.63
N LEU A 16 -4.18 -0.08 -10.44
CA LEU A 16 -3.50 -0.34 -9.17
C LEU A 16 -3.23 0.97 -8.43
N GLU A 17 -3.54 2.09 -9.07
CA GLU A 17 -3.33 3.40 -8.46
C GLU A 17 -3.61 3.36 -6.97
N CYS A 18 -2.79 4.06 -6.19
CA CYS A 18 -2.96 4.10 -4.74
C CYS A 18 -4.35 4.57 -4.36
N PRO A 19 -5.04 3.79 -3.51
CA PRO A 19 -6.38 4.10 -3.05
C PRO A 19 -6.42 5.31 -2.12
N VAL A 20 -5.35 5.49 -1.36
CA VAL A 20 -5.25 6.61 -0.43
C VAL A 20 -5.53 7.93 -1.12
N CYS A 21 -4.87 8.15 -2.26
CA CYS A 21 -5.05 9.38 -3.02
C CYS A 21 -5.80 9.11 -4.32
N LYS A 22 -5.82 7.84 -4.73
CA LYS A 22 -6.51 7.44 -5.96
C LYS A 22 -5.88 8.11 -7.17
N GLU A 23 -4.55 8.20 -7.18
CA GLU A 23 -3.83 8.82 -8.29
C GLU A 23 -3.22 7.76 -9.20
N ASP A 24 -2.03 7.29 -8.82
CA ASP A 24 -1.32 6.28 -9.60
C ASP A 24 0.04 5.97 -8.99
N TYR A 25 0.69 4.94 -9.51
CA TYR A 25 2.02 4.54 -9.02
C TYR A 25 3.11 5.02 -9.96
N ALA A 26 4.35 4.62 -9.68
CA ALA A 26 5.48 5.00 -10.50
C ALA A 26 6.73 4.22 -10.12
N LEU A 27 7.42 3.66 -11.11
CA LEU A 27 8.62 2.89 -10.88
C LEU A 27 9.44 3.49 -9.74
N GLY A 28 9.70 4.79 -9.84
CA GLY A 28 10.48 5.47 -8.81
C GLY A 28 9.70 5.64 -7.52
N GLU A 29 8.38 5.72 -7.63
CA GLU A 29 7.53 5.88 -6.46
C GLU A 29 7.57 4.64 -5.57
N SER A 30 8.05 4.81 -4.35
CA SER A 30 8.16 3.71 -3.40
C SER A 30 6.76 3.23 -2.98
N VAL A 31 6.34 2.10 -3.53
CA VAL A 31 5.04 1.53 -3.21
C VAL A 31 5.16 0.44 -2.16
N ARG A 32 4.10 0.26 -1.37
CA ARG A 32 4.09 -0.74 -0.32
C ARG A 32 2.89 -1.68 -0.49
N GLN A 33 3.15 -2.98 -0.34
CA GLN A 33 2.10 -3.98 -0.49
C GLN A 33 1.63 -4.48 0.88
N LEU A 34 0.33 -4.67 1.02
CA LEU A 34 -0.24 -5.13 2.27
C LEU A 34 -0.50 -6.64 2.24
N PRO A 35 -0.63 -7.26 3.42
CA PRO A 35 -0.87 -8.69 3.55
C PRO A 35 -2.27 -9.09 3.07
N CYS A 36 -2.99 -8.13 2.51
CA CYS A 36 -4.33 -8.38 2.02
C CYS A 36 -4.40 -8.24 0.50
N ASN A 37 -3.22 -8.17 -0.13
CA ASN A 37 -3.13 -8.04 -1.58
C ASN A 37 -3.48 -6.62 -2.02
N HIS A 38 -3.22 -5.66 -1.15
CA HIS A 38 -3.51 -4.25 -1.44
C HIS A 38 -2.25 -3.41 -1.33
N LEU A 39 -1.94 -2.67 -2.40
CA LEU A 39 -0.76 -1.82 -2.43
C LEU A 39 -1.12 -0.38 -2.07
N PHE A 40 -0.12 0.38 -1.63
CA PHE A 40 -0.33 1.77 -1.26
C PHE A 40 0.99 2.54 -1.26
N HIS A 41 0.91 3.81 -1.65
CA HIS A 41 2.11 4.67 -1.71
C HIS A 41 2.85 4.64 -0.37
N ASP A 42 4.17 4.48 -0.44
CA ASP A 42 5.00 4.44 0.75
C ASP A 42 4.86 5.75 1.55
N SER A 43 4.21 6.73 0.95
CA SER A 43 4.01 8.02 1.61
C SER A 43 2.55 8.22 2.02
N CYS A 44 1.70 7.30 1.58
CA CYS A 44 0.28 7.37 1.89
C CYS A 44 -0.09 6.34 2.97
N ILE A 45 0.57 5.18 2.91
CA ILE A 45 0.32 4.12 3.87
C ILE A 45 1.15 4.31 5.13
N VAL A 46 2.43 4.63 4.96
CA VAL A 46 3.33 4.84 6.08
C VAL A 46 2.66 5.66 7.17
N PRO A 47 2.21 6.87 6.81
CA PRO A 47 1.53 7.78 7.74
C PRO A 47 0.16 7.28 8.15
N TRP A 48 -0.36 6.29 7.42
CA TRP A 48 -1.66 5.72 7.71
C TRP A 48 -1.56 4.64 8.78
N LEU A 49 -0.77 3.61 8.50
CA LEU A 49 -0.59 2.51 9.45
C LEU A 49 -0.10 3.03 10.79
N GLU A 50 0.65 4.12 10.76
CA GLU A 50 1.19 4.72 11.99
C GLU A 50 0.08 5.39 12.80
N GLN A 51 -1.12 5.43 12.22
CA GLN A 51 -2.27 6.04 12.88
C GLN A 51 -3.37 5.02 13.12
N HIS A 52 -3.61 4.18 12.12
CA HIS A 52 -4.65 3.15 12.22
C HIS A 52 -4.03 1.76 12.26
N ASP A 53 -2.86 1.61 11.63
CA ASP A 53 -2.17 0.34 11.59
C ASP A 53 -3.03 -0.73 10.92
N SER A 54 -3.66 -0.35 9.82
CA SER A 54 -4.53 -1.28 9.08
C SER A 54 -4.70 -0.82 7.63
N CYS A 55 -5.36 -1.65 6.83
CA CYS A 55 -5.59 -1.34 5.43
C CYS A 55 -6.70 -0.30 5.27
N PRO A 56 -6.37 0.83 4.63
CA PRO A 56 -7.32 1.92 4.40
C PRO A 56 -8.40 1.55 3.39
N VAL A 57 -8.39 0.29 2.97
CA VAL A 57 -9.38 -0.20 2.00
C VAL A 57 -10.25 -1.29 2.62
N CYS A 58 -9.61 -2.30 3.19
CA CYS A 58 -10.34 -3.41 3.81
C CYS A 58 -10.13 -3.41 5.32
N ARG A 59 -9.14 -2.65 5.78
CA ARG A 59 -8.83 -2.56 7.20
C ARG A 59 -8.47 -3.93 7.77
N LYS A 60 -7.80 -4.74 6.95
CA LYS A 60 -7.38 -6.08 7.36
C LYS A 60 -6.33 -6.01 8.46
N SER A 61 -6.71 -6.45 9.66
CA SER A 61 -5.80 -6.43 10.80
C SER A 61 -4.40 -6.86 10.38
N LEU A 62 -3.45 -5.93 10.46
CA LEU A 62 -2.07 -6.21 10.10
C LEU A 62 -1.24 -6.62 11.31
N THR A 63 -1.89 -7.33 12.24
CA THR A 63 -1.21 -7.78 13.46
C THR A 63 -1.82 -9.08 13.97
N GLY A 64 -0.97 -10.04 14.31
CA GLY A 64 -1.44 -11.32 14.81
C GLY A 64 -0.63 -12.49 14.28
N GLN A 65 -0.64 -12.66 12.97
CA GLN A 65 0.10 -13.75 12.34
C GLN A 65 1.46 -13.27 11.85
N ASN A 66 1.49 -12.09 11.26
CA ASN A 66 2.74 -11.52 10.75
C ASN A 66 3.84 -11.58 11.80
N THR A 67 5.08 -11.68 11.33
CA THR A 67 6.22 -11.76 12.23
C THR A 67 7.30 -10.74 11.85
N ALA A 68 7.96 -10.18 12.86
CA ALA A 68 9.01 -9.19 12.63
C ALA A 68 8.44 -7.93 11.99
N THR A 69 7.35 -7.42 12.56
CA THR A 69 6.70 -6.22 12.04
C THR A 69 7.11 -5.00 12.86
N ASN A 70 7.24 -3.86 12.18
CA ASN A 70 7.62 -2.62 12.83
C ASN A 70 6.40 -1.92 13.44
N PRO A 71 6.43 -1.72 14.76
CA PRO A 71 5.34 -1.07 15.49
C PRO A 71 5.24 0.42 15.16
N PRO A 72 4.06 1.01 15.44
CA PRO A 72 3.81 2.43 15.18
C PRO A 72 4.60 3.33 16.13
N GLY A 73 4.34 4.64 16.05
CA GLY A 73 5.03 5.58 16.90
C GLY A 73 4.92 5.22 18.38
N LEU A 74 5.68 5.91 19.21
CA LEU A 74 5.68 5.66 20.65
C LEU A 74 5.22 6.90 21.42
N THR A 75 5.82 8.04 21.07
CA THR A 75 5.48 9.30 21.74
C THR A 75 4.66 10.20 20.81
N GLY A 76 3.42 10.46 21.19
CA GLY A 76 2.55 11.31 20.40
C GLY A 76 2.78 11.12 18.90
N VAL A 77 2.41 9.96 18.38
CA VAL A 77 2.57 9.67 16.97
C VAL A 77 1.79 10.65 16.10
N GLY A 78 2.34 10.98 14.94
CA GLY A 78 1.67 11.90 14.04
C GLY A 78 0.96 13.01 14.78
ZN ZN B . -1.14 7.74 -2.55
ZN ZN C . -6.72 -4.51 2.13
N GLY A 1 -11.73 0.52 -31.32
CA GLY A 1 -11.06 0.42 -30.03
C GLY A 1 -11.75 -0.56 -29.11
N SER A 2 -11.34 -1.82 -29.16
CA SER A 2 -11.92 -2.86 -28.32
C SER A 2 -11.49 -2.67 -26.86
N SER A 3 -10.18 -2.56 -26.64
CA SER A 3 -9.66 -2.39 -25.30
C SER A 3 -8.31 -1.67 -25.33
N GLY A 4 -7.81 -1.30 -24.16
CA GLY A 4 -6.53 -0.60 -24.08
C GLY A 4 -5.55 -1.32 -23.18
N SER A 5 -5.53 -2.64 -23.25
CA SER A 5 -4.63 -3.44 -22.43
C SER A 5 -3.69 -4.27 -23.30
N SER A 6 -2.49 -3.74 -23.54
CA SER A 6 -1.50 -4.43 -24.35
C SER A 6 -0.30 -4.87 -23.51
N GLY A 7 0.27 -3.93 -22.77
CA GLY A 7 1.41 -4.24 -21.93
C GLY A 7 1.00 -4.70 -20.55
N THR A 8 0.70 -5.99 -20.41
CA THR A 8 0.29 -6.55 -19.13
C THR A 8 1.50 -7.02 -18.33
N GLU A 9 2.56 -6.21 -18.31
CA GLU A 9 3.77 -6.54 -17.58
C GLU A 9 3.53 -6.47 -16.07
N GLU A 10 4.32 -7.23 -15.32
CA GLU A 10 4.20 -7.25 -13.87
C GLU A 10 4.21 -5.83 -13.30
N HIS A 11 3.11 -5.45 -12.67
CA HIS A 11 2.99 -4.12 -12.07
C HIS A 11 3.19 -3.03 -13.13
N VAL A 12 2.51 -3.19 -14.26
CA VAL A 12 2.61 -2.23 -15.35
C VAL A 12 1.72 -1.01 -15.10
N GLY A 13 0.79 -1.16 -14.16
CA GLY A 13 -0.11 -0.07 -13.84
C GLY A 13 -1.56 -0.39 -14.15
N SER A 14 -1.97 -1.61 -13.85
CA SER A 14 -3.34 -2.05 -14.11
C SER A 14 -4.24 -1.75 -12.92
N GLY A 15 -5.02 -0.68 -13.04
CA GLY A 15 -5.91 -0.29 -11.95
C GLY A 15 -5.34 -0.61 -10.59
N LEU A 16 -4.11 -0.18 -10.35
CA LEU A 16 -3.45 -0.41 -9.07
C LEU A 16 -3.19 0.90 -8.34
N GLU A 17 -3.52 2.01 -9.00
CA GLU A 17 -3.32 3.33 -8.40
C GLU A 17 -3.63 3.31 -6.91
N CYS A 18 -2.82 4.02 -6.13
CA CYS A 18 -2.99 4.08 -4.69
C CYS A 18 -4.41 4.52 -4.33
N PRO A 19 -5.08 3.74 -3.47
CA PRO A 19 -6.45 4.04 -3.04
C PRO A 19 -6.52 5.26 -2.13
N VAL A 20 -5.46 5.49 -1.38
CA VAL A 20 -5.39 6.64 -0.47
C VAL A 20 -5.68 7.94 -1.21
N CYS A 21 -4.96 8.17 -2.30
CA CYS A 21 -5.14 9.38 -3.10
C CYS A 21 -5.88 9.07 -4.40
N LYS A 22 -5.86 7.80 -4.79
CA LYS A 22 -6.53 7.37 -6.02
C LYS A 22 -5.91 8.03 -7.24
N GLU A 23 -4.58 8.14 -7.23
CA GLU A 23 -3.86 8.75 -8.34
C GLU A 23 -3.24 7.69 -9.24
N ASP A 24 -2.04 7.23 -8.86
CA ASP A 24 -1.33 6.21 -9.63
C ASP A 24 0.03 5.93 -9.02
N TYR A 25 0.69 4.88 -9.51
CA TYR A 25 2.01 4.50 -9.02
C TYR A 25 3.10 4.98 -9.97
N ALA A 26 4.34 4.59 -9.68
CA ALA A 26 5.48 4.97 -10.51
C ALA A 26 6.72 4.16 -10.15
N LEU A 27 7.38 3.62 -11.16
CA LEU A 27 8.58 2.82 -10.96
C LEU A 27 9.43 3.39 -9.82
N GLY A 28 9.69 4.69 -9.89
CA GLY A 28 10.49 5.35 -8.86
C GLY A 28 9.72 5.54 -7.57
N GLU A 29 8.40 5.67 -7.68
CA GLU A 29 7.56 5.86 -6.51
C GLU A 29 7.59 4.64 -5.61
N SER A 30 8.06 4.83 -4.38
CA SER A 30 8.14 3.74 -3.41
C SER A 30 6.75 3.27 -2.99
N VAL A 31 6.35 2.10 -3.49
CA VAL A 31 5.05 1.54 -3.17
C VAL A 31 5.16 0.44 -2.13
N ARG A 32 4.11 0.26 -1.34
CA ARG A 32 4.08 -0.75 -0.30
C ARG A 32 2.89 -1.68 -0.47
N GLN A 33 3.15 -2.98 -0.34
CA GLN A 33 2.09 -3.98 -0.48
C GLN A 33 1.63 -4.49 0.88
N LEU A 34 0.32 -4.69 1.02
CA LEU A 34 -0.25 -5.16 2.26
C LEU A 34 -0.50 -6.67 2.22
N PRO A 35 -0.64 -7.29 3.39
CA PRO A 35 -0.88 -8.73 3.51
C PRO A 35 -2.27 -9.12 3.03
N CYS A 36 -3.00 -8.15 2.48
CA CYS A 36 -4.35 -8.40 1.98
C CYS A 36 -4.40 -8.23 0.46
N ASN A 37 -3.24 -8.20 -0.18
CA ASN A 37 -3.14 -8.05 -1.62
C ASN A 37 -3.51 -6.63 -2.04
N HIS A 38 -3.18 -5.67 -1.19
CA HIS A 38 -3.48 -4.26 -1.47
C HIS A 38 -2.22 -3.40 -1.36
N LEU A 39 -1.92 -2.67 -2.42
CA LEU A 39 -0.74 -1.82 -2.45
C LEU A 39 -1.10 -0.38 -2.11
N PHE A 40 -0.13 0.38 -1.63
CA PHE A 40 -0.35 1.77 -1.26
C PHE A 40 0.97 2.56 -1.27
N HIS A 41 0.89 3.82 -1.67
CA HIS A 41 2.06 4.68 -1.73
C HIS A 41 2.83 4.65 -0.41
N ASP A 42 4.15 4.50 -0.49
CA ASP A 42 4.97 4.47 0.71
C ASP A 42 4.83 5.76 1.51
N SER A 43 4.16 6.75 0.93
CA SER A 43 3.95 8.03 1.59
C SER A 43 2.48 8.20 2.00
N CYS A 44 1.64 7.26 1.56
CA CYS A 44 0.22 7.31 1.87
C CYS A 44 -0.14 6.29 2.94
N ILE A 45 0.55 5.15 2.91
CA ILE A 45 0.31 4.09 3.88
C ILE A 45 1.14 4.29 5.14
N VAL A 46 2.42 4.60 4.95
CA VAL A 46 3.34 4.82 6.07
C VAL A 46 2.67 5.65 7.16
N PRO A 47 2.21 6.85 6.80
CA PRO A 47 1.54 7.77 7.72
C PRO A 47 0.17 7.27 8.15
N TRP A 48 -0.35 6.29 7.41
CA TRP A 48 -1.66 5.71 7.72
C TRP A 48 -1.55 4.65 8.80
N LEU A 49 -0.77 3.60 8.52
CA LEU A 49 -0.59 2.52 9.48
C LEU A 49 -0.08 3.05 10.82
N GLU A 50 0.67 4.14 10.78
CA GLU A 50 1.21 4.75 11.99
C GLU A 50 0.10 5.44 12.78
N GLN A 51 -1.14 5.34 12.29
CA GLN A 51 -2.28 5.96 12.95
C GLN A 51 -3.41 4.96 13.12
N HIS A 52 -3.62 4.13 12.11
CA HIS A 52 -4.68 3.12 12.14
C HIS A 52 -4.09 1.72 12.24
N ASP A 53 -2.89 1.54 11.70
CA ASP A 53 -2.22 0.25 11.73
C ASP A 53 -3.05 -0.81 11.01
N SER A 54 -3.72 -0.40 9.94
CA SER A 54 -4.56 -1.32 9.17
C SER A 54 -4.68 -0.85 7.72
N CYS A 55 -5.43 -1.60 6.93
CA CYS A 55 -5.63 -1.28 5.52
C CYS A 55 -6.76 -0.26 5.35
N PRO A 56 -6.46 0.87 4.70
CA PRO A 56 -7.43 1.94 4.46
C PRO A 56 -8.50 1.53 3.46
N VAL A 57 -8.45 0.28 3.02
CA VAL A 57 -9.43 -0.24 2.06
C VAL A 57 -10.30 -1.33 2.69
N CYS A 58 -9.65 -2.39 3.17
CA CYS A 58 -10.36 -3.50 3.79
C CYS A 58 -10.08 -3.55 5.29
N ARG A 59 -9.11 -2.77 5.73
CA ARG A 59 -8.74 -2.72 7.15
C ARG A 59 -8.42 -4.12 7.67
N LYS A 60 -7.68 -4.89 6.88
CA LYS A 60 -7.30 -6.24 7.27
C LYS A 60 -6.24 -6.23 8.36
N SER A 61 -6.65 -6.54 9.58
CA SER A 61 -5.74 -6.57 10.72
C SER A 61 -4.35 -7.02 10.28
N LEU A 62 -3.38 -6.12 10.38
CA LEU A 62 -2.00 -6.43 10.01
C LEU A 62 -1.24 -7.04 11.17
N THR A 63 -1.86 -7.04 12.34
CA THR A 63 -1.24 -7.60 13.54
C THR A 63 -1.57 -9.08 13.69
N GLY A 64 -2.83 -9.44 13.47
CA GLY A 64 -3.24 -10.83 13.59
C GLY A 64 -2.88 -11.43 14.93
N GLN A 65 -1.74 -12.10 14.98
CA GLN A 65 -1.30 -12.73 16.22
C GLN A 65 -0.72 -11.70 17.18
N ASN A 66 -0.98 -11.90 18.47
CA ASN A 66 -0.48 -10.97 19.50
C ASN A 66 1.04 -10.86 19.44
N THR A 67 1.53 -10.04 18.51
CA THR A 67 2.96 -9.84 18.34
C THR A 67 3.25 -8.74 17.33
N ALA A 68 4.22 -7.88 17.65
CA ALA A 68 4.58 -6.79 16.77
C ALA A 68 6.10 -6.70 16.62
N THR A 69 6.56 -6.08 15.54
CA THR A 69 7.97 -5.91 15.28
C THR A 69 8.33 -4.47 15.01
N ASN A 70 7.41 -3.74 14.38
CA ASN A 70 7.62 -2.33 14.07
C ASN A 70 6.47 -1.47 14.58
N PRO A 71 6.52 -1.12 15.87
CA PRO A 71 5.49 -0.29 16.51
C PRO A 71 5.51 1.14 16.00
N PRO A 72 4.32 1.76 15.94
CA PRO A 72 4.17 3.15 15.48
C PRO A 72 4.75 4.16 16.47
N GLY A 73 5.34 5.22 15.95
CA GLY A 73 5.92 6.24 16.80
C GLY A 73 5.33 7.61 16.55
N LEU A 74 5.78 8.60 17.31
CA LEU A 74 5.29 9.96 17.17
C LEU A 74 6.16 10.76 16.20
N THR A 75 7.47 10.69 16.39
CA THR A 75 8.41 11.41 15.53
C THR A 75 8.66 10.64 14.25
N GLY A 76 8.57 9.32 14.32
CA GLY A 76 8.78 8.50 13.14
C GLY A 76 7.84 8.84 12.01
N VAL A 77 6.58 9.10 12.33
CA VAL A 77 5.57 9.44 11.34
C VAL A 77 6.19 10.27 10.22
N GLY A 78 5.84 9.94 8.98
CA GLY A 78 6.35 10.65 7.84
C GLY A 78 5.33 11.59 7.22
ZN ZN B . -1.22 7.75 -2.57
ZN ZN C . -6.61 -4.43 2.13
N GLY A 1 7.57 -5.39 -26.97
CA GLY A 1 6.38 -4.57 -26.92
C GLY A 1 5.36 -5.08 -25.92
N SER A 2 4.93 -4.22 -25.01
CA SER A 2 3.96 -4.59 -23.98
C SER A 2 2.58 -4.05 -24.33
N SER A 3 1.71 -4.92 -24.83
CA SER A 3 0.35 -4.54 -25.21
C SER A 3 -0.63 -4.83 -24.09
N GLY A 4 -0.21 -4.55 -22.85
CA GLY A 4 -1.06 -4.81 -21.70
C GLY A 4 -1.74 -6.16 -21.77
N SER A 5 -0.95 -7.21 -21.64
CA SER A 5 -1.47 -8.57 -21.68
C SER A 5 -1.73 -9.11 -20.28
N SER A 6 -2.48 -10.20 -20.19
CA SER A 6 -2.80 -10.82 -18.91
C SER A 6 -1.55 -11.38 -18.26
N GLY A 7 -1.68 -11.80 -17.00
CA GLY A 7 -0.56 -12.36 -16.27
C GLY A 7 -0.04 -11.44 -15.19
N THR A 8 1.09 -10.78 -15.47
CA THR A 8 1.68 -9.86 -14.50
C THR A 8 2.78 -9.02 -15.16
N GLU A 9 2.98 -7.81 -14.65
CA GLU A 9 3.98 -6.92 -15.19
C GLU A 9 4.56 -6.02 -14.09
N GLU A 10 5.68 -5.37 -14.38
CA GLU A 10 6.33 -4.49 -13.41
C GLU A 10 5.49 -3.24 -13.18
N HIS A 11 4.41 -3.39 -12.44
CA HIS A 11 3.52 -2.27 -12.13
C HIS A 11 3.15 -1.51 -13.40
N VAL A 12 2.75 -2.25 -14.43
CA VAL A 12 2.36 -1.66 -15.70
C VAL A 12 1.37 -0.52 -15.50
N GLY A 13 0.53 -0.65 -14.47
CA GLY A 13 -0.45 0.38 -14.18
C GLY A 13 -1.86 -0.08 -14.49
N SER A 14 -2.18 -1.31 -14.11
CA SER A 14 -3.51 -1.86 -14.36
C SER A 14 -4.42 -1.64 -13.16
N GLY A 15 -5.09 -0.49 -13.13
CA GLY A 15 -5.98 -0.17 -12.04
C GLY A 15 -5.38 -0.50 -10.69
N LEU A 16 -4.14 -0.06 -10.46
CA LEU A 16 -3.46 -0.31 -9.20
C LEU A 16 -3.20 0.99 -8.45
N GLU A 17 -3.56 2.11 -9.07
CA GLU A 17 -3.37 3.42 -8.46
C GLU A 17 -3.65 3.37 -6.96
N CYS A 18 -2.83 4.08 -6.19
CA CYS A 18 -3.00 4.11 -4.74
C CYS A 18 -4.39 4.58 -4.35
N PRO A 19 -5.07 3.79 -3.50
CA PRO A 19 -6.42 4.10 -3.04
C PRO A 19 -6.46 5.30 -2.10
N VAL A 20 -5.38 5.48 -1.34
CA VAL A 20 -5.28 6.59 -0.40
C VAL A 20 -5.58 7.92 -1.09
N CYS A 21 -4.92 8.16 -2.22
CA CYS A 21 -5.11 9.39 -2.98
C CYS A 21 -5.87 9.12 -4.28
N LYS A 22 -5.86 7.86 -4.71
CA LYS A 22 -6.56 7.47 -5.93
C LYS A 22 -5.93 8.14 -7.15
N GLU A 23 -4.60 8.22 -7.17
CA GLU A 23 -3.89 8.85 -8.28
C GLU A 23 -3.27 7.79 -9.19
N ASP A 24 -2.08 7.33 -8.82
CA ASP A 24 -1.37 6.31 -9.60
C ASP A 24 -0.01 6.01 -8.99
N TYR A 25 0.63 4.97 -9.49
CA TYR A 25 1.95 4.57 -9.00
C TYR A 25 3.05 5.07 -9.94
N ALA A 26 4.29 4.67 -9.64
CA ALA A 26 5.42 5.07 -10.45
C ALA A 26 6.65 4.19 -10.16
N LEU A 27 7.27 3.70 -11.22
CA LEU A 27 8.44 2.84 -11.08
C LEU A 27 9.36 3.35 -9.97
N GLY A 28 9.57 4.66 -9.93
CA GLY A 28 10.42 5.24 -8.91
C GLY A 28 9.68 5.47 -7.60
N GLU A 29 8.35 5.57 -7.68
CA GLU A 29 7.53 5.79 -6.50
C GLU A 29 7.57 4.58 -5.58
N SER A 30 8.03 4.78 -4.35
CA SER A 30 8.13 3.71 -3.38
C SER A 30 6.73 3.22 -2.97
N VAL A 31 6.33 2.07 -3.52
CA VAL A 31 5.04 1.49 -3.22
C VAL A 31 5.15 0.40 -2.16
N ARG A 32 4.09 0.25 -1.35
CA ARG A 32 4.08 -0.75 -0.31
C ARG A 32 2.89 -1.68 -0.47
N GLN A 33 3.14 -2.98 -0.32
CA GLN A 33 2.08 -3.98 -0.46
C GLN A 33 1.63 -4.48 0.91
N LEU A 34 0.32 -4.69 1.05
CA LEU A 34 -0.24 -5.16 2.31
C LEU A 34 -0.49 -6.67 2.26
N PRO A 35 -0.63 -7.29 3.44
CA PRO A 35 -0.87 -8.72 3.56
C PRO A 35 -2.27 -9.11 3.10
N CYS A 36 -2.99 -8.15 2.54
CA CYS A 36 -4.34 -8.39 2.06
C CYS A 36 -4.41 -8.25 0.53
N ASN A 37 -3.24 -8.20 -0.11
CA ASN A 37 -3.17 -8.07 -1.55
C ASN A 37 -3.55 -6.66 -1.99
N HIS A 38 -3.15 -5.68 -1.19
CA HIS A 38 -3.46 -4.28 -1.49
C HIS A 38 -2.20 -3.41 -1.36
N LEU A 39 -1.88 -2.67 -2.42
CA LEU A 39 -0.71 -1.81 -2.43
C LEU A 39 -1.09 -0.38 -2.08
N PHE A 40 -0.11 0.40 -1.63
CA PHE A 40 -0.34 1.79 -1.27
C PHE A 40 0.98 2.58 -1.27
N HIS A 41 0.89 3.84 -1.67
CA HIS A 41 2.06 4.71 -1.72
C HIS A 41 2.82 4.68 -0.40
N ASP A 42 4.14 4.54 -0.47
CA ASP A 42 4.97 4.50 0.73
C ASP A 42 4.84 5.81 1.52
N SER A 43 4.16 6.79 0.93
CA SER A 43 3.97 8.08 1.58
C SER A 43 2.51 8.27 1.99
N CYS A 44 1.66 7.34 1.57
CA CYS A 44 0.24 7.40 1.88
C CYS A 44 -0.13 6.37 2.95
N ILE A 45 0.54 5.22 2.90
CA ILE A 45 0.30 4.15 3.86
C ILE A 45 1.13 4.33 5.12
N VAL A 46 2.41 4.64 4.94
CA VAL A 46 3.32 4.84 6.07
C VAL A 46 2.65 5.66 7.16
N PRO A 47 2.21 6.88 6.80
CA PRO A 47 1.55 7.80 7.73
C PRO A 47 0.17 7.31 8.14
N TRP A 48 -0.32 6.28 7.45
CA TRP A 48 -1.64 5.72 7.74
C TRP A 48 -1.54 4.63 8.80
N LEU A 49 -0.77 3.58 8.50
CA LEU A 49 -0.60 2.48 9.44
C LEU A 49 -0.12 2.98 10.79
N GLU A 50 0.65 4.06 10.78
CA GLU A 50 1.18 4.64 12.02
C GLU A 50 0.05 5.25 12.86
N GLN A 51 -1.16 5.21 12.31
CA GLN A 51 -2.32 5.76 13.00
C GLN A 51 -3.43 4.72 13.11
N HIS A 52 -3.62 3.94 12.06
CA HIS A 52 -4.65 2.91 12.04
C HIS A 52 -4.01 1.52 12.01
N ASP A 53 -2.77 1.45 11.57
CA ASP A 53 -2.06 0.18 11.49
C ASP A 53 -2.91 -0.88 10.80
N SER A 54 -3.58 -0.50 9.72
CA SER A 54 -4.42 -1.41 8.98
C SER A 54 -4.62 -0.94 7.54
N CYS A 55 -5.35 -1.72 6.76
CA CYS A 55 -5.60 -1.38 5.36
C CYS A 55 -6.73 -0.35 5.24
N PRO A 56 -6.41 0.80 4.63
CA PRO A 56 -7.38 1.88 4.44
C PRO A 56 -8.47 1.52 3.44
N VAL A 57 -8.44 0.28 2.97
CA VAL A 57 -9.43 -0.19 2.00
C VAL A 57 -10.33 -1.26 2.61
N CYS A 58 -9.73 -2.35 3.06
CA CYS A 58 -10.48 -3.45 3.66
C CYS A 58 -10.21 -3.53 5.17
N ARG A 59 -9.17 -2.82 5.61
CA ARG A 59 -8.81 -2.81 7.02
C ARG A 59 -8.51 -4.22 7.51
N LYS A 60 -7.67 -4.94 6.76
CA LYS A 60 -7.30 -6.30 7.11
C LYS A 60 -6.21 -6.31 8.20
N SER A 61 -6.58 -6.76 9.39
CA SER A 61 -5.63 -6.81 10.50
C SER A 61 -4.23 -7.14 10.01
N LEU A 62 -3.27 -6.29 10.36
CA LEU A 62 -1.88 -6.49 9.95
C LEU A 62 -1.06 -7.10 11.09
N THR A 63 -1.67 -8.03 11.81
CA THR A 63 -1.00 -8.70 12.92
C THR A 63 -1.78 -9.91 13.38
N GLY A 64 -1.06 -10.95 13.80
CA GLY A 64 -1.71 -12.17 14.26
C GLY A 64 -0.76 -13.06 15.05
N GLN A 65 -0.20 -14.06 14.38
CA GLN A 65 0.72 -14.99 15.02
C GLN A 65 1.97 -14.26 15.52
N ASN A 66 2.80 -14.97 16.28
CA ASN A 66 4.02 -14.40 16.81
C ASN A 66 4.74 -13.56 15.75
N THR A 67 4.68 -12.25 15.90
CA THR A 67 5.32 -11.33 14.96
C THR A 67 6.05 -10.21 15.69
N ALA A 68 7.04 -9.63 15.03
CA ALA A 68 7.81 -8.54 15.61
C ALA A 68 6.91 -7.55 16.32
N THR A 69 6.96 -7.56 17.65
CA THR A 69 6.14 -6.66 18.45
C THR A 69 6.71 -5.25 18.44
N ASN A 70 6.18 -4.41 17.55
CA ASN A 70 6.63 -3.03 17.44
C ASN A 70 5.44 -2.08 17.30
N PRO A 71 5.48 -0.99 18.08
CA PRO A 71 4.41 0.02 18.06
C PRO A 71 4.39 0.83 16.77
N PRO A 72 3.25 1.48 16.50
CA PRO A 72 3.08 2.30 15.30
C PRO A 72 3.91 3.57 15.33
N GLY A 73 4.53 3.84 16.47
CA GLY A 73 5.36 5.03 16.62
C GLY A 73 5.07 5.79 17.88
N LEU A 74 4.42 6.94 17.74
CA LEU A 74 4.07 7.77 18.89
C LEU A 74 3.55 6.92 20.04
N THR A 75 4.11 7.14 21.23
CA THR A 75 3.70 6.39 22.41
C THR A 75 2.18 6.40 22.57
N GLY A 76 1.58 7.56 22.38
CA GLY A 76 0.13 7.68 22.49
C GLY A 76 -0.54 8.04 21.18
N VAL A 77 -0.73 7.04 20.33
CA VAL A 77 -1.35 7.26 19.02
C VAL A 77 -2.68 6.52 18.93
N GLY A 78 -3.73 7.25 18.58
CA GLY A 78 -5.05 6.65 18.46
C GLY A 78 -5.85 6.73 19.75
ZN ZN B . -1.19 7.75 -2.54
ZN ZN C . -6.78 -4.34 1.92
N GLY A 1 11.61 8.55 -19.96
CA GLY A 1 11.30 9.64 -20.88
C GLY A 1 10.02 9.40 -21.65
N SER A 2 10.15 8.82 -22.84
CA SER A 2 8.99 8.55 -23.68
C SER A 2 9.17 7.25 -24.46
N SER A 3 8.05 6.62 -24.82
CA SER A 3 8.09 5.37 -25.57
C SER A 3 9.12 4.42 -24.97
N GLY A 4 9.15 4.34 -23.65
CA GLY A 4 10.09 3.46 -22.98
C GLY A 4 9.93 2.01 -23.39
N SER A 5 9.07 1.29 -22.69
CA SER A 5 8.84 -0.12 -22.99
C SER A 5 7.33 -0.41 -23.09
N SER A 6 7.00 -1.64 -23.46
CA SER A 6 5.61 -2.04 -23.60
C SER A 6 5.38 -3.42 -22.99
N GLY A 7 4.12 -3.70 -22.67
CA GLY A 7 3.78 -4.99 -22.07
C GLY A 7 2.76 -4.87 -20.96
N THR A 8 2.11 -5.99 -20.63
CA THR A 8 1.11 -6.00 -19.58
C THR A 8 1.54 -6.88 -18.41
N GLU A 9 2.28 -6.28 -17.48
CA GLU A 9 2.76 -7.01 -16.31
C GLU A 9 1.67 -7.10 -15.24
N GLU A 10 2.03 -7.67 -14.09
CA GLU A 10 1.08 -7.83 -12.99
C GLU A 10 0.97 -6.53 -12.18
N HIS A 11 1.95 -5.65 -12.35
CA HIS A 11 1.96 -4.38 -11.64
C HIS A 11 2.27 -3.22 -12.60
N VAL A 12 2.49 -3.55 -13.86
CA VAL A 12 2.80 -2.55 -14.87
C VAL A 12 2.06 -1.24 -14.58
N GLY A 13 0.84 -1.36 -14.09
CA GLY A 13 0.05 -0.17 -13.78
C GLY A 13 -1.39 -0.29 -14.23
N SER A 14 -2.06 -1.37 -13.81
CA SER A 14 -3.44 -1.59 -14.19
C SER A 14 -4.37 -1.41 -12.99
N GLY A 15 -5.21 -0.38 -13.06
CA GLY A 15 -6.13 -0.11 -11.97
C GLY A 15 -5.54 -0.43 -10.61
N LEU A 16 -4.27 -0.11 -10.42
CA LEU A 16 -3.59 -0.37 -9.17
C LEU A 16 -3.30 0.93 -8.42
N GLU A 17 -3.60 2.06 -9.06
CA GLU A 17 -3.38 3.36 -8.46
C GLU A 17 -3.65 3.33 -6.95
N CYS A 18 -2.82 4.03 -6.19
CA CYS A 18 -2.98 4.07 -4.74
C CYS A 18 -4.37 4.55 -4.35
N PRO A 19 -5.05 3.77 -3.50
CA PRO A 19 -6.39 4.08 -3.02
C PRO A 19 -6.42 5.30 -2.10
N VAL A 20 -5.33 5.48 -1.34
CA VAL A 20 -5.23 6.60 -0.42
C VAL A 20 -5.52 7.92 -1.12
N CYS A 21 -4.87 8.14 -2.25
CA CYS A 21 -5.05 9.37 -3.02
C CYS A 21 -5.82 9.09 -4.32
N LYS A 22 -5.82 7.83 -4.74
CA LYS A 22 -6.52 7.42 -5.96
C LYS A 22 -5.89 8.09 -7.18
N GLU A 23 -4.56 8.17 -7.19
CA GLU A 23 -3.86 8.78 -8.31
C GLU A 23 -3.25 7.71 -9.22
N ASP A 24 -2.06 7.24 -8.85
CA ASP A 24 -1.37 6.22 -9.63
C ASP A 24 -0.01 5.90 -9.03
N TYR A 25 0.62 4.85 -9.53
CA TYR A 25 1.94 4.44 -9.05
C TYR A 25 3.03 4.89 -10.01
N ALA A 26 4.27 4.48 -9.71
CA ALA A 26 5.40 4.84 -10.54
C ALA A 26 6.61 3.94 -10.26
N LEU A 27 7.18 3.37 -11.31
CA LEU A 27 8.34 2.49 -11.17
C LEU A 27 9.26 2.98 -10.06
N GLY A 28 9.53 4.27 -10.04
CA GLY A 28 10.40 4.84 -9.03
C GLY A 28 9.67 5.12 -7.73
N GLU A 29 8.36 5.34 -7.83
CA GLU A 29 7.54 5.62 -6.65
C GLU A 29 7.58 4.46 -5.68
N SER A 30 8.07 4.71 -4.47
CA SER A 30 8.15 3.69 -3.45
C SER A 30 6.77 3.23 -3.01
N VAL A 31 6.34 2.08 -3.52
CA VAL A 31 5.03 1.53 -3.19
C VAL A 31 5.15 0.43 -2.14
N ARG A 32 4.10 0.26 -1.34
CA ARG A 32 4.08 -0.75 -0.30
C ARG A 32 2.88 -1.68 -0.46
N GLN A 33 3.13 -2.97 -0.32
CA GLN A 33 2.07 -3.97 -0.46
C GLN A 33 1.61 -4.46 0.91
N LEU A 34 0.30 -4.69 1.05
CA LEU A 34 -0.26 -5.15 2.30
C LEU A 34 -0.51 -6.66 2.26
N PRO A 35 -0.65 -7.28 3.44
CA PRO A 35 -0.89 -8.71 3.57
C PRO A 35 -2.30 -9.10 3.10
N CYS A 36 -3.01 -8.13 2.55
CA CYS A 36 -4.37 -8.37 2.06
C CYS A 36 -4.45 -8.21 0.54
N ASN A 37 -3.27 -8.18 -0.09
CA ASN A 37 -3.20 -8.04 -1.55
C ASN A 37 -3.57 -6.61 -1.97
N HIS A 38 -3.21 -5.65 -1.13
CA HIS A 38 -3.50 -4.24 -1.42
C HIS A 38 -2.24 -3.40 -1.32
N LEU A 39 -1.94 -2.66 -2.38
CA LEU A 39 -0.76 -1.81 -2.42
C LEU A 39 -1.11 -0.37 -2.07
N PHE A 40 -0.12 0.39 -1.62
CA PHE A 40 -0.33 1.78 -1.26
C PHE A 40 0.99 2.56 -1.27
N HIS A 41 0.92 3.82 -1.68
CA HIS A 41 2.11 4.68 -1.74
C HIS A 41 2.87 4.66 -0.41
N ASP A 42 4.18 4.50 -0.49
CA ASP A 42 5.01 4.46 0.70
C ASP A 42 4.89 5.77 1.50
N SER A 43 4.22 6.75 0.90
CA SER A 43 4.04 8.04 1.54
C SER A 43 2.58 8.24 1.96
N CYS A 44 1.73 7.32 1.53
CA CYS A 44 0.30 7.39 1.85
C CYS A 44 -0.06 6.37 2.93
N ILE A 45 0.60 5.21 2.88
CA ILE A 45 0.36 4.15 3.85
C ILE A 45 1.18 4.35 5.11
N VAL A 46 2.46 4.67 4.94
CA VAL A 46 3.36 4.89 6.06
C VAL A 46 2.67 5.68 7.16
N PRO A 47 2.19 6.88 6.81
CA PRO A 47 1.50 7.77 7.76
C PRO A 47 0.13 7.23 8.17
N TRP A 48 -0.38 6.27 7.39
CA TRP A 48 -1.67 5.67 7.68
C TRP A 48 -1.55 4.60 8.76
N LEU A 49 -0.74 3.58 8.49
CA LEU A 49 -0.54 2.48 9.44
C LEU A 49 -0.11 3.03 10.80
N GLU A 50 0.64 4.12 10.79
CA GLU A 50 1.11 4.73 12.02
C GLU A 50 -0.04 5.44 12.76
N GLN A 51 -1.24 5.31 12.21
CA GLN A 51 -2.42 5.93 12.81
C GLN A 51 -3.54 4.91 12.98
N HIS A 52 -3.69 4.03 12.00
CA HIS A 52 -4.72 3.01 12.03
C HIS A 52 -4.11 1.62 12.09
N ASP A 53 -2.84 1.52 11.72
CA ASP A 53 -2.14 0.24 11.73
C ASP A 53 -2.94 -0.83 11.00
N SER A 54 -3.63 -0.42 9.95
CA SER A 54 -4.44 -1.35 9.16
C SER A 54 -4.58 -0.86 7.71
N CYS A 55 -5.30 -1.62 6.91
CA CYS A 55 -5.51 -1.28 5.50
C CYS A 55 -6.59 -0.21 5.37
N PRO A 56 -6.26 0.89 4.69
CA PRO A 56 -7.19 2.00 4.47
C PRO A 56 -8.31 1.64 3.50
N VAL A 57 -8.34 0.38 3.10
CA VAL A 57 -9.35 -0.11 2.17
C VAL A 57 -10.22 -1.18 2.82
N CYS A 58 -9.59 -2.25 3.28
CA CYS A 58 -10.30 -3.35 3.92
C CYS A 58 -10.02 -3.38 5.42
N ARG A 59 -9.08 -2.55 5.85
CA ARG A 59 -8.70 -2.48 7.27
C ARG A 59 -8.46 -3.87 7.83
N LYS A 60 -7.68 -4.67 7.10
CA LYS A 60 -7.37 -6.04 7.53
C LYS A 60 -6.33 -6.02 8.65
N SER A 61 -6.74 -6.51 9.82
CA SER A 61 -5.86 -6.55 10.98
C SER A 61 -4.45 -7.00 10.58
N LEU A 62 -3.52 -6.05 10.53
CA LEU A 62 -2.14 -6.36 10.15
C LEU A 62 -1.36 -6.87 11.36
N THR A 63 -2.00 -7.68 12.18
CA THR A 63 -1.37 -8.25 13.36
C THR A 63 -2.15 -9.42 13.91
N GLY A 64 -1.44 -10.38 14.51
CA GLY A 64 -2.09 -11.55 15.06
C GLY A 64 -2.88 -11.24 16.32
N GLN A 65 -3.15 -12.27 17.12
CA GLN A 65 -3.89 -12.09 18.36
C GLN A 65 -2.97 -11.70 19.50
N ASN A 66 -1.84 -12.39 19.60
CA ASN A 66 -0.87 -12.10 20.65
C ASN A 66 0.55 -12.02 20.09
N THR A 67 0.88 -10.88 19.50
CA THR A 67 2.20 -10.68 18.91
C THR A 67 2.54 -9.19 18.82
N ALA A 68 3.76 -8.90 18.38
CA ALA A 68 4.21 -7.52 18.25
C ALA A 68 5.23 -7.38 17.13
N THR A 69 5.02 -6.41 16.25
CA THR A 69 5.93 -6.17 15.14
C THR A 69 6.83 -4.97 15.41
N ASN A 70 6.22 -3.80 15.57
CA ASN A 70 6.96 -2.58 15.83
C ASN A 70 6.02 -1.45 16.28
N PRO A 71 6.55 -0.53 17.10
CA PRO A 71 5.78 0.60 17.62
C PRO A 71 5.46 1.62 16.53
N PRO A 72 4.23 2.14 16.55
CA PRO A 72 3.77 3.13 15.57
C PRO A 72 4.45 4.49 15.77
N GLY A 73 5.25 4.88 14.79
CA GLY A 73 5.94 6.16 14.87
C GLY A 73 6.57 6.39 16.23
N LEU A 74 6.22 7.50 16.86
CA LEU A 74 6.75 7.85 18.18
C LEU A 74 5.86 7.30 19.29
N THR A 75 6.43 7.14 20.47
CA THR A 75 5.68 6.64 21.61
C THR A 75 4.29 7.25 21.67
N GLY A 76 3.27 6.40 21.85
CA GLY A 76 1.90 6.88 21.93
C GLY A 76 1.63 7.99 20.93
N VAL A 77 2.10 7.82 19.70
CA VAL A 77 1.91 8.82 18.66
C VAL A 77 0.43 9.08 18.42
N GLY A 78 -0.19 9.83 19.32
CA GLY A 78 -1.60 10.14 19.20
C GLY A 78 -2.46 8.91 19.11
ZN ZN B . -1.14 7.72 -2.58
ZN ZN C . -6.70 -4.40 2.17
N GLY A 1 8.69 -3.97 -37.10
CA GLY A 1 9.57 -3.30 -36.16
C GLY A 1 9.90 -4.16 -34.95
N SER A 2 10.34 -3.53 -33.87
CA SER A 2 10.69 -4.25 -32.66
C SER A 2 9.59 -5.23 -32.27
N SER A 3 9.83 -5.99 -31.20
CA SER A 3 8.86 -6.98 -30.73
C SER A 3 8.50 -6.72 -29.27
N GLY A 4 7.42 -5.98 -29.06
CA GLY A 4 6.97 -5.68 -27.71
C GLY A 4 5.76 -6.49 -27.30
N SER A 5 5.82 -7.80 -27.52
CA SER A 5 4.71 -8.68 -27.18
C SER A 5 4.72 -9.02 -25.69
N SER A 6 3.73 -8.50 -24.96
CA SER A 6 3.62 -8.74 -23.53
C SER A 6 2.35 -9.52 -23.20
N GLY A 7 2.45 -10.42 -22.23
CA GLY A 7 1.31 -11.22 -21.83
C GLY A 7 0.52 -10.57 -20.71
N THR A 8 0.63 -11.13 -19.51
CA THR A 8 -0.08 -10.61 -18.35
C THR A 8 0.89 -10.13 -17.28
N GLU A 9 1.04 -8.82 -17.17
CA GLU A 9 1.93 -8.22 -16.18
C GLU A 9 1.31 -8.23 -14.79
N GLU A 10 2.14 -8.20 -13.77
CA GLU A 10 1.67 -8.21 -12.38
C GLU A 10 1.49 -6.78 -11.87
N HIS A 11 2.56 -6.01 -11.90
CA HIS A 11 2.53 -4.63 -11.45
C HIS A 11 3.05 -3.68 -12.52
N VAL A 12 2.19 -3.35 -13.48
CA VAL A 12 2.55 -2.45 -14.56
C VAL A 12 1.81 -1.12 -14.45
N GLY A 13 0.49 -1.19 -14.26
CA GLY A 13 -0.31 0.01 -14.14
C GLY A 13 -1.76 -0.23 -14.47
N SER A 14 -2.32 -1.32 -13.95
CA SER A 14 -3.71 -1.66 -14.21
C SER A 14 -4.57 -1.43 -12.97
N GLY A 15 -5.38 -0.38 -13.00
CA GLY A 15 -6.24 -0.07 -11.87
C GLY A 15 -5.58 -0.40 -10.54
N LEU A 16 -4.31 -0.05 -10.40
CA LEU A 16 -3.57 -0.32 -9.17
C LEU A 16 -3.26 0.98 -8.43
N GLU A 17 -3.64 2.11 -9.02
CA GLU A 17 -3.40 3.41 -8.43
C GLU A 17 -3.68 3.38 -6.92
N CYS A 18 -2.85 4.07 -6.16
CA CYS A 18 -3.01 4.12 -4.71
C CYS A 18 -4.41 4.59 -4.32
N PRO A 19 -5.09 3.80 -3.47
CA PRO A 19 -6.43 4.11 -3.01
C PRO A 19 -6.47 5.32 -2.08
N VAL A 20 -5.39 5.51 -1.33
CA VAL A 20 -5.29 6.63 -0.40
C VAL A 20 -5.57 7.96 -1.10
N CYS A 21 -4.91 8.18 -2.22
CA CYS A 21 -5.08 9.40 -3.00
C CYS A 21 -5.84 9.13 -4.29
N LYS A 22 -5.88 7.86 -4.69
CA LYS A 22 -6.56 7.46 -5.91
C LYS A 22 -5.94 8.13 -7.13
N GLU A 23 -4.61 8.20 -7.15
CA GLU A 23 -3.91 8.82 -8.26
C GLU A 23 -3.28 7.76 -9.17
N ASP A 24 -2.10 7.29 -8.80
CA ASP A 24 -1.40 6.27 -9.59
C ASP A 24 -0.03 5.98 -9.00
N TYR A 25 0.62 4.94 -9.51
CA TYR A 25 1.94 4.56 -9.03
C TYR A 25 3.03 5.06 -9.97
N ALA A 26 4.27 4.67 -9.70
CA ALA A 26 5.41 5.08 -10.52
C ALA A 26 6.62 4.20 -10.26
N LEU A 27 7.23 3.71 -11.33
CA LEU A 27 8.42 2.87 -11.22
C LEU A 27 9.31 3.33 -10.07
N GLY A 28 9.58 4.62 -10.01
CA GLY A 28 10.42 5.16 -8.97
C GLY A 28 9.66 5.37 -7.67
N GLU A 29 8.36 5.62 -7.78
CA GLU A 29 7.53 5.83 -6.60
C GLU A 29 7.54 4.62 -5.69
N SER A 30 8.03 4.81 -4.47
CA SER A 30 8.12 3.73 -3.50
C SER A 30 6.73 3.26 -3.08
N VAL A 31 6.34 2.07 -3.55
CA VAL A 31 5.04 1.51 -3.22
C VAL A 31 5.16 0.42 -2.17
N ARG A 32 4.10 0.26 -1.37
CA ARG A 32 4.09 -0.74 -0.31
C ARG A 32 2.89 -1.67 -0.47
N GLN A 33 3.15 -2.97 -0.32
CA GLN A 33 2.09 -3.97 -0.45
C GLN A 33 1.64 -4.47 0.92
N LEU A 34 0.33 -4.67 1.07
CA LEU A 34 -0.22 -5.14 2.33
C LEU A 34 -0.47 -6.65 2.28
N PRO A 35 -0.60 -7.27 3.46
CA PRO A 35 -0.84 -8.71 3.58
C PRO A 35 -2.25 -9.09 3.13
N CYS A 36 -2.98 -8.12 2.59
CA CYS A 36 -4.34 -8.36 2.12
C CYS A 36 -4.41 -8.24 0.59
N ASN A 37 -3.25 -8.17 -0.05
CA ASN A 37 -3.18 -8.05 -1.50
C ASN A 37 -3.55 -6.64 -1.95
N HIS A 38 -3.19 -5.66 -1.13
CA HIS A 38 -3.48 -4.26 -1.45
C HIS A 38 -2.22 -3.41 -1.33
N LEU A 39 -1.91 -2.67 -2.40
CA LEU A 39 -0.74 -1.82 -2.42
C LEU A 39 -1.10 -0.38 -2.08
N PHE A 40 -0.12 0.39 -1.62
CA PHE A 40 -0.34 1.78 -1.27
C PHE A 40 0.98 2.57 -1.28
N HIS A 41 0.90 3.83 -1.69
CA HIS A 41 2.08 4.69 -1.76
C HIS A 41 2.84 4.67 -0.44
N ASP A 42 4.15 4.52 -0.52
CA ASP A 42 5.00 4.49 0.67
C ASP A 42 4.88 5.79 1.46
N SER A 43 4.18 6.77 0.88
CA SER A 43 3.99 8.06 1.53
C SER A 43 2.54 8.27 1.90
N CYS A 44 1.69 7.30 1.55
CA CYS A 44 0.27 7.38 1.86
C CYS A 44 -0.11 6.35 2.92
N ILE A 45 0.58 5.21 2.90
CA ILE A 45 0.32 4.15 3.86
C ILE A 45 1.13 4.33 5.13
N VAL A 46 2.42 4.63 4.96
CA VAL A 46 3.32 4.83 6.10
C VAL A 46 2.65 5.66 7.18
N PRO A 47 2.21 6.87 6.81
CA PRO A 47 1.54 7.80 7.73
C PRO A 47 0.16 7.32 8.13
N TRP A 48 -0.32 6.28 7.46
CA TRP A 48 -1.64 5.72 7.74
C TRP A 48 -1.55 4.63 8.81
N LEU A 49 -0.78 3.58 8.52
CA LEU A 49 -0.61 2.48 9.45
C LEU A 49 -0.13 2.99 10.81
N GLU A 50 0.68 4.03 10.80
CA GLU A 50 1.20 4.62 12.03
C GLU A 50 0.09 5.29 12.82
N GLN A 51 -1.12 5.29 12.27
CA GLN A 51 -2.26 5.90 12.93
C GLN A 51 -3.39 4.90 13.11
N HIS A 52 -3.59 4.05 12.12
CA HIS A 52 -4.64 3.03 12.16
C HIS A 52 -4.04 1.63 12.16
N ASP A 53 -2.83 1.51 11.61
CA ASP A 53 -2.15 0.22 11.54
C ASP A 53 -3.03 -0.82 10.85
N SER A 54 -3.76 -0.38 9.83
CA SER A 54 -4.64 -1.29 9.09
C SER A 54 -4.79 -0.82 7.64
N CYS A 55 -5.51 -1.61 6.84
CA CYS A 55 -5.73 -1.29 5.44
C CYS A 55 -6.87 -0.29 5.29
N PRO A 56 -6.57 0.86 4.67
CA PRO A 56 -7.55 1.92 4.45
C PRO A 56 -8.60 1.52 3.41
N VAL A 57 -8.54 0.27 2.97
CA VAL A 57 -9.50 -0.23 1.99
C VAL A 57 -10.37 -1.33 2.57
N CYS A 58 -9.73 -2.39 3.07
CA CYS A 58 -10.45 -3.51 3.66
C CYS A 58 -10.25 -3.54 5.17
N ARG A 59 -9.25 -2.79 5.65
CA ARG A 59 -8.96 -2.74 7.08
C ARG A 59 -8.52 -4.11 7.59
N LYS A 60 -7.86 -4.87 6.75
CA LYS A 60 -7.39 -6.21 7.11
C LYS A 60 -6.43 -6.13 8.29
N SER A 61 -6.85 -6.68 9.42
CA SER A 61 -6.02 -6.68 10.63
C SER A 61 -4.58 -7.05 10.30
N LEU A 62 -3.68 -6.09 10.39
CA LEU A 62 -2.27 -6.32 10.10
C LEU A 62 -1.52 -6.73 11.36
N THR A 63 -2.17 -7.54 12.20
CA THR A 63 -1.56 -8.00 13.44
C THR A 63 -2.19 -9.31 13.91
N GLY A 64 -1.41 -10.11 14.62
CA GLY A 64 -1.92 -11.39 15.12
C GLY A 64 -0.86 -12.47 15.13
N GLN A 65 0.27 -12.19 15.79
CA GLN A 65 1.36 -13.14 15.87
C GLN A 65 1.69 -13.47 17.32
N ASN A 66 1.93 -12.41 18.11
CA ASN A 66 2.27 -12.58 19.52
C ASN A 66 1.67 -11.46 20.36
N THR A 67 1.85 -11.54 21.68
CA THR A 67 1.33 -10.54 22.59
C THR A 67 1.87 -9.16 22.24
N ALA A 68 3.17 -8.97 22.39
CA ALA A 68 3.80 -7.70 22.10
C ALA A 68 3.14 -7.01 20.90
N THR A 69 2.87 -5.72 21.04
CA THR A 69 2.24 -4.96 19.97
C THR A 69 3.22 -3.98 19.33
N ASN A 70 3.13 -3.85 18.01
CA ASN A 70 4.01 -2.95 17.27
C ASN A 70 3.71 -1.48 17.61
N PRO A 71 4.77 -0.70 17.85
CA PRO A 71 4.64 0.71 18.19
C PRO A 71 4.17 1.56 17.01
N PRO A 72 3.82 2.82 17.29
CA PRO A 72 3.34 3.75 16.25
C PRO A 72 4.45 4.17 15.29
N GLY A 73 5.62 3.55 15.45
CA GLY A 73 6.75 3.87 14.58
C GLY A 73 7.79 4.71 15.27
N LEU A 74 7.82 6.00 14.96
CA LEU A 74 8.79 6.91 15.56
C LEU A 74 8.25 8.34 15.57
N THR A 75 8.48 9.05 16.67
CA THR A 75 8.02 10.42 16.81
C THR A 75 8.35 11.25 15.57
N GLY A 76 7.39 12.04 15.10
CA GLY A 76 7.60 12.86 13.93
C GLY A 76 7.56 12.05 12.64
N VAL A 77 6.41 11.45 12.37
CA VAL A 77 6.24 10.65 11.17
C VAL A 77 6.10 11.53 9.93
N GLY A 78 7.09 11.46 9.04
CA GLY A 78 7.05 12.26 7.83
C GLY A 78 7.86 13.54 7.95
ZN ZN B . -1.16 7.76 -2.55
ZN ZN C . -6.65 -4.47 2.04
N GLY A 1 19.10 3.82 -25.06
CA GLY A 1 18.47 2.94 -26.03
C GLY A 1 16.97 3.18 -26.14
N SER A 2 16.26 2.19 -26.67
CA SER A 2 14.81 2.30 -26.84
C SER A 2 14.09 1.24 -26.02
N SER A 3 13.87 1.53 -24.74
CA SER A 3 13.19 0.59 -23.85
C SER A 3 11.98 1.25 -23.19
N GLY A 4 10.83 0.61 -23.30
CA GLY A 4 9.61 1.14 -22.71
C GLY A 4 8.75 0.07 -22.08
N SER A 5 7.45 0.30 -22.07
CA SER A 5 6.50 -0.65 -21.48
C SER A 5 5.07 -0.29 -21.83
N SER A 6 4.28 -1.30 -22.18
CA SER A 6 2.88 -1.09 -22.55
C SER A 6 2.17 -2.42 -22.74
N GLY A 7 0.88 -2.45 -22.40
CA GLY A 7 0.10 -3.66 -22.55
C GLY A 7 -0.41 -4.18 -21.22
N THR A 8 0.07 -5.36 -20.82
CA THR A 8 -0.35 -5.96 -19.56
C THR A 8 0.86 -6.42 -18.75
N GLU A 9 1.91 -5.62 -18.76
CA GLU A 9 3.12 -5.94 -18.01
C GLU A 9 2.86 -5.98 -16.52
N GLU A 10 3.58 -6.85 -15.82
CA GLU A 10 3.42 -6.99 -14.37
C GLU A 10 3.62 -5.65 -13.67
N HIS A 11 2.54 -5.14 -13.08
CA HIS A 11 2.59 -3.86 -12.38
C HIS A 11 2.81 -2.71 -13.35
N VAL A 12 2.13 -2.78 -14.50
CA VAL A 12 2.25 -1.74 -15.51
C VAL A 12 1.40 -0.52 -15.16
N GLY A 13 0.19 -0.78 -14.69
CA GLY A 13 -0.71 0.31 -14.32
C GLY A 13 -2.16 -0.01 -14.60
N SER A 14 -2.55 -1.25 -14.30
CA SER A 14 -3.92 -1.69 -14.53
C SER A 14 -4.78 -1.43 -13.30
N GLY A 15 -5.35 -0.23 -13.21
CA GLY A 15 -6.18 0.12 -12.09
C GLY A 15 -5.57 -0.27 -10.76
N LEU A 16 -4.31 0.09 -10.56
CA LEU A 16 -3.61 -0.24 -9.32
C LEU A 16 -3.27 1.02 -8.54
N GLU A 17 -3.58 2.18 -9.13
CA GLU A 17 -3.30 3.46 -8.48
C GLU A 17 -3.59 3.39 -6.99
N CYS A 18 -2.77 4.07 -6.19
CA CYS A 18 -2.94 4.09 -4.74
C CYS A 18 -4.33 4.56 -4.37
N PRO A 19 -5.01 3.77 -3.51
CA PRO A 19 -6.36 4.09 -3.04
C PRO A 19 -6.39 5.30 -2.12
N VAL A 20 -5.31 5.46 -1.34
CA VAL A 20 -5.21 6.58 -0.41
C VAL A 20 -5.50 7.91 -1.10
N CYS A 21 -4.84 8.14 -2.23
CA CYS A 21 -5.02 9.37 -2.99
C CYS A 21 -5.78 9.10 -4.29
N LYS A 22 -5.80 7.84 -4.72
CA LYS A 22 -6.49 7.44 -5.94
C LYS A 22 -5.86 8.12 -7.15
N GLU A 23 -4.54 8.20 -7.16
CA GLU A 23 -3.83 8.82 -8.27
C GLU A 23 -3.22 7.77 -9.19
N ASP A 24 -2.03 7.29 -8.82
CA ASP A 24 -1.33 6.28 -9.61
C ASP A 24 0.03 5.96 -9.00
N TYR A 25 0.69 4.94 -9.54
CA TYR A 25 2.00 4.53 -9.06
C TYR A 25 3.10 5.02 -9.99
N ALA A 26 4.34 4.61 -9.71
CA ALA A 26 5.48 5.00 -10.53
C ALA A 26 6.70 4.13 -10.22
N LEU A 27 7.32 3.60 -11.26
CA LEU A 27 8.51 2.76 -11.10
C LEU A 27 9.38 3.27 -9.95
N GLY A 28 9.64 4.56 -9.95
CA GLY A 28 10.47 5.16 -8.90
C GLY A 28 9.70 5.36 -7.61
N GLU A 29 8.39 5.56 -7.72
CA GLU A 29 7.55 5.77 -6.55
C GLU A 29 7.59 4.57 -5.63
N SER A 30 8.07 4.77 -4.41
CA SER A 30 8.16 3.70 -3.43
C SER A 30 6.77 3.23 -3.01
N VAL A 31 6.35 2.09 -3.54
CA VAL A 31 5.04 1.53 -3.22
C VAL A 31 5.15 0.43 -2.18
N ARG A 32 4.11 0.28 -1.38
CA ARG A 32 4.10 -0.75 -0.33
C ARG A 32 2.90 -1.68 -0.51
N GLN A 33 3.15 -2.98 -0.35
CA GLN A 33 2.10 -3.97 -0.50
C GLN A 33 1.64 -4.48 0.87
N LEU A 34 0.33 -4.66 1.02
CA LEU A 34 -0.23 -5.14 2.27
C LEU A 34 -0.49 -6.64 2.22
N PRO A 35 -0.62 -7.27 3.40
CA PRO A 35 -0.87 -8.70 3.52
C PRO A 35 -2.26 -9.09 3.04
N CYS A 36 -2.99 -8.12 2.49
CA CYS A 36 -4.34 -8.37 2.00
C CYS A 36 -4.40 -8.21 0.48
N ASN A 37 -3.24 -8.16 -0.16
CA ASN A 37 -3.15 -8.02 -1.60
C ASN A 37 -3.50 -6.60 -2.03
N HIS A 38 -3.24 -5.64 -1.14
CA HIS A 38 -3.53 -4.24 -1.42
C HIS A 38 -2.27 -3.40 -1.32
N LEU A 39 -1.97 -2.66 -2.38
CA LEU A 39 -0.78 -1.81 -2.41
C LEU A 39 -1.13 -0.38 -2.04
N PHE A 40 -0.13 0.38 -1.62
CA PHE A 40 -0.33 1.77 -1.23
C PHE A 40 0.99 2.54 -1.25
N HIS A 41 0.92 3.80 -1.66
CA HIS A 41 2.12 4.65 -1.72
C HIS A 41 2.87 4.63 -0.39
N ASP A 42 4.19 4.48 -0.47
CA ASP A 42 5.02 4.45 0.72
C ASP A 42 4.90 5.75 1.51
N SER A 43 4.22 6.74 0.92
CA SER A 43 4.04 8.03 1.56
C SER A 43 2.59 8.23 1.97
N CYS A 44 1.73 7.29 1.57
CA CYS A 44 0.31 7.36 1.88
C CYS A 44 -0.06 6.34 2.96
N ILE A 45 0.60 5.18 2.91
CA ILE A 45 0.35 4.12 3.87
C ILE A 45 1.17 4.32 5.14
N VAL A 46 2.45 4.64 4.97
CA VAL A 46 3.34 4.86 6.10
C VAL A 46 2.66 5.67 7.18
N PRO A 47 2.20 6.87 6.82
CA PRO A 47 1.51 7.78 7.75
C PRO A 47 0.14 7.27 8.16
N TRP A 48 -0.37 6.29 7.41
CA TRP A 48 -1.67 5.71 7.69
C TRP A 48 -1.57 4.64 8.77
N LEU A 49 -0.77 3.60 8.51
CA LEU A 49 -0.59 2.51 9.46
C LEU A 49 -0.11 3.04 10.80
N GLU A 50 0.64 4.14 10.77
CA GLU A 50 1.18 4.75 11.99
C GLU A 50 0.06 5.39 12.80
N GLN A 51 -1.14 5.42 12.23
CA GLN A 51 -2.29 6.02 12.90
C GLN A 51 -3.39 4.98 13.11
N HIS A 52 -3.62 4.15 12.11
CA HIS A 52 -4.65 3.11 12.19
C HIS A 52 -4.01 1.73 12.27
N ASP A 53 -2.82 1.59 11.70
CA ASP A 53 -2.11 0.32 11.70
C ASP A 53 -2.91 -0.76 10.98
N SER A 54 -3.63 -0.35 9.94
CA SER A 54 -4.45 -1.29 9.17
C SER A 54 -4.58 -0.82 7.73
N CYS A 55 -5.31 -1.59 6.92
CA CYS A 55 -5.52 -1.26 5.52
C CYS A 55 -6.59 -0.18 5.37
N PRO A 56 -6.24 0.91 4.67
CA PRO A 56 -7.15 2.04 4.44
C PRO A 56 -8.28 1.68 3.49
N VAL A 57 -8.32 0.42 3.08
CA VAL A 57 -9.36 -0.06 2.16
C VAL A 57 -10.21 -1.14 2.80
N CYS A 58 -9.62 -2.32 2.99
CA CYS A 58 -10.33 -3.44 3.61
C CYS A 58 -10.13 -3.44 5.12
N ARG A 59 -9.15 -2.68 5.58
CA ARG A 59 -8.85 -2.60 7.01
C ARG A 59 -8.59 -3.99 7.59
N LYS A 60 -7.76 -4.76 6.90
CA LYS A 60 -7.42 -6.11 7.35
C LYS A 60 -6.38 -6.07 8.47
N SER A 61 -6.78 -6.55 9.64
CA SER A 61 -5.88 -6.56 10.79
C SER A 61 -4.48 -6.99 10.39
N LEU A 62 -3.54 -6.05 10.46
CA LEU A 62 -2.15 -6.33 10.09
C LEU A 62 -1.35 -6.80 11.31
N THR A 63 -2.01 -7.56 12.18
CA THR A 63 -1.36 -8.08 13.38
C THR A 63 -1.87 -9.47 13.74
N GLY A 64 -1.00 -10.28 14.32
CA GLY A 64 -1.39 -11.62 14.70
C GLY A 64 -0.22 -12.60 14.64
N GLN A 65 0.00 -13.18 13.46
CA GLN A 65 1.08 -14.14 13.28
C GLN A 65 2.42 -13.42 13.12
N ASN A 66 3.49 -14.05 13.59
CA ASN A 66 4.82 -13.47 13.50
C ASN A 66 5.09 -12.93 12.10
N THR A 67 5.49 -11.66 12.03
CA THR A 67 5.78 -11.02 10.75
C THR A 67 7.18 -10.42 10.74
N ALA A 68 7.57 -9.81 11.86
CA ALA A 68 8.89 -9.20 11.98
C ALA A 68 9.03 -8.02 11.02
N THR A 69 8.09 -7.09 11.07
CA THR A 69 8.11 -5.92 10.21
C THR A 69 8.23 -4.64 11.02
N ASN A 70 8.83 -3.61 10.42
CA ASN A 70 9.00 -2.33 11.08
C ASN A 70 7.70 -1.87 11.75
N PRO A 71 7.65 -1.97 13.08
CA PRO A 71 6.48 -1.57 13.86
C PRO A 71 6.27 -0.06 13.86
N PRO A 72 4.99 0.36 13.84
CA PRO A 72 4.62 1.79 13.83
C PRO A 72 4.93 2.46 15.17
N GLY A 73 5.97 3.31 15.18
CA GLY A 73 6.34 4.00 16.39
C GLY A 73 6.24 5.51 16.25
N LEU A 74 6.39 6.21 17.37
CA LEU A 74 6.31 7.67 17.36
C LEU A 74 7.11 8.26 16.20
N THR A 75 8.37 7.82 16.08
CA THR A 75 9.25 8.31 15.02
C THR A 75 8.92 9.74 14.65
N GLY A 76 8.72 10.58 15.67
CA GLY A 76 8.41 11.98 15.43
C GLY A 76 7.60 12.18 14.15
N VAL A 77 6.53 11.40 14.01
CA VAL A 77 5.67 11.49 12.84
C VAL A 77 4.43 12.34 13.13
N GLY A 78 3.93 13.03 12.11
CA GLY A 78 2.76 13.87 12.28
C GLY A 78 2.95 15.26 11.71
ZN ZN B . -1.11 7.71 -2.55
ZN ZN C . -6.62 -4.38 2.13
N GLY A 1 -7.61 6.20 -32.77
CA GLY A 1 -8.25 4.90 -32.78
C GLY A 1 -7.75 3.99 -31.68
N SER A 2 -8.19 2.74 -31.70
CA SER A 2 -7.78 1.77 -30.69
C SER A 2 -6.45 1.13 -31.07
N SER A 3 -5.36 1.77 -30.67
CA SER A 3 -4.02 1.26 -30.97
C SER A 3 -3.92 -0.23 -30.65
N GLY A 4 -4.22 -0.58 -29.40
CA GLY A 4 -4.16 -1.97 -28.99
C GLY A 4 -2.91 -2.28 -28.18
N SER A 5 -3.07 -2.35 -26.86
CA SER A 5 -1.95 -2.63 -25.98
C SER A 5 -2.15 -3.96 -25.24
N SER A 6 -2.64 -4.95 -25.98
CA SER A 6 -2.88 -6.27 -25.40
C SER A 6 -1.64 -6.80 -24.70
N GLY A 7 -1.83 -7.44 -23.55
CA GLY A 7 -0.72 -7.98 -22.80
C GLY A 7 -0.61 -7.38 -21.41
N THR A 8 0.44 -7.77 -20.68
CA THR A 8 0.66 -7.26 -19.34
C THR A 8 2.14 -7.15 -19.03
N GLU A 9 2.63 -5.92 -18.89
CA GLU A 9 4.03 -5.69 -18.60
C GLU A 9 4.25 -5.48 -17.10
N GLU A 10 5.51 -5.56 -16.67
CA GLU A 10 5.84 -5.37 -15.26
C GLU A 10 5.38 -4.00 -14.78
N HIS A 11 4.80 -3.98 -13.59
CA HIS A 11 4.31 -2.73 -13.00
C HIS A 11 3.79 -1.79 -14.07
N VAL A 12 2.97 -2.32 -14.98
CA VAL A 12 2.40 -1.53 -16.06
C VAL A 12 1.21 -0.70 -15.57
N GLY A 13 0.42 -1.29 -14.68
CA GLY A 13 -0.74 -0.60 -14.15
C GLY A 13 -1.93 -1.51 -13.95
N SER A 14 -2.90 -1.42 -14.86
CA SER A 14 -4.09 -2.24 -14.78
C SER A 14 -4.92 -1.91 -13.54
N GLY A 15 -5.11 -0.61 -13.30
CA GLY A 15 -5.87 -0.17 -12.14
C GLY A 15 -5.20 -0.56 -10.83
N LEU A 16 -4.04 0.04 -10.57
CA LEU A 16 -3.30 -0.23 -9.34
C LEU A 16 -3.04 1.04 -8.55
N GLU A 17 -3.42 2.17 -9.14
CA GLU A 17 -3.22 3.46 -8.50
C GLU A 17 -3.54 3.38 -7.00
N CYS A 18 -2.74 4.08 -6.20
CA CYS A 18 -2.93 4.09 -4.75
C CYS A 18 -4.33 4.56 -4.39
N PRO A 19 -5.02 3.79 -3.54
CA PRO A 19 -6.38 4.11 -3.08
C PRO A 19 -6.41 5.33 -2.17
N VAL A 20 -5.35 5.50 -1.38
CA VAL A 20 -5.26 6.62 -0.46
C VAL A 20 -5.56 7.94 -1.17
N CYS A 21 -4.87 8.18 -2.28
CA CYS A 21 -5.06 9.40 -3.05
C CYS A 21 -5.82 9.12 -4.35
N LYS A 22 -5.74 7.87 -4.80
CA LYS A 22 -6.42 7.47 -6.03
C LYS A 22 -5.80 8.15 -7.25
N GLU A 23 -4.47 8.25 -7.24
CA GLU A 23 -3.75 8.87 -8.34
C GLU A 23 -3.12 7.82 -9.24
N ASP A 24 -1.92 7.36 -8.87
CA ASP A 24 -1.21 6.35 -9.65
C ASP A 24 0.16 6.08 -9.05
N TYR A 25 0.82 5.03 -9.54
CA TYR A 25 2.14 4.66 -9.06
C TYR A 25 3.22 5.11 -10.02
N ALA A 26 4.47 4.78 -9.71
CA ALA A 26 5.60 5.15 -10.55
C ALA A 26 6.84 4.35 -10.19
N LEU A 27 7.64 4.01 -11.20
CA LEU A 27 8.86 3.24 -10.98
C LEU A 27 9.67 3.82 -9.82
N GLY A 28 9.78 5.15 -9.78
CA GLY A 28 10.51 5.81 -8.72
C GLY A 28 9.71 5.93 -7.44
N GLU A 29 8.39 5.90 -7.57
CA GLU A 29 7.50 6.02 -6.42
C GLU A 29 7.53 4.75 -5.58
N SER A 30 8.04 4.86 -4.36
CA SER A 30 8.13 3.73 -3.46
C SER A 30 6.74 3.25 -3.04
N VAL A 31 6.34 2.09 -3.56
CA VAL A 31 5.03 1.52 -3.25
C VAL A 31 5.15 0.42 -2.20
N ARG A 32 4.11 0.28 -1.39
CA ARG A 32 4.10 -0.74 -0.34
C ARG A 32 2.91 -1.68 -0.51
N GLN A 33 3.15 -2.97 -0.33
CA GLN A 33 2.10 -3.97 -0.47
C GLN A 33 1.63 -4.46 0.90
N LEU A 34 0.32 -4.66 1.03
CA LEU A 34 -0.26 -5.11 2.28
C LEU A 34 -0.50 -6.62 2.26
N PRO A 35 -0.65 -7.22 3.44
CA PRO A 35 -0.89 -8.66 3.58
C PRO A 35 -2.28 -9.06 3.10
N CYS A 36 -3.01 -8.10 2.53
CA CYS A 36 -4.34 -8.36 2.03
C CYS A 36 -4.40 -8.21 0.51
N ASN A 37 -3.22 -8.18 -0.12
CA ASN A 37 -3.13 -8.04 -1.57
C ASN A 37 -3.48 -6.63 -2.00
N HIS A 38 -3.21 -5.66 -1.14
CA HIS A 38 -3.50 -4.26 -1.43
C HIS A 38 -2.24 -3.41 -1.32
N LEU A 39 -1.93 -2.67 -2.38
CA LEU A 39 -0.76 -1.82 -2.41
C LEU A 39 -1.11 -0.38 -2.05
N PHE A 40 -0.12 0.39 -1.63
CA PHE A 40 -0.33 1.77 -1.26
C PHE A 40 0.99 2.55 -1.26
N HIS A 41 0.92 3.82 -1.66
CA HIS A 41 2.11 4.67 -1.72
C HIS A 41 2.87 4.63 -0.39
N ASP A 42 4.19 4.52 -0.48
CA ASP A 42 5.02 4.48 0.71
C ASP A 42 4.90 5.78 1.52
N SER A 43 4.20 6.75 0.96
CA SER A 43 4.00 8.03 1.62
C SER A 43 2.55 8.23 2.02
N CYS A 44 1.69 7.31 1.58
CA CYS A 44 0.27 7.38 1.89
C CYS A 44 -0.10 6.36 2.97
N ILE A 45 0.55 5.20 2.91
CA ILE A 45 0.30 4.14 3.88
C ILE A 45 1.13 4.32 5.14
N VAL A 46 2.41 4.63 4.96
CA VAL A 46 3.32 4.83 6.08
C VAL A 46 2.65 5.65 7.18
N PRO A 47 2.20 6.86 6.82
CA PRO A 47 1.54 7.78 7.76
C PRO A 47 0.16 7.28 8.17
N TRP A 48 -0.36 6.30 7.43
CA TRP A 48 -1.67 5.73 7.72
C TRP A 48 -1.57 4.65 8.79
N LEU A 49 -0.78 3.61 8.51
CA LEU A 49 -0.60 2.51 9.45
C LEU A 49 -0.12 3.03 10.80
N GLU A 50 0.64 4.11 10.78
CA GLU A 50 1.17 4.71 12.01
C GLU A 50 0.06 5.38 12.81
N GLN A 51 -1.13 5.45 12.22
CA GLN A 51 -2.27 6.07 12.87
C GLN A 51 -3.38 5.06 13.13
N HIS A 52 -3.62 4.20 12.15
CA HIS A 52 -4.65 3.18 12.26
C HIS A 52 -4.04 1.78 12.31
N ASP A 53 -2.88 1.62 11.66
CA ASP A 53 -2.18 0.35 11.63
C ASP A 53 -3.03 -0.72 10.92
N SER A 54 -3.74 -0.29 9.88
CA SER A 54 -4.59 -1.21 9.13
C SER A 54 -4.73 -0.75 7.67
N CYS A 55 -5.46 -1.52 6.88
CA CYS A 55 -5.66 -1.20 5.47
C CYS A 55 -6.76 -0.15 5.31
N PRO A 56 -6.42 0.96 4.63
CA PRO A 56 -7.36 2.05 4.40
C PRO A 56 -8.46 1.67 3.41
N VAL A 57 -8.45 0.41 2.98
CA VAL A 57 -9.44 -0.09 2.04
C VAL A 57 -10.33 -1.15 2.68
N CYS A 58 -9.71 -2.24 3.13
CA CYS A 58 -10.44 -3.33 3.76
C CYS A 58 -10.16 -3.38 5.26
N ARG A 59 -9.16 -2.60 5.69
CA ARG A 59 -8.80 -2.55 7.10
C ARG A 59 -8.55 -3.95 7.64
N LYS A 60 -7.71 -4.71 6.94
CA LYS A 60 -7.38 -6.08 7.36
C LYS A 60 -6.33 -6.07 8.46
N SER A 61 -6.75 -6.45 9.67
CA SER A 61 -5.84 -6.48 10.81
C SER A 61 -4.44 -6.87 10.38
N LEU A 62 -3.50 -5.94 10.54
CA LEU A 62 -2.11 -6.19 10.15
C LEU A 62 -1.29 -6.66 11.35
N THR A 63 -1.90 -7.50 12.19
CA THR A 63 -1.23 -8.03 13.37
C THR A 63 -1.91 -9.30 13.87
N GLY A 64 -1.11 -10.29 14.25
CA GLY A 64 -1.66 -11.54 14.74
C GLY A 64 -0.67 -12.31 15.59
N GLN A 65 0.27 -12.98 14.93
CA GLN A 65 1.28 -13.76 15.63
C GLN A 65 2.62 -13.04 15.64
N ASN A 66 3.09 -12.65 14.46
CA ASN A 66 4.36 -11.94 14.34
C ASN A 66 4.41 -10.74 15.26
N THR A 67 5.60 -10.16 15.41
CA THR A 67 5.78 -9.00 16.28
C THR A 67 6.43 -7.85 15.51
N ALA A 68 5.83 -6.67 15.60
CA ALA A 68 6.36 -5.49 14.92
C ALA A 68 7.43 -4.80 15.77
N THR A 69 8.47 -4.32 15.10
CA THR A 69 9.57 -3.64 15.79
C THR A 69 9.48 -2.13 15.61
N ASN A 70 9.37 -1.70 14.35
CA ASN A 70 9.27 -0.28 14.04
C ASN A 70 8.20 0.39 14.90
N PRO A 71 8.63 1.25 15.83
CA PRO A 71 7.73 1.97 16.72
C PRO A 71 6.92 3.04 15.98
N PRO A 72 5.69 3.29 16.46
CA PRO A 72 4.80 4.29 15.87
C PRO A 72 5.29 5.72 16.08
N GLY A 73 4.56 6.68 15.52
CA GLY A 73 4.94 8.07 15.67
C GLY A 73 4.06 8.81 16.65
N LEU A 74 4.00 8.31 17.88
CA LEU A 74 3.20 8.93 18.92
C LEU A 74 3.48 10.43 19.02
N THR A 75 4.75 10.79 18.85
CA THR A 75 5.15 12.19 18.91
C THR A 75 4.63 12.97 17.71
N GLY A 76 4.71 12.36 16.53
CA GLY A 76 4.24 13.00 15.32
C GLY A 76 4.98 12.52 14.08
N VAL A 77 4.39 11.59 13.37
CA VAL A 77 5.00 11.04 12.16
C VAL A 77 5.45 12.16 11.23
N GLY A 78 4.54 13.08 10.94
CA GLY A 78 4.87 14.19 10.06
C GLY A 78 3.66 15.07 9.76
ZN ZN B . -1.18 7.75 -2.56
ZN ZN C . -6.72 -4.39 2.11
N GLY A 1 -16.76 -0.49 -29.06
CA GLY A 1 -15.72 -0.37 -28.06
C GLY A 1 -14.34 -0.59 -28.65
N SER A 2 -13.56 0.48 -28.73
CA SER A 2 -12.21 0.40 -29.28
C SER A 2 -11.23 -0.15 -28.24
N SER A 3 -10.26 -0.94 -28.70
CA SER A 3 -9.27 -1.52 -27.81
C SER A 3 -7.92 -0.83 -27.98
N GLY A 4 -7.14 -0.79 -26.89
CA GLY A 4 -5.83 -0.15 -26.94
C GLY A 4 -4.71 -1.14 -26.74
N SER A 5 -4.21 -1.23 -25.50
CA SER A 5 -3.12 -2.14 -25.17
C SER A 5 -3.66 -3.44 -24.60
N SER A 6 -2.80 -4.46 -24.57
CA SER A 6 -3.18 -5.77 -24.04
C SER A 6 -2.07 -6.37 -23.21
N GLY A 7 -2.44 -6.92 -22.05
CA GLY A 7 -1.45 -7.53 -21.17
C GLY A 7 -1.92 -7.56 -19.72
N THR A 8 -1.42 -8.55 -18.98
CA THR A 8 -1.80 -8.70 -17.58
C THR A 8 -0.59 -9.06 -16.73
N GLU A 9 -0.15 -8.11 -15.90
CA GLU A 9 1.00 -8.33 -15.03
C GLU A 9 0.66 -7.96 -13.59
N GLU A 10 1.48 -8.46 -12.66
CA GLU A 10 1.27 -8.19 -11.23
C GLU A 10 1.24 -6.69 -10.96
N HIS A 11 2.36 -6.03 -11.21
CA HIS A 11 2.47 -4.59 -10.99
C HIS A 11 3.04 -3.90 -12.24
N VAL A 12 2.16 -3.61 -13.20
CA VAL A 12 2.58 -2.95 -14.42
C VAL A 12 1.91 -1.59 -14.57
N GLY A 13 0.73 -1.45 -13.97
CA GLY A 13 0.01 -0.19 -14.03
C GLY A 13 -1.43 -0.38 -14.45
N SER A 14 -2.09 -1.39 -13.88
CA SER A 14 -3.49 -1.66 -14.20
C SER A 14 -4.38 -1.41 -13.00
N GLY A 15 -5.20 -0.36 -13.09
CA GLY A 15 -6.10 -0.02 -11.99
C GLY A 15 -5.50 -0.34 -10.63
N LEU A 16 -4.21 -0.05 -10.47
CA LEU A 16 -3.52 -0.31 -9.21
C LEU A 16 -3.26 0.98 -8.45
N GLU A 17 -3.61 2.11 -9.07
CA GLU A 17 -3.41 3.41 -8.46
C GLU A 17 -3.68 3.36 -6.95
N CYS A 18 -2.85 4.04 -6.19
CA CYS A 18 -3.00 4.06 -4.73
C CYS A 18 -4.39 4.52 -4.33
N PRO A 19 -5.05 3.73 -3.48
CA PRO A 19 -6.41 4.04 -3.00
C PRO A 19 -6.43 5.24 -2.06
N VAL A 20 -5.34 5.44 -1.32
CA VAL A 20 -5.24 6.56 -0.40
C VAL A 20 -5.54 7.88 -1.09
N CYS A 21 -4.89 8.12 -2.22
CA CYS A 21 -5.09 9.34 -2.99
C CYS A 21 -5.86 9.06 -4.28
N LYS A 22 -5.84 7.81 -4.71
CA LYS A 22 -6.53 7.40 -5.92
C LYS A 22 -5.92 8.08 -7.15
N GLU A 23 -4.59 8.18 -7.16
CA GLU A 23 -3.89 8.81 -8.28
C GLU A 23 -3.28 7.75 -9.20
N ASP A 24 -2.08 7.29 -8.84
CA ASP A 24 -1.38 6.29 -9.63
C ASP A 24 -0.01 5.98 -9.04
N TYR A 25 0.63 4.94 -9.55
CA TYR A 25 1.94 4.53 -9.07
C TYR A 25 3.04 5.00 -10.02
N ALA A 26 4.27 4.60 -9.73
CA ALA A 26 5.41 4.98 -10.56
C ALA A 26 6.64 4.14 -10.22
N LEU A 27 7.27 3.58 -11.25
CA LEU A 27 8.47 2.76 -11.05
C LEU A 27 9.33 3.31 -9.93
N GLY A 28 9.59 4.61 -9.98
CA GLY A 28 10.40 5.24 -8.96
C GLY A 28 9.66 5.45 -7.65
N GLU A 29 8.34 5.63 -7.76
CA GLU A 29 7.51 5.83 -6.58
C GLU A 29 7.53 4.61 -5.67
N SER A 30 8.04 4.80 -4.45
CA SER A 30 8.13 3.72 -3.49
C SER A 30 6.74 3.25 -3.05
N VAL A 31 6.33 2.09 -3.55
CA VAL A 31 5.02 1.53 -3.22
C VAL A 31 5.14 0.43 -2.18
N ARG A 32 4.10 0.27 -1.37
CA ARG A 32 4.09 -0.74 -0.33
C ARG A 32 2.90 -1.68 -0.49
N GLN A 33 3.15 -2.98 -0.33
CA GLN A 33 2.10 -3.98 -0.47
C GLN A 33 1.64 -4.49 0.90
N LEU A 34 0.34 -4.71 1.04
CA LEU A 34 -0.21 -5.19 2.30
C LEU A 34 -0.45 -6.70 2.25
N PRO A 35 -0.58 -7.32 3.42
CA PRO A 35 -0.82 -8.76 3.54
C PRO A 35 -2.22 -9.16 3.08
N CYS A 36 -2.95 -8.19 2.53
CA CYS A 36 -4.30 -8.44 2.05
C CYS A 36 -4.38 -8.28 0.54
N ASN A 37 -3.22 -8.20 -0.10
CA ASN A 37 -3.15 -8.04 -1.55
C ASN A 37 -3.53 -6.63 -1.97
N HIS A 38 -3.17 -5.66 -1.13
CA HIS A 38 -3.47 -4.26 -1.41
C HIS A 38 -2.22 -3.41 -1.32
N LEU A 39 -1.93 -2.66 -2.38
CA LEU A 39 -0.75 -1.81 -2.42
C LEU A 39 -1.11 -0.37 -2.07
N PHE A 40 -0.11 0.39 -1.61
CA PHE A 40 -0.33 1.78 -1.24
C PHE A 40 0.98 2.56 -1.26
N HIS A 41 0.91 3.82 -1.67
CA HIS A 41 2.09 4.68 -1.74
C HIS A 41 2.85 4.66 -0.42
N ASP A 42 4.17 4.50 -0.49
CA ASP A 42 5.00 4.46 0.70
C ASP A 42 4.88 5.77 1.49
N SER A 43 4.21 6.75 0.89
CA SER A 43 4.03 8.05 1.53
C SER A 43 2.57 8.25 1.94
N CYS A 44 1.72 7.31 1.55
CA CYS A 44 0.30 7.38 1.87
C CYS A 44 -0.07 6.35 2.94
N ILE A 45 0.60 5.21 2.90
CA ILE A 45 0.35 4.14 3.87
C ILE A 45 1.16 4.33 5.13
N VAL A 46 2.45 4.62 4.97
CA VAL A 46 3.35 4.83 6.10
C VAL A 46 2.67 5.65 7.18
N PRO A 47 2.21 6.85 6.82
CA PRO A 47 1.53 7.77 7.75
C PRO A 47 0.16 7.25 8.16
N TRP A 48 -0.36 6.29 7.41
CA TRP A 48 -1.67 5.71 7.70
C TRP A 48 -1.57 4.64 8.78
N LEU A 49 -0.78 3.60 8.51
CA LEU A 49 -0.60 2.51 9.46
C LEU A 49 -0.14 3.04 10.82
N GLU A 50 0.61 4.14 10.80
CA GLU A 50 1.10 4.75 12.04
C GLU A 50 -0.04 5.41 12.80
N GLN A 51 -1.25 5.32 12.26
CA GLN A 51 -2.42 5.90 12.90
C GLN A 51 -3.54 4.86 13.04
N HIS A 52 -3.73 4.07 11.99
CA HIS A 52 -4.77 3.04 11.99
C HIS A 52 -4.15 1.65 12.08
N ASP A 53 -2.87 1.54 11.73
CA ASP A 53 -2.17 0.27 11.77
C ASP A 53 -2.96 -0.80 11.03
N SER A 54 -3.68 -0.40 10.00
CA SER A 54 -4.48 -1.33 9.21
C SER A 54 -4.63 -0.84 7.77
N CYS A 55 -5.29 -1.64 6.95
CA CYS A 55 -5.50 -1.30 5.54
C CYS A 55 -6.59 -0.24 5.41
N PRO A 56 -6.24 0.86 4.71
CA PRO A 56 -7.18 1.97 4.49
C PRO A 56 -8.31 1.60 3.53
N VAL A 57 -8.33 0.33 3.12
CA VAL A 57 -9.35 -0.16 2.20
C VAL A 57 -10.21 -1.23 2.85
N CYS A 58 -9.59 -2.37 3.16
CA CYS A 58 -10.30 -3.48 3.79
C CYS A 58 -10.07 -3.48 5.30
N ARG A 59 -9.08 -2.72 5.75
CA ARG A 59 -8.75 -2.64 7.17
C ARG A 59 -8.47 -4.02 7.74
N LYS A 60 -7.65 -4.80 7.03
CA LYS A 60 -7.30 -6.14 7.47
C LYS A 60 -6.27 -6.09 8.59
N SER A 61 -6.63 -6.60 9.76
CA SER A 61 -5.74 -6.62 10.91
C SER A 61 -4.34 -7.06 10.50
N LEU A 62 -3.40 -6.12 10.51
CA LEU A 62 -2.01 -6.40 10.15
C LEU A 62 -1.23 -6.92 11.35
N THR A 63 -1.87 -7.74 12.17
CA THR A 63 -1.24 -8.30 13.36
C THR A 63 -1.97 -9.54 13.85
N GLY A 64 -1.22 -10.49 14.41
CA GLY A 64 -1.83 -11.70 14.90
C GLY A 64 -0.90 -12.48 15.83
N GLN A 65 0.02 -13.24 15.23
CA GLN A 65 0.96 -14.02 16.00
C GLN A 65 1.73 -13.15 16.99
N ASN A 66 2.22 -13.76 18.06
CA ASN A 66 2.97 -13.04 19.08
C ASN A 66 4.28 -12.50 18.52
N THR A 67 4.35 -11.19 18.34
CA THR A 67 5.55 -10.54 17.81
C THR A 67 5.86 -9.25 18.55
N ALA A 68 7.14 -8.91 18.65
CA ALA A 68 7.56 -7.69 19.32
C ALA A 68 7.01 -6.45 18.62
N THR A 69 5.80 -6.05 19.01
CA THR A 69 5.16 -4.88 18.43
C THR A 69 5.99 -3.62 18.67
N ASN A 70 6.06 -2.76 17.66
CA ASN A 70 6.82 -1.52 17.76
C ASN A 70 5.89 -0.31 17.74
N PRO A 71 6.24 0.72 18.52
CA PRO A 71 5.46 1.96 18.60
C PRO A 71 5.51 2.78 17.31
N PRO A 72 4.33 3.07 16.75
CA PRO A 72 4.22 3.84 15.50
C PRO A 72 4.59 5.31 15.70
N GLY A 73 5.81 5.65 15.31
CA GLY A 73 6.27 7.02 15.45
C GLY A 73 5.95 7.61 16.81
N LEU A 74 6.03 8.93 16.92
CA LEU A 74 5.75 9.61 18.18
C LEU A 74 4.61 8.92 18.93
N THR A 75 4.74 8.85 20.26
CA THR A 75 3.72 8.21 21.08
C THR A 75 2.37 8.88 20.89
N GLY A 76 1.31 8.19 21.30
CA GLY A 76 -0.03 8.74 21.17
C GLY A 76 -0.70 8.34 19.87
N VAL A 77 -1.55 7.32 19.93
CA VAL A 77 -2.26 6.84 18.74
C VAL A 77 -3.59 6.19 19.12
N GLY A 78 -4.68 6.78 18.63
CA GLY A 78 -6.00 6.25 18.93
C GLY A 78 -7.06 7.32 18.91
ZN ZN B . -1.18 7.70 -2.55
ZN ZN C . -6.63 -4.45 2.22
N GLY A 1 -3.09 6.75 -16.53
CA GLY A 1 -3.10 5.30 -16.66
C GLY A 1 -2.63 4.85 -18.03
N SER A 2 -2.84 3.57 -18.33
CA SER A 2 -2.43 3.01 -19.61
C SER A 2 -3.56 3.08 -20.63
N SER A 3 -3.22 3.45 -21.87
CA SER A 3 -4.21 3.56 -22.93
C SER A 3 -4.26 2.28 -23.76
N GLY A 4 -5.29 1.48 -23.55
CA GLY A 4 -5.43 0.23 -24.29
C GLY A 4 -4.15 -0.57 -24.31
N SER A 5 -4.00 -1.48 -23.35
CA SER A 5 -2.80 -2.30 -23.25
C SER A 5 -3.06 -3.68 -23.86
N SER A 6 -1.98 -4.42 -24.11
CA SER A 6 -2.08 -5.75 -24.69
C SER A 6 -1.67 -6.82 -23.69
N GLY A 7 -2.63 -7.26 -22.87
CA GLY A 7 -2.34 -8.28 -21.88
C GLY A 7 -2.17 -7.69 -20.48
N THR A 8 -1.06 -8.03 -19.84
CA THR A 8 -0.79 -7.54 -18.49
C THR A 8 0.67 -7.75 -18.12
N GLU A 9 1.43 -6.65 -18.07
CA GLU A 9 2.85 -6.72 -17.73
C GLU A 9 3.07 -6.35 -16.26
N GLU A 10 4.16 -6.85 -15.68
CA GLU A 10 4.48 -6.57 -14.30
C GLU A 10 4.32 -5.09 -13.98
N HIS A 11 3.59 -4.79 -12.91
CA HIS A 11 3.36 -3.40 -12.51
C HIS A 11 3.11 -2.52 -13.72
N VAL A 12 2.32 -3.02 -14.66
CA VAL A 12 1.99 -2.27 -15.88
C VAL A 12 1.10 -1.08 -15.56
N GLY A 13 0.49 -1.10 -14.38
CA GLY A 13 -0.38 -0.01 -13.99
C GLY A 13 -1.84 -0.30 -14.28
N SER A 14 -2.29 -1.51 -13.94
CA SER A 14 -3.66 -1.91 -14.18
C SER A 14 -4.53 -1.62 -12.96
N GLY A 15 -5.31 -0.54 -13.03
CA GLY A 15 -6.17 -0.17 -11.93
C GLY A 15 -5.56 -0.50 -10.59
N LEU A 16 -4.32 -0.08 -10.38
CA LEU A 16 -3.63 -0.34 -9.12
C LEU A 16 -3.34 0.96 -8.38
N GLU A 17 -3.67 2.08 -9.01
CA GLU A 17 -3.44 3.39 -8.42
C GLU A 17 -3.71 3.36 -6.91
N CYS A 18 -2.87 4.05 -6.16
CA CYS A 18 -3.01 4.09 -4.70
C CYS A 18 -4.41 4.58 -4.31
N PRO A 19 -5.08 3.80 -3.44
CA PRO A 19 -6.43 4.12 -2.97
C PRO A 19 -6.44 5.33 -2.04
N VAL A 20 -5.35 5.51 -1.30
CA VAL A 20 -5.24 6.63 -0.37
C VAL A 20 -5.52 7.96 -1.07
N CYS A 21 -4.87 8.18 -2.20
CA CYS A 21 -5.06 9.40 -2.97
C CYS A 21 -5.82 9.12 -4.27
N LYS A 22 -5.86 7.85 -4.66
CA LYS A 22 -6.55 7.45 -5.88
C LYS A 22 -5.94 8.12 -7.11
N GLU A 23 -4.61 8.20 -7.13
CA GLU A 23 -3.90 8.81 -8.24
C GLU A 23 -3.29 7.75 -9.15
N ASP A 24 -2.11 7.28 -8.79
CA ASP A 24 -1.43 6.26 -9.58
C ASP A 24 -0.04 5.95 -8.99
N TYR A 25 0.59 4.91 -9.51
CA TYR A 25 1.92 4.51 -9.04
C TYR A 25 3.00 4.99 -9.99
N ALA A 26 4.25 4.59 -9.72
CA ALA A 26 5.37 4.97 -10.55
C ALA A 26 6.59 4.11 -10.25
N LEU A 27 7.25 3.63 -11.30
CA LEU A 27 8.43 2.80 -11.15
C LEU A 27 9.32 3.32 -10.03
N GLY A 28 9.56 4.62 -10.01
CA GLY A 28 10.38 5.22 -8.99
C GLY A 28 9.64 5.46 -7.69
N GLU A 29 8.32 5.58 -7.79
CA GLU A 29 7.48 5.81 -6.62
C GLU A 29 7.50 4.60 -5.69
N SER A 30 8.03 4.80 -4.49
CA SER A 30 8.12 3.73 -3.51
C SER A 30 6.73 3.26 -3.08
N VAL A 31 6.34 2.08 -3.56
CA VAL A 31 5.03 1.52 -3.23
C VAL A 31 5.16 0.43 -2.17
N ARG A 32 4.11 0.28 -1.37
CA ARG A 32 4.10 -0.73 -0.32
C ARG A 32 2.90 -1.66 -0.48
N GLN A 33 3.16 -2.96 -0.33
CA GLN A 33 2.10 -3.96 -0.46
C GLN A 33 1.65 -4.46 0.91
N LEU A 34 0.35 -4.67 1.06
CA LEU A 34 -0.21 -5.14 2.32
C LEU A 34 -0.46 -6.64 2.27
N PRO A 35 -0.59 -7.27 3.45
CA PRO A 35 -0.84 -8.70 3.57
C PRO A 35 -2.24 -9.09 3.11
N CYS A 36 -2.96 -8.12 2.56
CA CYS A 36 -4.32 -8.36 2.08
C CYS A 36 -4.39 -8.21 0.57
N ASN A 37 -3.23 -8.17 -0.08
CA ASN A 37 -3.16 -8.03 -1.53
C ASN A 37 -3.52 -6.61 -1.96
N HIS A 38 -3.22 -5.65 -1.10
CA HIS A 38 -3.51 -4.25 -1.38
C HIS A 38 -2.24 -3.40 -1.29
N LEU A 39 -1.95 -2.67 -2.36
CA LEU A 39 -0.77 -1.82 -2.41
C LEU A 39 -1.12 -0.38 -2.06
N PHE A 40 -0.13 0.38 -1.62
CA PHE A 40 -0.33 1.77 -1.26
C PHE A 40 0.99 2.55 -1.28
N HIS A 41 0.91 3.82 -1.67
CA HIS A 41 2.09 4.67 -1.75
C HIS A 41 2.86 4.65 -0.43
N ASP A 42 4.19 4.51 -0.52
CA ASP A 42 5.03 4.48 0.67
C ASP A 42 4.91 5.79 1.45
N SER A 43 4.22 6.77 0.88
CA SER A 43 4.03 8.06 1.52
C SER A 43 2.58 8.27 1.92
N CYS A 44 1.73 7.31 1.57
CA CYS A 44 0.31 7.38 1.88
C CYS A 44 -0.07 6.35 2.94
N ILE A 45 0.61 5.21 2.91
CA ILE A 45 0.35 4.14 3.87
C ILE A 45 1.16 4.33 5.13
N VAL A 46 2.45 4.62 4.97
CA VAL A 46 3.34 4.83 6.11
C VAL A 46 2.66 5.65 7.19
N PRO A 47 2.21 6.86 6.83
CA PRO A 47 1.54 7.78 7.75
C PRO A 47 0.16 7.27 8.15
N TRP A 48 -0.35 6.28 7.42
CA TRP A 48 -1.66 5.71 7.70
C TRP A 48 -1.57 4.64 8.77
N LEU A 49 -0.78 3.60 8.50
CA LEU A 49 -0.61 2.50 9.45
C LEU A 49 -0.15 3.02 10.81
N GLU A 50 0.64 4.09 10.79
CA GLU A 50 1.15 4.69 12.03
C GLU A 50 0.03 5.40 12.79
N GLN A 51 -1.18 5.36 12.22
CA GLN A 51 -2.33 6.00 12.84
C GLN A 51 -3.47 5.01 13.04
N HIS A 52 -3.62 4.10 12.08
CA HIS A 52 -4.68 3.10 12.15
C HIS A 52 -4.09 1.70 12.28
N ASP A 53 -2.86 1.52 11.78
CA ASP A 53 -2.18 0.24 11.84
C ASP A 53 -2.98 -0.84 11.10
N SER A 54 -3.65 -0.42 10.03
CA SER A 54 -4.45 -1.35 9.24
C SER A 54 -4.56 -0.87 7.79
N CYS A 55 -5.35 -1.58 7.00
CA CYS A 55 -5.53 -1.23 5.58
C CYS A 55 -6.60 -0.15 5.43
N PRO A 56 -6.26 0.93 4.73
CA PRO A 56 -7.17 2.05 4.48
C PRO A 56 -8.30 1.68 3.53
N VAL A 57 -8.33 0.42 3.13
CA VAL A 57 -9.36 -0.07 2.22
C VAL A 57 -10.23 -1.14 2.89
N CYS A 58 -9.64 -2.30 3.13
CA CYS A 58 -10.35 -3.41 3.76
C CYS A 58 -10.15 -3.38 5.28
N ARG A 59 -9.13 -2.65 5.72
CA ARG A 59 -8.83 -2.55 7.15
C ARG A 59 -8.53 -3.93 7.74
N LYS A 60 -7.77 -4.73 7.01
CA LYS A 60 -7.41 -6.07 7.46
C LYS A 60 -6.41 -6.00 8.61
N SER A 61 -6.71 -6.69 9.70
CA SER A 61 -5.84 -6.70 10.87
C SER A 61 -4.44 -7.14 10.48
N LEU A 62 -3.50 -6.19 10.46
CA LEU A 62 -2.12 -6.47 10.10
C LEU A 62 -1.36 -7.03 11.31
N THR A 63 -2.02 -7.91 12.05
CA THR A 63 -1.40 -8.53 13.22
C THR A 63 -2.01 -9.89 13.51
N GLY A 64 -1.17 -10.83 13.96
CA GLY A 64 -1.65 -12.16 14.28
C GLY A 64 -0.81 -13.24 13.61
N GLN A 65 -1.05 -13.43 12.31
CA GLN A 65 -0.31 -14.45 11.56
C GLN A 65 0.77 -13.81 10.69
N ASN A 66 1.48 -12.84 11.27
CA ASN A 66 2.54 -12.14 10.55
C ASN A 66 3.87 -12.26 11.29
N THR A 67 4.96 -12.11 10.56
CA THR A 67 6.29 -12.21 11.16
C THR A 67 7.02 -10.87 11.08
N ALA A 68 7.08 -10.32 9.87
CA ALA A 68 7.75 -9.03 9.65
C ALA A 68 6.75 -7.88 9.64
N THR A 69 6.57 -7.25 10.79
CA THR A 69 5.65 -6.13 10.91
C THR A 69 6.39 -4.82 11.12
N ASN A 70 6.44 -4.00 10.08
CA ASN A 70 7.11 -2.71 10.16
C ASN A 70 6.88 -2.05 11.50
N PRO A 71 7.99 -1.70 12.19
CA PRO A 71 7.92 -1.06 13.50
C PRO A 71 7.40 0.38 13.42
N PRO A 72 6.45 0.71 14.31
CA PRO A 72 5.84 2.05 14.35
C PRO A 72 6.83 3.11 14.86
N GLY A 73 6.97 4.18 14.10
CA GLY A 73 7.88 5.25 14.48
C GLY A 73 7.33 6.08 15.63
N LEU A 74 6.24 6.80 15.36
CA LEU A 74 5.62 7.64 16.39
C LEU A 74 5.19 6.82 17.59
N THR A 75 5.87 7.03 18.71
CA THR A 75 5.55 6.30 19.95
C THR A 75 4.08 6.45 20.31
N GLY A 76 3.60 7.69 20.30
CA GLY A 76 2.20 7.94 20.63
C GLY A 76 1.31 8.02 19.40
N VAL A 77 1.31 6.94 18.61
CA VAL A 77 0.50 6.90 17.40
C VAL A 77 -0.80 7.67 17.58
N GLY A 78 -1.03 8.65 16.70
CA GLY A 78 -2.25 9.44 16.79
C GLY A 78 -3.36 8.88 15.91
ZN ZN B . -1.15 7.73 -2.56
ZN ZN C . -6.55 -4.37 2.21
N GLY A 1 -14.48 -6.74 -31.84
CA GLY A 1 -14.29 -5.41 -31.28
C GLY A 1 -13.05 -4.73 -31.82
N SER A 2 -11.94 -4.90 -31.12
CA SER A 2 -10.68 -4.28 -31.52
C SER A 2 -9.50 -5.19 -31.18
N SER A 3 -8.72 -5.55 -32.20
CA SER A 3 -7.57 -6.41 -32.01
C SER A 3 -6.68 -5.90 -30.87
N GLY A 4 -6.50 -6.74 -29.85
CA GLY A 4 -5.68 -6.36 -28.72
C GLY A 4 -6.06 -7.11 -27.45
N SER A 5 -6.11 -6.39 -26.34
CA SER A 5 -6.45 -7.00 -25.05
C SER A 5 -5.51 -8.14 -24.72
N SER A 6 -4.21 -7.91 -24.92
CA SER A 6 -3.20 -8.93 -24.65
C SER A 6 -1.93 -8.29 -24.09
N GLY A 7 -1.05 -9.14 -23.56
CA GLY A 7 0.20 -8.63 -23.00
C GLY A 7 0.14 -8.49 -21.49
N THR A 8 1.05 -9.18 -20.80
CA THR A 8 1.10 -9.12 -19.35
C THR A 8 2.35 -8.40 -18.86
N GLU A 9 2.27 -7.08 -18.77
CA GLU A 9 3.40 -6.28 -18.32
C GLU A 9 3.59 -6.40 -16.81
N GLU A 10 4.71 -5.90 -16.32
CA GLU A 10 5.01 -5.95 -14.89
C GLU A 10 4.91 -4.55 -14.26
N HIS A 11 3.79 -4.29 -13.59
CA HIS A 11 3.57 -3.00 -12.95
C HIS A 11 3.40 -1.89 -13.99
N VAL A 12 2.52 -2.14 -14.96
CA VAL A 12 2.27 -1.17 -16.01
C VAL A 12 1.28 -0.09 -15.54
N GLY A 13 0.39 -0.47 -14.63
CA GLY A 13 -0.60 0.46 -14.12
C GLY A 13 -2.02 -0.01 -14.35
N SER A 14 -2.26 -1.29 -14.10
CA SER A 14 -3.59 -1.86 -14.29
C SER A 14 -4.48 -1.59 -13.07
N GLY A 15 -5.23 -0.49 -13.13
CA GLY A 15 -6.11 -0.14 -12.03
C GLY A 15 -5.51 -0.48 -10.68
N LEU A 16 -4.28 -0.04 -10.44
CA LEU A 16 -3.60 -0.31 -9.18
C LEU A 16 -3.31 0.98 -8.43
N GLU A 17 -3.64 2.11 -9.05
CA GLU A 17 -3.41 3.42 -8.45
C GLU A 17 -3.68 3.37 -6.94
N CYS A 18 -2.85 4.06 -6.18
CA CYS A 18 -3.00 4.10 -4.73
C CYS A 18 -4.39 4.58 -4.33
N PRO A 19 -5.07 3.80 -3.47
CA PRO A 19 -6.41 4.13 -3.00
C PRO A 19 -6.43 5.33 -2.06
N VAL A 20 -5.34 5.51 -1.32
CA VAL A 20 -5.22 6.63 -0.39
C VAL A 20 -5.51 7.95 -1.08
N CYS A 21 -4.86 8.18 -2.21
CA CYS A 21 -5.04 9.41 -2.98
C CYS A 21 -5.82 9.14 -4.27
N LYS A 22 -5.81 7.88 -4.70
CA LYS A 22 -6.51 7.49 -5.92
C LYS A 22 -5.89 8.15 -7.14
N GLU A 23 -4.56 8.22 -7.17
CA GLU A 23 -3.86 8.83 -8.28
C GLU A 23 -3.26 7.76 -9.20
N ASP A 24 -2.07 7.29 -8.83
CA ASP A 24 -1.38 6.26 -9.61
C ASP A 24 -0.02 5.95 -9.01
N TYR A 25 0.62 4.90 -9.52
CA TYR A 25 1.94 4.49 -9.04
C TYR A 25 3.03 4.95 -9.99
N ALA A 26 4.27 4.54 -9.69
CA ALA A 26 5.40 4.91 -10.52
C ALA A 26 6.62 4.05 -10.20
N LEU A 27 7.24 3.49 -11.23
CA LEU A 27 8.42 2.64 -11.05
C LEU A 27 9.31 3.18 -9.94
N GLY A 28 9.60 4.47 -9.99
CA GLY A 28 10.44 5.10 -8.97
C GLY A 28 9.69 5.33 -7.67
N GLU A 29 8.37 5.49 -7.77
CA GLU A 29 7.55 5.73 -6.59
C GLU A 29 7.58 4.53 -5.65
N SER A 30 8.07 4.75 -4.44
CA SER A 30 8.15 3.69 -3.45
C SER A 30 6.76 3.23 -3.02
N VAL A 31 6.34 2.07 -3.53
CA VAL A 31 5.04 1.52 -3.20
C VAL A 31 5.16 0.43 -2.15
N ARG A 32 4.10 0.27 -1.36
CA ARG A 32 4.08 -0.73 -0.30
C ARG A 32 2.89 -1.66 -0.46
N GLN A 33 3.14 -2.97 -0.30
CA GLN A 33 2.08 -3.96 -0.44
C GLN A 33 1.61 -4.45 0.93
N LEU A 34 0.31 -4.67 1.06
CA LEU A 34 -0.26 -5.12 2.32
C LEU A 34 -0.52 -6.63 2.28
N PRO A 35 -0.67 -7.24 3.46
CA PRO A 35 -0.92 -8.68 3.59
C PRO A 35 -2.32 -9.06 3.12
N CYS A 36 -3.03 -8.09 2.55
CA CYS A 36 -4.38 -8.33 2.05
C CYS A 36 -4.44 -8.20 0.53
N ASN A 37 -3.26 -8.15 -0.09
CA ASN A 37 -3.17 -8.03 -1.54
C ASN A 37 -3.52 -6.62 -2.00
N HIS A 38 -3.23 -5.64 -1.15
CA HIS A 38 -3.51 -4.24 -1.45
C HIS A 38 -2.25 -3.40 -1.35
N LEU A 39 -1.94 -2.66 -2.41
CA LEU A 39 -0.76 -1.81 -2.44
C LEU A 39 -1.11 -0.37 -2.10
N PHE A 40 -0.13 0.39 -1.63
CA PHE A 40 -0.33 1.78 -1.28
C PHE A 40 0.99 2.55 -1.28
N HIS A 41 0.92 3.82 -1.70
CA HIS A 41 2.10 4.67 -1.75
C HIS A 41 2.85 4.65 -0.43
N ASP A 42 4.18 4.50 -0.50
CA ASP A 42 5.01 4.46 0.69
C ASP A 42 4.90 5.77 1.48
N SER A 43 4.23 6.76 0.89
CA SER A 43 4.05 8.05 1.52
C SER A 43 2.60 8.27 1.93
N CYS A 44 1.74 7.32 1.55
CA CYS A 44 0.32 7.41 1.87
C CYS A 44 -0.06 6.39 2.94
N ILE A 45 0.59 5.22 2.89
CA ILE A 45 0.33 4.16 3.85
C ILE A 45 1.15 4.35 5.11
N VAL A 46 2.43 4.65 4.95
CA VAL A 46 3.33 4.86 6.08
C VAL A 46 2.65 5.67 7.17
N PRO A 47 2.19 6.88 6.81
CA PRO A 47 1.52 7.79 7.74
C PRO A 47 0.14 7.28 8.16
N TRP A 48 -0.34 6.27 7.44
CA TRP A 48 -1.66 5.69 7.73
C TRP A 48 -1.55 4.61 8.79
N LEU A 49 -0.74 3.59 8.51
CA LEU A 49 -0.56 2.48 9.44
C LEU A 49 -0.10 3.00 10.81
N GLU A 50 0.67 4.07 10.80
CA GLU A 50 1.17 4.66 12.04
C GLU A 50 0.05 5.37 12.79
N GLN A 51 -1.16 5.30 12.24
CA GLN A 51 -2.31 5.94 12.86
C GLN A 51 -3.46 4.95 13.04
N HIS A 52 -3.60 4.04 12.09
CA HIS A 52 -4.66 3.03 12.15
C HIS A 52 -4.06 1.64 12.33
N ASP A 53 -2.92 1.39 11.68
CA ASP A 53 -2.25 0.11 11.78
C ASP A 53 -3.02 -0.97 11.01
N SER A 54 -3.74 -0.53 9.98
CA SER A 54 -4.52 -1.46 9.16
C SER A 54 -4.67 -0.92 7.74
N CYS A 55 -5.28 -1.72 6.87
CA CYS A 55 -5.48 -1.34 5.48
C CYS A 55 -6.56 -0.27 5.37
N PRO A 56 -6.23 0.85 4.69
CA PRO A 56 -7.16 1.96 4.50
C PRO A 56 -8.29 1.62 3.54
N VAL A 57 -8.33 0.37 3.12
CA VAL A 57 -9.36 -0.10 2.19
C VAL A 57 -10.24 -1.16 2.85
N CYS A 58 -9.61 -2.24 3.30
CA CYS A 58 -10.34 -3.33 3.94
C CYS A 58 -10.00 -3.40 5.44
N ARG A 59 -8.96 -2.67 5.83
CA ARG A 59 -8.55 -2.65 7.24
C ARG A 59 -8.24 -4.06 7.74
N LYS A 60 -7.56 -4.84 6.90
CA LYS A 60 -7.20 -6.20 7.25
C LYS A 60 -6.25 -6.23 8.44
N SER A 61 -6.74 -6.71 9.58
CA SER A 61 -5.92 -6.77 10.79
C SER A 61 -4.50 -7.23 10.47
N LEU A 62 -3.57 -6.28 10.45
CA LEU A 62 -2.18 -6.58 10.15
C LEU A 62 -1.47 -7.15 11.38
N THR A 63 -2.16 -8.05 12.09
CA THR A 63 -1.59 -8.66 13.28
C THR A 63 -2.26 -10.01 13.57
N GLY A 64 -1.44 -11.04 13.73
CA GLY A 64 -1.97 -12.36 14.01
C GLY A 64 -0.95 -13.27 14.69
N GLN A 65 0.12 -13.59 13.98
CA GLN A 65 1.17 -14.44 14.53
C GLN A 65 2.50 -13.72 14.54
N ASN A 66 2.92 -13.24 13.38
CA ASN A 66 4.19 -12.53 13.25
C ASN A 66 3.96 -11.04 13.03
N THR A 67 4.15 -10.25 14.08
CA THR A 67 3.97 -8.81 14.01
C THR A 67 5.23 -8.12 13.51
N ALA A 68 5.17 -7.55 12.32
CA ALA A 68 6.31 -6.86 11.73
C ALA A 68 5.98 -5.40 11.46
N THR A 69 5.34 -4.74 12.42
CA THR A 69 4.96 -3.35 12.28
C THR A 69 5.97 -2.43 12.96
N ASN A 70 6.40 -1.40 12.26
CA ASN A 70 7.38 -0.45 12.79
C ASN A 70 6.76 0.41 13.88
N PRO A 71 7.61 0.93 14.77
CA PRO A 71 7.16 1.79 15.88
C PRO A 71 6.67 3.15 15.40
N PRO A 72 5.71 3.73 16.13
CA PRO A 72 5.15 5.04 15.81
C PRO A 72 6.14 6.18 16.03
N GLY A 73 5.80 7.35 15.52
CA GLY A 73 6.67 8.50 15.67
C GLY A 73 6.82 8.94 17.12
N LEU A 74 7.81 9.77 17.40
CA LEU A 74 8.05 10.26 18.75
C LEU A 74 7.27 11.55 19.01
N THR A 75 7.48 12.54 18.15
CA THR A 75 6.80 13.82 18.29
C THR A 75 5.29 13.67 18.10
N GLY A 76 4.91 12.99 17.03
CA GLY A 76 3.50 12.78 16.75
C GLY A 76 3.19 12.80 15.27
N VAL A 77 3.99 12.07 14.49
CA VAL A 77 3.81 12.02 13.04
C VAL A 77 3.33 13.35 12.49
N GLY A 78 3.91 14.44 13.01
CA GLY A 78 3.54 15.76 12.56
C GLY A 78 3.33 16.72 13.71
ZN ZN B . -1.14 7.73 -2.56
ZN ZN C . -6.71 -4.32 2.05
N GLY A 1 -21.37 -7.45 -23.63
CA GLY A 1 -19.96 -7.16 -23.84
C GLY A 1 -19.22 -6.89 -22.56
N SER A 2 -18.42 -7.87 -22.12
CA SER A 2 -17.66 -7.73 -20.89
C SER A 2 -16.28 -8.36 -21.03
N SER A 3 -15.37 -8.01 -20.13
CA SER A 3 -14.01 -8.53 -20.16
C SER A 3 -13.57 -8.98 -18.77
N GLY A 4 -12.43 -9.66 -18.71
CA GLY A 4 -11.91 -10.14 -17.44
C GLY A 4 -10.59 -10.86 -17.59
N SER A 5 -9.53 -10.10 -17.81
CA SER A 5 -8.19 -10.68 -17.97
C SER A 5 -7.14 -9.81 -17.28
N SER A 6 -6.51 -10.38 -16.25
CA SER A 6 -5.48 -9.66 -15.51
C SER A 6 -4.24 -9.42 -16.37
N GLY A 7 -3.65 -10.50 -16.85
CA GLY A 7 -2.47 -10.39 -17.69
C GLY A 7 -1.23 -10.97 -17.03
N THR A 8 -0.15 -11.10 -17.80
CA THR A 8 1.09 -11.65 -17.28
C THR A 8 2.17 -10.56 -17.16
N GLU A 9 1.74 -9.34 -16.86
CA GLU A 9 2.66 -8.23 -16.71
C GLU A 9 3.13 -8.08 -15.27
N GLU A 10 4.17 -7.27 -15.06
CA GLU A 10 4.70 -7.05 -13.73
C GLU A 10 4.72 -5.57 -13.38
N HIS A 11 3.67 -5.12 -12.70
CA HIS A 11 3.55 -3.72 -12.31
C HIS A 11 3.42 -2.82 -13.54
N VAL A 12 2.51 -3.17 -14.43
CA VAL A 12 2.29 -2.39 -15.65
C VAL A 12 1.41 -1.18 -15.37
N GLY A 13 0.71 -1.21 -14.24
CA GLY A 13 -0.16 -0.10 -13.89
C GLY A 13 -1.61 -0.36 -14.23
N SER A 14 -2.09 -1.55 -13.87
CA SER A 14 -3.48 -1.92 -14.16
C SER A 14 -4.37 -1.65 -12.96
N GLY A 15 -5.16 -0.58 -13.05
CA GLY A 15 -6.05 -0.22 -11.97
C GLY A 15 -5.46 -0.53 -10.60
N LEU A 16 -4.21 -0.15 -10.40
CA LEU A 16 -3.52 -0.39 -9.13
C LEU A 16 -3.26 0.92 -8.40
N GLU A 17 -3.57 2.04 -9.06
CA GLU A 17 -3.37 3.35 -8.46
C GLU A 17 -3.64 3.33 -6.97
N CYS A 18 -2.81 4.03 -6.20
CA CYS A 18 -2.97 4.09 -4.75
C CYS A 18 -4.36 4.58 -4.36
N PRO A 19 -5.04 3.80 -3.51
CA PRO A 19 -6.39 4.13 -3.04
C PRO A 19 -6.41 5.35 -2.12
N VAL A 20 -5.33 5.53 -1.37
CA VAL A 20 -5.22 6.66 -0.45
C VAL A 20 -5.50 7.98 -1.15
N CYS A 21 -4.85 8.18 -2.30
CA CYS A 21 -5.03 9.40 -3.07
C CYS A 21 -5.79 9.11 -4.37
N LYS A 22 -5.82 7.84 -4.76
CA LYS A 22 -6.51 7.43 -5.99
C LYS A 22 -5.88 8.09 -7.20
N GLU A 23 -4.56 8.17 -7.22
CA GLU A 23 -3.83 8.78 -8.33
C GLU A 23 -3.22 7.71 -9.24
N ASP A 24 -2.04 7.24 -8.86
CA ASP A 24 -1.34 6.22 -9.63
C ASP A 24 0.02 5.91 -9.03
N TYR A 25 0.66 4.86 -9.53
CA TYR A 25 1.98 4.46 -9.04
C TYR A 25 3.07 4.92 -10.00
N ALA A 26 4.31 4.51 -9.71
CA ALA A 26 5.45 4.88 -10.54
C ALA A 26 6.69 4.07 -10.16
N LEU A 27 7.37 3.53 -11.17
CA LEU A 27 8.56 2.74 -10.95
C LEU A 27 9.41 3.33 -9.82
N GLY A 28 9.67 4.63 -9.91
CA GLY A 28 10.47 5.30 -8.89
C GLY A 28 9.69 5.52 -7.60
N GLU A 29 8.36 5.55 -7.71
CA GLU A 29 7.52 5.76 -6.54
C GLU A 29 7.56 4.55 -5.62
N SER A 30 8.06 4.75 -4.41
CA SER A 30 8.16 3.68 -3.43
C SER A 30 6.77 3.21 -3.00
N VAL A 31 6.34 2.07 -3.54
CA VAL A 31 5.04 1.51 -3.21
C VAL A 31 5.16 0.42 -2.15
N ARG A 32 4.10 0.26 -1.36
CA ARG A 32 4.08 -0.74 -0.31
C ARG A 32 2.89 -1.67 -0.46
N GLN A 33 3.14 -2.97 -0.30
CA GLN A 33 2.08 -3.97 -0.43
C GLN A 33 1.62 -4.45 0.94
N LEU A 34 0.31 -4.64 1.08
CA LEU A 34 -0.26 -5.09 2.34
C LEU A 34 -0.51 -6.60 2.31
N PRO A 35 -0.66 -7.20 3.50
CA PRO A 35 -0.90 -8.64 3.64
C PRO A 35 -2.30 -9.03 3.17
N CYS A 36 -3.02 -8.07 2.60
CA CYS A 36 -4.36 -8.32 2.11
C CYS A 36 -4.41 -8.19 0.58
N ASN A 37 -3.24 -8.13 -0.05
CA ASN A 37 -3.16 -8.00 -1.49
C ASN A 37 -3.51 -6.59 -1.94
N HIS A 38 -3.24 -5.62 -1.07
CA HIS A 38 -3.52 -4.22 -1.38
C HIS A 38 -2.26 -3.38 -1.29
N LEU A 39 -1.96 -2.65 -2.36
CA LEU A 39 -0.78 -1.80 -2.41
C LEU A 39 -1.12 -0.36 -2.07
N PHE A 40 -0.13 0.40 -1.62
CA PHE A 40 -0.33 1.79 -1.27
C PHE A 40 1.00 2.56 -1.29
N HIS A 41 0.93 3.83 -1.67
CA HIS A 41 2.11 4.68 -1.73
C HIS A 41 2.87 4.67 -0.40
N ASP A 42 4.19 4.50 -0.47
CA ASP A 42 5.01 4.46 0.72
C ASP A 42 4.89 5.78 1.51
N SER A 43 4.24 6.76 0.90
CA SER A 43 4.07 8.06 1.53
C SER A 43 2.61 8.27 1.94
N CYS A 44 1.75 7.34 1.53
CA CYS A 44 0.33 7.42 1.85
C CYS A 44 -0.04 6.40 2.91
N ILE A 45 0.61 5.24 2.87
CA ILE A 45 0.35 4.18 3.84
C ILE A 45 1.17 4.37 5.10
N VAL A 46 2.46 4.68 4.94
CA VAL A 46 3.35 4.89 6.07
C VAL A 46 2.66 5.68 7.16
N PRO A 47 2.19 6.89 6.82
CA PRO A 47 1.50 7.78 7.77
C PRO A 47 0.13 7.25 8.17
N TRP A 48 -0.37 6.27 7.41
CA TRP A 48 -1.66 5.67 7.69
C TRP A 48 -1.55 4.59 8.75
N LEU A 49 -0.74 3.58 8.48
CA LEU A 49 -0.55 2.47 9.42
C LEU A 49 -0.13 3.00 10.78
N GLU A 50 0.64 4.08 10.79
CA GLU A 50 1.12 4.67 12.03
C GLU A 50 -0.02 5.42 12.74
N GLN A 51 -1.22 5.32 12.19
CA GLN A 51 -2.38 5.98 12.77
C GLN A 51 -3.53 5.01 12.95
N HIS A 52 -3.66 4.07 12.01
CA HIS A 52 -4.72 3.07 12.06
C HIS A 52 -4.14 1.66 12.13
N ASP A 53 -2.86 1.54 11.81
CA ASP A 53 -2.18 0.25 11.83
C ASP A 53 -2.99 -0.81 11.08
N SER A 54 -3.71 -0.36 10.06
CA SER A 54 -4.53 -1.26 9.25
C SER A 54 -4.63 -0.77 7.81
N CYS A 55 -5.34 -1.52 6.99
CA CYS A 55 -5.51 -1.17 5.58
C CYS A 55 -6.57 -0.09 5.42
N PRO A 56 -6.22 0.99 4.70
CA PRO A 56 -7.13 2.12 4.46
C PRO A 56 -8.27 1.75 3.51
N VAL A 57 -8.30 0.48 3.12
CA VAL A 57 -9.34 -0.01 2.21
C VAL A 57 -10.21 -1.06 2.88
N CYS A 58 -9.63 -2.22 3.14
CA CYS A 58 -10.35 -3.31 3.79
C CYS A 58 -10.14 -3.29 5.31
N ARG A 59 -9.11 -2.56 5.74
CA ARG A 59 -8.81 -2.46 7.16
C ARG A 59 -8.51 -3.83 7.75
N LYS A 60 -7.72 -4.63 7.04
CA LYS A 60 -7.36 -5.97 7.49
C LYS A 60 -6.35 -5.90 8.62
N SER A 61 -6.65 -6.57 9.73
CA SER A 61 -5.77 -6.58 10.89
C SER A 61 -4.37 -7.04 10.50
N LEU A 62 -3.42 -6.10 10.51
CA LEU A 62 -2.04 -6.41 10.16
C LEU A 62 -1.29 -6.98 11.35
N THR A 63 -1.96 -7.82 12.12
CA THR A 63 -1.36 -8.44 13.30
C THR A 63 -2.10 -9.70 13.71
N GLY A 64 -1.37 -10.68 14.21
CA GLY A 64 -1.98 -11.93 14.64
C GLY A 64 -1.19 -13.14 14.21
N GLN A 65 -1.09 -13.37 12.91
CA GLN A 65 -0.36 -14.50 12.37
C GLN A 65 0.95 -14.71 13.13
N ASN A 66 1.12 -15.91 13.69
CA ASN A 66 2.32 -16.24 14.44
C ASN A 66 2.73 -15.07 15.34
N THR A 67 1.75 -14.47 16.00
CA THR A 67 2.01 -13.34 16.89
C THR A 67 2.92 -12.31 16.22
N ALA A 68 2.57 -11.91 15.00
CA ALA A 68 3.34 -10.93 14.26
C ALA A 68 2.96 -9.51 14.65
N THR A 69 3.46 -9.07 15.80
CA THR A 69 3.16 -7.73 16.29
C THR A 69 4.02 -6.69 15.59
N ASN A 70 3.48 -6.07 14.54
CA ASN A 70 4.19 -5.05 13.79
C ASN A 70 3.88 -3.66 14.31
N PRO A 71 4.87 -3.03 14.96
CA PRO A 71 4.72 -1.68 15.53
C PRO A 71 4.60 -0.61 14.44
N PRO A 72 3.87 0.47 14.75
CA PRO A 72 3.67 1.59 13.83
C PRO A 72 4.94 2.39 13.60
N GLY A 73 5.55 2.21 12.43
CA GLY A 73 6.77 2.93 12.11
C GLY A 73 7.75 2.96 13.28
N LEU A 74 7.96 4.15 13.82
CA LEU A 74 8.88 4.33 14.95
C LEU A 74 8.19 3.97 16.26
N THR A 75 8.58 2.83 16.83
CA THR A 75 8.01 2.37 18.10
C THR A 75 7.77 3.54 19.04
N GLY A 76 6.51 3.75 19.42
CA GLY A 76 6.18 4.83 20.32
C GLY A 76 5.29 5.87 19.68
N VAL A 77 3.97 5.69 19.82
CA VAL A 77 3.01 6.63 19.24
C VAL A 77 1.94 7.02 20.25
N GLY A 78 1.48 6.04 21.02
CA GLY A 78 0.46 6.30 22.03
C GLY A 78 0.42 5.23 23.11
ZN ZN B . -1.13 7.75 -2.61
ZN ZN C . -6.65 -4.27 2.21
N GLY A 1 7.52 4.03 -33.58
CA GLY A 1 6.80 2.84 -33.17
C GLY A 1 5.92 3.08 -31.95
N SER A 2 5.07 4.10 -32.03
CA SER A 2 4.18 4.43 -30.92
C SER A 2 3.12 3.35 -30.73
N SER A 3 3.40 2.42 -29.82
CA SER A 3 2.47 1.33 -29.55
C SER A 3 1.73 1.56 -28.23
N GLY A 4 0.57 0.94 -28.09
CA GLY A 4 -0.22 1.09 -26.87
C GLY A 4 -0.07 -0.10 -25.94
N SER A 5 -1.15 -0.86 -25.81
CA SER A 5 -1.15 -2.04 -24.93
C SER A 5 -0.87 -3.31 -25.73
N SER A 6 0.06 -4.12 -25.22
CA SER A 6 0.41 -5.37 -25.90
C SER A 6 -0.10 -6.58 -25.11
N GLY A 7 0.39 -6.71 -23.88
CA GLY A 7 -0.03 -7.83 -23.03
C GLY A 7 -0.18 -7.43 -21.58
N THR A 8 0.39 -8.24 -20.69
CA THR A 8 0.31 -7.97 -19.26
C THR A 8 1.69 -7.83 -18.65
N GLU A 9 2.22 -6.60 -18.66
CA GLU A 9 3.54 -6.34 -18.11
C GLU A 9 3.56 -6.60 -16.60
N GLU A 10 4.68 -6.25 -15.96
CA GLU A 10 4.83 -6.44 -14.52
C GLU A 10 4.61 -5.13 -13.77
N HIS A 11 3.36 -4.89 -13.38
CA HIS A 11 3.02 -3.67 -12.65
C HIS A 11 3.00 -2.46 -13.58
N VAL A 12 2.44 -2.65 -14.78
CA VAL A 12 2.37 -1.58 -15.76
C VAL A 12 1.49 -0.43 -15.25
N GLY A 13 0.31 -0.77 -14.74
CA GLY A 13 -0.60 0.24 -14.23
C GLY A 13 -2.05 -0.14 -14.42
N SER A 14 -2.35 -1.41 -14.19
CA SER A 14 -3.72 -1.91 -14.35
C SER A 14 -4.54 -1.61 -13.10
N GLY A 15 -5.31 -0.53 -13.14
CA GLY A 15 -6.13 -0.16 -12.01
C GLY A 15 -5.50 -0.51 -10.68
N LEU A 16 -4.27 -0.03 -10.47
CA LEU A 16 -3.54 -0.31 -9.24
C LEU A 16 -3.26 0.98 -8.47
N GLU A 17 -3.64 2.12 -9.07
CA GLU A 17 -3.43 3.41 -8.45
C GLU A 17 -3.70 3.35 -6.94
N CYS A 18 -2.87 4.03 -6.17
CA CYS A 18 -3.02 4.05 -4.72
C CYS A 18 -4.42 4.51 -4.32
N PRO A 19 -5.08 3.72 -3.46
CA PRO A 19 -6.43 4.03 -2.98
C PRO A 19 -6.46 5.23 -2.05
N VAL A 20 -5.37 5.42 -1.31
CA VAL A 20 -5.27 6.54 -0.37
C VAL A 20 -5.58 7.86 -1.06
N CYS A 21 -4.92 8.11 -2.19
CA CYS A 21 -5.13 9.34 -2.95
C CYS A 21 -5.90 9.06 -4.23
N LYS A 22 -5.85 7.81 -4.68
CA LYS A 22 -6.55 7.41 -5.90
C LYS A 22 -5.94 8.09 -7.12
N GLU A 23 -4.61 8.20 -7.14
CA GLU A 23 -3.92 8.82 -8.25
C GLU A 23 -3.29 7.77 -9.16
N ASP A 24 -2.10 7.31 -8.81
CA ASP A 24 -1.41 6.30 -9.61
C ASP A 24 -0.03 6.00 -9.02
N TYR A 25 0.61 4.96 -9.52
CA TYR A 25 1.93 4.56 -9.06
C TYR A 25 3.02 5.02 -10.02
N ALA A 26 4.26 4.64 -9.73
CA ALA A 26 5.39 5.00 -10.57
C ALA A 26 6.59 4.11 -10.30
N LEU A 27 7.17 3.56 -11.36
CA LEU A 27 8.33 2.68 -11.24
C LEU A 27 9.24 3.15 -10.11
N GLY A 28 9.52 4.45 -10.07
CA GLY A 28 10.38 5.00 -9.04
C GLY A 28 9.64 5.25 -7.74
N GLU A 29 8.33 5.50 -7.84
CA GLU A 29 7.51 5.75 -6.66
C GLU A 29 7.54 4.56 -5.71
N SER A 30 8.03 4.79 -4.50
CA SER A 30 8.12 3.74 -3.49
C SER A 30 6.74 3.28 -3.05
N VAL A 31 6.33 2.10 -3.54
CA VAL A 31 5.03 1.55 -3.20
C VAL A 31 5.16 0.45 -2.15
N ARG A 32 4.10 0.28 -1.36
CA ARG A 32 4.09 -0.74 -0.32
C ARG A 32 2.90 -1.67 -0.48
N GLN A 33 3.16 -2.97 -0.35
CA GLN A 33 2.11 -3.97 -0.48
C GLN A 33 1.64 -4.47 0.88
N LEU A 34 0.34 -4.71 1.01
CA LEU A 34 -0.23 -5.17 2.26
C LEU A 34 -0.46 -6.69 2.23
N PRO A 35 -0.60 -7.30 3.41
CA PRO A 35 -0.83 -8.74 3.53
C PRO A 35 -2.23 -9.14 3.06
N CYS A 36 -2.96 -8.18 2.50
CA CYS A 36 -4.31 -8.44 2.00
C CYS A 36 -4.37 -8.29 0.49
N ASN A 37 -3.20 -8.21 -0.14
CA ASN A 37 -3.12 -8.07 -1.59
C ASN A 37 -3.48 -6.65 -2.02
N HIS A 38 -3.17 -5.68 -1.17
CA HIS A 38 -3.47 -4.28 -1.46
C HIS A 38 -2.21 -3.42 -1.35
N LEU A 39 -1.92 -2.68 -2.41
CA LEU A 39 -0.74 -1.82 -2.45
C LEU A 39 -1.10 -0.39 -2.10
N PHE A 40 -0.12 0.37 -1.62
CA PHE A 40 -0.34 1.76 -1.26
C PHE A 40 0.97 2.54 -1.27
N HIS A 41 0.89 3.81 -1.68
CA HIS A 41 2.07 4.67 -1.74
C HIS A 41 2.85 4.64 -0.43
N ASP A 42 4.17 4.51 -0.52
CA ASP A 42 5.01 4.47 0.67
C ASP A 42 4.89 5.77 1.47
N SER A 43 4.17 6.74 0.90
CA SER A 43 4.00 8.03 1.56
C SER A 43 2.54 8.24 1.96
N CYS A 44 1.69 7.29 1.58
CA CYS A 44 0.26 7.36 1.89
C CYS A 44 -0.10 6.33 2.96
N ILE A 45 0.56 5.18 2.92
CA ILE A 45 0.31 4.12 3.88
C ILE A 45 1.14 4.31 5.15
N VAL A 46 2.43 4.59 4.97
CA VAL A 46 3.33 4.80 6.10
C VAL A 46 2.66 5.63 7.18
N PRO A 47 2.22 6.84 6.82
CA PRO A 47 1.55 7.77 7.74
C PRO A 47 0.18 7.27 8.16
N TRP A 48 -0.35 6.30 7.42
CA TRP A 48 -1.66 5.74 7.72
C TRP A 48 -1.57 4.67 8.80
N LEU A 49 -0.78 3.63 8.53
CA LEU A 49 -0.61 2.53 9.47
C LEU A 49 -0.12 3.06 10.82
N GLU A 50 0.63 4.15 10.80
CA GLU A 50 1.16 4.76 12.02
C GLU A 50 0.03 5.39 12.84
N GLN A 51 -1.18 5.36 12.29
CA GLN A 51 -2.34 5.94 12.97
C GLN A 51 -3.44 4.90 13.13
N HIS A 52 -3.67 4.11 12.09
CA HIS A 52 -4.70 3.08 12.12
C HIS A 52 -4.07 1.69 12.22
N ASP A 53 -2.86 1.55 11.69
CA ASP A 53 -2.15 0.28 11.71
C ASP A 53 -2.95 -0.80 10.99
N SER A 54 -3.64 -0.41 9.93
CA SER A 54 -4.45 -1.34 9.15
C SER A 54 -4.60 -0.86 7.72
N CYS A 55 -5.32 -1.63 6.91
CA CYS A 55 -5.55 -1.29 5.52
C CYS A 55 -6.66 -0.25 5.38
N PRO A 56 -6.35 0.86 4.71
CA PRO A 56 -7.31 1.95 4.50
C PRO A 56 -8.43 1.56 3.53
N VAL A 57 -8.41 0.31 3.09
CA VAL A 57 -9.42 -0.19 2.16
C VAL A 57 -10.29 -1.26 2.82
N CYS A 58 -9.66 -2.37 3.21
CA CYS A 58 -10.37 -3.47 3.84
C CYS A 58 -10.10 -3.49 5.34
N ARG A 59 -9.08 -2.76 5.77
CA ARG A 59 -8.71 -2.70 7.18
C ARG A 59 -8.42 -4.10 7.73
N LYS A 60 -7.61 -4.85 6.99
CA LYS A 60 -7.25 -6.20 7.39
C LYS A 60 -6.18 -6.18 8.49
N SER A 61 -6.54 -6.63 9.68
CA SER A 61 -5.63 -6.66 10.81
C SER A 61 -4.21 -7.00 10.34
N LEU A 62 -3.29 -6.05 10.53
CA LEU A 62 -1.91 -6.24 10.12
C LEU A 62 -1.05 -6.68 11.31
N THR A 63 -1.62 -7.53 12.16
CA THR A 63 -0.91 -8.03 13.33
C THR A 63 -1.20 -9.50 13.57
N GLY A 64 -0.16 -10.26 13.91
CA GLY A 64 -0.33 -11.69 14.16
C GLY A 64 0.67 -12.53 13.40
N GLN A 65 1.91 -12.07 13.34
CA GLN A 65 2.97 -12.78 12.62
C GLN A 65 4.34 -12.20 12.95
N ASN A 66 5.36 -13.06 12.94
CA ASN A 66 6.72 -12.62 13.23
C ASN A 66 7.20 -11.62 12.19
N THR A 67 7.56 -10.42 12.65
CA THR A 67 8.03 -9.37 11.77
C THR A 67 8.92 -8.38 12.51
N ALA A 68 10.12 -8.16 11.99
CA ALA A 68 11.07 -7.25 12.60
C ALA A 68 10.80 -5.81 12.17
N THR A 69 9.53 -5.43 12.15
CA THR A 69 9.14 -4.08 11.75
C THR A 69 9.02 -3.16 12.96
N ASN A 70 9.39 -1.90 12.78
CA ASN A 70 9.33 -0.92 13.86
C ASN A 70 7.90 -0.75 14.35
N PRO A 71 7.77 -0.39 15.64
CA PRO A 71 6.46 -0.19 16.27
C PRO A 71 5.75 1.05 15.74
N PRO A 72 4.46 1.19 16.10
CA PRO A 72 3.64 2.33 15.67
C PRO A 72 4.07 3.63 16.34
N GLY A 73 4.94 4.37 15.66
CA GLY A 73 5.41 5.63 16.21
C GLY A 73 6.92 5.80 16.06
N LEU A 74 7.32 6.71 15.16
CA LEU A 74 8.73 6.97 14.92
C LEU A 74 9.13 8.35 15.40
N THR A 75 8.44 9.37 14.88
CA THR A 75 8.71 10.75 15.26
C THR A 75 7.77 11.22 16.36
N GLY A 76 6.47 11.02 16.15
CA GLY A 76 5.50 11.43 17.15
C GLY A 76 4.11 11.63 16.55
N VAL A 77 3.37 10.54 16.41
CA VAL A 77 2.02 10.60 15.85
C VAL A 77 1.03 11.15 16.87
N GLY A 78 -0.09 11.66 16.37
CA GLY A 78 -1.11 12.21 17.25
C GLY A 78 -1.37 11.33 18.46
ZN ZN B . -1.22 7.69 -2.53
ZN ZN C . -6.64 -4.42 2.13
N GLY A 1 -17.53 4.35 -25.90
CA GLY A 1 -16.65 4.87 -24.86
C GLY A 1 -15.20 4.73 -25.22
N SER A 2 -14.54 3.73 -24.64
CA SER A 2 -13.12 3.49 -24.90
C SER A 2 -12.83 1.99 -24.97
N SER A 3 -11.60 1.66 -25.36
CA SER A 3 -11.19 0.26 -25.47
C SER A 3 -9.68 0.13 -25.32
N GLY A 4 -9.26 -0.95 -24.66
CA GLY A 4 -7.83 -1.18 -24.45
C GLY A 4 -7.56 -2.35 -23.54
N SER A 5 -7.06 -3.44 -24.11
CA SER A 5 -6.76 -4.64 -23.33
C SER A 5 -5.54 -4.42 -22.44
N SER A 6 -5.75 -3.73 -21.31
CA SER A 6 -4.66 -3.46 -20.38
C SER A 6 -3.88 -4.72 -20.05
N GLY A 7 -2.64 -4.77 -20.50
CA GLY A 7 -1.80 -5.94 -20.24
C GLY A 7 -1.70 -6.26 -18.77
N THR A 8 -1.22 -7.47 -18.46
CA THR A 8 -1.07 -7.90 -17.08
C THR A 8 0.39 -8.03 -16.70
N GLU A 9 1.23 -7.17 -17.27
CA GLU A 9 2.67 -7.20 -16.99
C GLU A 9 2.94 -6.74 -15.57
N GLU A 10 4.13 -7.05 -15.06
CA GLU A 10 4.53 -6.67 -13.72
C GLU A 10 4.34 -5.17 -13.49
N HIS A 11 3.63 -4.82 -12.43
CA HIS A 11 3.38 -3.41 -12.11
C HIS A 11 3.13 -2.60 -13.38
N VAL A 12 2.42 -3.20 -14.33
CA VAL A 12 2.11 -2.54 -15.58
C VAL A 12 1.32 -1.26 -15.35
N GLY A 13 0.50 -1.25 -14.30
CA GLY A 13 -0.30 -0.09 -13.98
C GLY A 13 -1.76 -0.29 -14.30
N SER A 14 -2.28 -1.47 -14.02
CA SER A 14 -3.68 -1.79 -14.28
C SER A 14 -4.54 -1.51 -13.05
N GLY A 15 -5.32 -0.43 -13.11
CA GLY A 15 -6.18 -0.07 -12.00
C GLY A 15 -5.57 -0.42 -10.66
N LEU A 16 -4.31 -0.03 -10.45
CA LEU A 16 -3.61 -0.30 -9.20
C LEU A 16 -3.30 0.99 -8.45
N GLU A 17 -3.64 2.12 -9.07
CA GLU A 17 -3.40 3.42 -8.46
C GLU A 17 -3.67 3.38 -6.96
N CYS A 18 -2.84 4.07 -6.19
CA CYS A 18 -2.99 4.11 -4.74
C CYS A 18 -4.38 4.59 -4.35
N PRO A 19 -5.06 3.81 -3.49
CA PRO A 19 -6.41 4.14 -3.02
C PRO A 19 -6.43 5.34 -2.09
N VAL A 20 -5.33 5.51 -1.34
CA VAL A 20 -5.23 6.63 -0.41
C VAL A 20 -5.50 7.96 -1.10
N CYS A 21 -4.85 8.18 -2.24
CA CYS A 21 -5.03 9.41 -3.00
C CYS A 21 -5.79 9.14 -4.30
N LYS A 22 -5.83 7.88 -4.71
CA LYS A 22 -6.53 7.49 -5.92
C LYS A 22 -5.90 8.15 -7.15
N GLU A 23 -4.57 8.23 -7.17
CA GLU A 23 -3.86 8.84 -8.28
C GLU A 23 -3.26 7.77 -9.20
N ASP A 24 -2.07 7.30 -8.83
CA ASP A 24 -1.38 6.28 -9.62
C ASP A 24 -0.02 5.95 -9.02
N TYR A 25 0.61 4.90 -9.52
CA TYR A 25 1.93 4.49 -9.04
C TYR A 25 3.02 4.96 -9.97
N ALA A 26 4.26 4.53 -9.70
CA ALA A 26 5.39 4.91 -10.52
C ALA A 26 6.60 4.00 -10.26
N LEU A 27 7.16 3.44 -11.32
CA LEU A 27 8.31 2.54 -11.20
C LEU A 27 9.24 3.01 -10.08
N GLY A 28 9.51 4.31 -10.04
CA GLY A 28 10.39 4.85 -9.02
C GLY A 28 9.65 5.12 -7.72
N GLU A 29 8.36 5.39 -7.81
CA GLU A 29 7.55 5.66 -6.63
C GLU A 29 7.57 4.48 -5.67
N SER A 30 8.07 4.72 -4.46
CA SER A 30 8.15 3.68 -3.45
C SER A 30 6.76 3.22 -3.03
N VAL A 31 6.34 2.06 -3.52
CA VAL A 31 5.04 1.51 -3.18
C VAL A 31 5.15 0.42 -2.13
N ARG A 32 4.10 0.26 -1.33
CA ARG A 32 4.07 -0.74 -0.28
C ARG A 32 2.88 -1.68 -0.45
N GLN A 33 3.13 -2.98 -0.30
CA GLN A 33 2.08 -3.97 -0.44
C GLN A 33 1.61 -4.47 0.92
N LEU A 34 0.31 -4.66 1.07
CA LEU A 34 -0.26 -5.12 2.32
C LEU A 34 -0.52 -6.63 2.28
N PRO A 35 -0.66 -7.24 3.46
CA PRO A 35 -0.91 -8.69 3.59
C PRO A 35 -2.31 -9.06 3.12
N CYS A 36 -3.03 -8.09 2.57
CA CYS A 36 -4.38 -8.33 2.08
C CYS A 36 -4.44 -8.20 0.56
N ASN A 37 -3.27 -8.14 -0.07
CA ASN A 37 -3.19 -8.01 -1.52
C ASN A 37 -3.55 -6.60 -1.97
N HIS A 38 -3.21 -5.63 -1.14
CA HIS A 38 -3.50 -4.22 -1.44
C HIS A 38 -2.24 -3.38 -1.34
N LEU A 39 -1.93 -2.64 -2.40
CA LEU A 39 -0.75 -1.79 -2.44
C LEU A 39 -1.11 -0.35 -2.10
N PHE A 40 -0.13 0.40 -1.62
CA PHE A 40 -0.34 1.80 -1.27
C PHE A 40 0.98 2.57 -1.28
N HIS A 41 0.92 3.83 -1.70
CA HIS A 41 2.10 4.68 -1.76
C HIS A 41 2.85 4.66 -0.43
N ASP A 42 4.17 4.49 -0.50
CA ASP A 42 5.00 4.46 0.69
C ASP A 42 4.89 5.77 1.48
N SER A 43 4.24 6.76 0.87
CA SER A 43 4.06 8.05 1.51
C SER A 43 2.62 8.27 1.93
N CYS A 44 1.75 7.34 1.52
CA CYS A 44 0.33 7.42 1.85
C CYS A 44 -0.04 6.40 2.91
N ILE A 45 0.61 5.24 2.87
CA ILE A 45 0.36 4.18 3.84
C ILE A 45 1.18 4.37 5.10
N VAL A 46 2.47 4.67 4.92
CA VAL A 46 3.37 4.89 6.06
C VAL A 46 2.68 5.68 7.16
N PRO A 47 2.18 6.87 6.81
CA PRO A 47 1.49 7.76 7.76
C PRO A 47 0.13 7.21 8.18
N TRP A 48 -0.39 6.27 7.39
CA TRP A 48 -1.68 5.66 7.69
C TRP A 48 -1.55 4.60 8.77
N LEU A 49 -0.74 3.58 8.50
CA LEU A 49 -0.53 2.49 9.46
C LEU A 49 -0.07 3.04 10.81
N GLU A 50 0.71 4.10 10.77
CA GLU A 50 1.22 4.72 12.00
C GLU A 50 0.10 5.45 12.73
N GLN A 51 -1.11 5.38 12.19
CA GLN A 51 -2.26 6.03 12.78
C GLN A 51 -3.40 5.04 13.01
N HIS A 52 -3.54 4.10 12.09
CA HIS A 52 -4.60 3.09 12.19
C HIS A 52 -4.00 1.69 12.25
N ASP A 53 -2.79 1.54 11.72
CA ASP A 53 -2.11 0.25 11.72
C ASP A 53 -2.94 -0.80 11.00
N SER A 54 -3.56 -0.42 9.90
CA SER A 54 -4.40 -1.33 9.13
C SER A 54 -4.55 -0.85 7.69
N CYS A 55 -5.26 -1.63 6.88
CA CYS A 55 -5.48 -1.28 5.48
C CYS A 55 -6.57 -0.22 5.36
N PRO A 56 -6.25 0.89 4.68
CA PRO A 56 -7.18 2.00 4.46
C PRO A 56 -8.31 1.64 3.51
N VAL A 57 -8.31 0.38 3.07
CA VAL A 57 -9.35 -0.10 2.15
C VAL A 57 -10.19 -1.19 2.79
N CYS A 58 -9.60 -2.37 2.95
CA CYS A 58 -10.29 -3.51 3.55
C CYS A 58 -10.06 -3.54 5.06
N ARG A 59 -9.10 -2.75 5.52
CA ARG A 59 -8.78 -2.70 6.95
C ARG A 59 -8.58 -4.10 7.51
N LYS A 60 -7.68 -4.86 6.89
CA LYS A 60 -7.39 -6.22 7.33
C LYS A 60 -6.38 -6.22 8.47
N SER A 61 -6.85 -6.52 9.68
CA SER A 61 -5.98 -6.56 10.85
C SER A 61 -4.60 -7.08 10.48
N LEU A 62 -3.61 -6.18 10.47
CA LEU A 62 -2.24 -6.55 10.14
C LEU A 62 -1.53 -7.15 11.34
N THR A 63 -2.25 -7.98 12.09
CA THR A 63 -1.69 -8.62 13.28
C THR A 63 -2.31 -10.00 13.50
N GLY A 64 -1.47 -10.96 13.87
CA GLY A 64 -1.95 -12.31 14.10
C GLY A 64 -0.93 -13.17 14.83
N GLN A 65 0.18 -13.45 14.17
CA GLN A 65 1.23 -14.27 14.76
C GLN A 65 2.27 -13.40 15.47
N ASN A 66 2.91 -12.51 14.71
CA ASN A 66 3.92 -11.62 15.27
C ASN A 66 3.30 -10.70 16.32
N THR A 67 3.82 -10.78 17.55
CA THR A 67 3.32 -9.95 18.64
C THR A 67 4.45 -9.15 19.28
N ALA A 68 4.44 -7.84 19.05
CA ALA A 68 5.46 -6.96 19.60
C ALA A 68 4.85 -5.64 20.07
N THR A 69 5.63 -4.88 20.84
CA THR A 69 5.17 -3.59 21.35
C THR A 69 6.10 -2.46 20.94
N ASN A 70 5.56 -1.51 20.18
CA ASN A 70 6.34 -0.37 19.72
C ASN A 70 5.43 0.76 19.25
N PRO A 71 5.86 2.01 19.49
CA PRO A 71 5.11 3.20 19.10
C PRO A 71 5.08 3.40 17.59
N PRO A 72 3.87 3.55 17.03
CA PRO A 72 3.68 3.76 15.60
C PRO A 72 4.17 5.13 15.13
N GLY A 73 5.45 5.19 14.73
CA GLY A 73 6.02 6.44 14.28
C GLY A 73 5.89 7.55 15.30
N LEU A 74 6.53 8.68 15.03
CA LEU A 74 6.48 9.82 15.94
C LEU A 74 5.94 11.06 15.24
N THR A 75 4.90 10.87 14.43
CA THR A 75 4.30 11.98 13.69
C THR A 75 2.87 12.24 14.18
N GLY A 76 2.73 13.18 15.11
CA GLY A 76 1.43 13.51 15.64
C GLY A 76 0.64 12.29 16.07
N VAL A 77 1.20 11.53 17.01
CA VAL A 77 0.56 10.33 17.52
C VAL A 77 0.91 10.08 18.97
N GLY A 78 -0.08 9.69 19.77
CA GLY A 78 0.14 9.43 21.18
C GLY A 78 -0.61 10.38 22.08
ZN ZN B . -1.12 7.74 -2.57
ZN ZN C . -6.71 -4.35 2.12
N GLY A 1 0.12 9.85 -18.31
CA GLY A 1 0.59 8.68 -19.02
C GLY A 1 -0.51 7.69 -19.29
N SER A 2 -1.29 7.95 -20.35
CA SER A 2 -2.39 7.08 -20.71
C SER A 2 -1.88 5.69 -21.11
N SER A 3 -1.84 4.78 -20.14
CA SER A 3 -1.37 3.42 -20.38
C SER A 3 -2.52 2.42 -20.27
N GLY A 4 -3.12 2.10 -21.41
CA GLY A 4 -4.23 1.16 -21.42
C GLY A 4 -4.32 0.39 -22.72
N SER A 5 -3.46 -0.63 -22.87
CA SER A 5 -3.45 -1.44 -24.07
C SER A 5 -3.43 -2.92 -23.73
N SER A 6 -4.02 -3.74 -24.60
CA SER A 6 -4.06 -5.18 -24.37
C SER A 6 -2.76 -5.69 -23.76
N GLY A 7 -2.88 -6.63 -22.83
CA GLY A 7 -1.71 -7.18 -22.17
C GLY A 7 -1.34 -6.43 -20.91
N THR A 8 -0.81 -7.15 -19.92
CA THR A 8 -0.43 -6.54 -18.66
C THR A 8 0.87 -7.14 -18.13
N GLU A 9 1.80 -6.29 -17.75
CA GLU A 9 3.09 -6.74 -17.23
C GLU A 9 3.14 -6.61 -15.71
N GLU A 10 4.00 -7.41 -15.08
CA GLU A 10 4.14 -7.38 -13.62
C GLU A 10 4.24 -5.94 -13.12
N HIS A 11 3.15 -5.45 -12.54
CA HIS A 11 3.11 -4.09 -12.01
C HIS A 11 3.23 -3.06 -13.13
N VAL A 12 2.44 -3.26 -14.19
CA VAL A 12 2.45 -2.36 -15.33
C VAL A 12 1.63 -1.10 -15.04
N GLY A 13 0.47 -1.30 -14.44
CA GLY A 13 -0.40 -0.17 -14.12
C GLY A 13 -1.87 -0.48 -14.37
N SER A 14 -2.28 -1.69 -14.02
CA SER A 14 -3.67 -2.11 -14.21
C SER A 14 -4.51 -1.77 -12.98
N GLY A 15 -5.25 -0.67 -13.07
CA GLY A 15 -6.10 -0.26 -11.96
C GLY A 15 -5.48 -0.58 -10.61
N LEU A 16 -4.25 -0.14 -10.41
CA LEU A 16 -3.55 -0.38 -9.16
C LEU A 16 -3.27 0.92 -8.41
N GLU A 17 -3.63 2.04 -9.04
CA GLU A 17 -3.42 3.35 -8.45
C GLU A 17 -3.69 3.32 -6.94
N CYS A 18 -2.86 4.02 -6.19
CA CYS A 18 -3.00 4.07 -4.74
C CYS A 18 -4.40 4.52 -4.34
N PRO A 19 -5.07 3.73 -3.48
CA PRO A 19 -6.42 4.04 -3.01
C PRO A 19 -6.44 5.24 -2.07
N VAL A 20 -5.36 5.43 -1.33
CA VAL A 20 -5.26 6.55 -0.40
C VAL A 20 -5.57 7.88 -1.09
N CYS A 21 -4.92 8.11 -2.23
CA CYS A 21 -5.12 9.34 -2.99
C CYS A 21 -5.89 9.06 -4.28
N LYS A 22 -5.88 7.80 -4.70
CA LYS A 22 -6.58 7.39 -5.92
C LYS A 22 -5.97 8.07 -7.15
N GLU A 23 -4.64 8.16 -7.17
CA GLU A 23 -3.94 8.77 -8.29
C GLU A 23 -3.32 7.71 -9.19
N ASP A 24 -2.13 7.26 -8.84
CA ASP A 24 -1.43 6.25 -9.63
C ASP A 24 -0.05 5.95 -9.04
N TYR A 25 0.59 4.90 -9.53
CA TYR A 25 1.91 4.52 -9.06
C TYR A 25 3.00 5.00 -10.01
N ALA A 26 4.23 4.61 -9.73
CA ALA A 26 5.37 5.00 -10.57
C ALA A 26 6.60 4.16 -10.25
N LEU A 27 7.22 3.60 -11.29
CA LEU A 27 8.40 2.77 -11.12
C LEU A 27 9.29 3.32 -10.00
N GLY A 28 9.55 4.61 -10.02
CA GLY A 28 10.37 5.23 -9.00
C GLY A 28 9.62 5.45 -7.70
N GLU A 29 8.31 5.65 -7.81
CA GLU A 29 7.47 5.87 -6.63
C GLU A 29 7.48 4.66 -5.71
N SER A 30 8.01 4.84 -4.51
CA SER A 30 8.09 3.76 -3.53
C SER A 30 6.69 3.30 -3.12
N VAL A 31 6.33 2.08 -3.54
CA VAL A 31 5.02 1.52 -3.22
C VAL A 31 5.15 0.42 -2.17
N ARG A 32 4.09 0.26 -1.36
CA ARG A 32 4.08 -0.75 -0.32
C ARG A 32 2.89 -1.69 -0.49
N GLN A 33 3.14 -2.99 -0.31
CA GLN A 33 2.08 -3.98 -0.45
C GLN A 33 1.63 -4.49 0.92
N LEU A 34 0.33 -4.71 1.07
CA LEU A 34 -0.22 -5.19 2.33
C LEU A 34 -0.47 -6.70 2.27
N PRO A 35 -0.60 -7.33 3.45
CA PRO A 35 -0.84 -8.76 3.56
C PRO A 35 -2.25 -9.15 3.10
N CYS A 36 -2.98 -8.17 2.58
CA CYS A 36 -4.33 -8.41 2.10
C CYS A 36 -4.41 -8.28 0.58
N ASN A 37 -3.25 -8.19 -0.07
CA ASN A 37 -3.18 -8.06 -1.51
C ASN A 37 -3.56 -6.65 -1.95
N HIS A 38 -3.16 -5.67 -1.15
CA HIS A 38 -3.46 -4.26 -1.45
C HIS A 38 -2.20 -3.41 -1.34
N LEU A 39 -1.90 -2.66 -2.41
CA LEU A 39 -0.72 -1.81 -2.43
C LEU A 39 -1.09 -0.37 -2.08
N PHE A 40 -0.11 0.40 -1.61
CA PHE A 40 -0.33 1.79 -1.25
C PHE A 40 0.98 2.57 -1.27
N HIS A 41 0.90 3.83 -1.68
CA HIS A 41 2.08 4.69 -1.74
C HIS A 41 2.84 4.68 -0.43
N ASP A 42 4.16 4.52 -0.50
CA ASP A 42 4.99 4.49 0.69
C ASP A 42 4.87 5.80 1.48
N SER A 43 4.19 6.77 0.89
CA SER A 43 4.00 8.07 1.53
C SER A 43 2.55 8.27 1.93
N CYS A 44 1.70 7.33 1.55
CA CYS A 44 0.28 7.40 1.86
C CYS A 44 -0.10 6.38 2.93
N ILE A 45 0.58 5.23 2.90
CA ILE A 45 0.32 4.17 3.86
C ILE A 45 1.15 4.35 5.12
N VAL A 46 2.44 4.64 4.95
CA VAL A 46 3.34 4.84 6.08
C VAL A 46 2.66 5.66 7.17
N PRO A 47 2.21 6.86 6.82
CA PRO A 47 1.53 7.77 7.75
C PRO A 47 0.16 7.26 8.16
N TRP A 48 -0.36 6.29 7.42
CA TRP A 48 -1.66 5.71 7.71
C TRP A 48 -1.56 4.64 8.79
N LEU A 49 -0.78 3.59 8.51
CA LEU A 49 -0.60 2.50 9.45
C LEU A 49 -0.11 3.03 10.80
N GLU A 50 0.62 4.13 10.77
CA GLU A 50 1.15 4.74 11.99
C GLU A 50 0.03 5.38 12.81
N GLN A 51 -1.20 5.32 12.28
CA GLN A 51 -2.35 5.90 12.96
C GLN A 51 -3.46 4.87 13.10
N HIS A 52 -3.73 4.12 12.03
CA HIS A 52 -4.77 3.09 12.04
C HIS A 52 -4.15 1.70 12.17
N ASP A 53 -2.94 1.54 11.64
CA ASP A 53 -2.25 0.26 11.69
C ASP A 53 -3.05 -0.82 10.96
N SER A 54 -3.78 -0.42 9.92
CA SER A 54 -4.59 -1.34 9.14
C SER A 54 -4.72 -0.86 7.70
N CYS A 55 -5.44 -1.63 6.90
CA CYS A 55 -5.65 -1.29 5.50
C CYS A 55 -6.78 -0.27 5.35
N PRO A 56 -6.48 0.86 4.70
CA PRO A 56 -7.45 1.93 4.47
C PRO A 56 -8.54 1.53 3.47
N VAL A 57 -8.49 0.27 3.03
CA VAL A 57 -9.47 -0.23 2.07
C VAL A 57 -10.35 -1.31 2.70
N CYS A 58 -9.72 -2.42 3.08
CA CYS A 58 -10.44 -3.53 3.70
C CYS A 58 -10.16 -3.60 5.19
N ARG A 59 -9.15 -2.85 5.63
CA ARG A 59 -8.78 -2.83 7.05
C ARG A 59 -8.41 -4.23 7.53
N LYS A 60 -7.69 -4.97 6.71
CA LYS A 60 -7.27 -6.32 7.05
C LYS A 60 -6.29 -6.32 8.22
N SER A 61 -6.79 -6.66 9.41
CA SER A 61 -5.96 -6.67 10.61
C SER A 61 -4.54 -7.15 10.28
N LEU A 62 -3.59 -6.23 10.36
CA LEU A 62 -2.19 -6.55 10.07
C LEU A 62 -1.49 -7.11 11.31
N THR A 63 -2.23 -7.85 12.12
CA THR A 63 -1.69 -8.44 13.34
C THR A 63 -2.27 -9.83 13.58
N GLY A 64 -1.41 -10.76 13.97
CA GLY A 64 -1.85 -12.12 14.24
C GLY A 64 -0.72 -13.13 14.09
N GLN A 65 -0.14 -13.19 12.90
CA GLN A 65 0.95 -14.13 12.64
C GLN A 65 1.97 -13.52 11.69
N ASN A 66 3.24 -13.52 12.09
CA ASN A 66 4.30 -12.97 11.26
C ASN A 66 4.07 -11.48 10.99
N THR A 67 3.76 -10.73 12.05
CA THR A 67 3.51 -9.30 11.91
C THR A 67 4.72 -8.58 11.34
N ALA A 68 4.52 -7.35 10.89
CA ALA A 68 5.60 -6.56 10.32
C ALA A 68 6.79 -6.49 11.27
N THR A 69 7.97 -6.25 10.71
CA THR A 69 9.19 -6.16 11.51
C THR A 69 9.47 -4.72 11.92
N ASN A 70 9.29 -3.79 10.99
CA ASN A 70 9.52 -2.37 11.27
C ASN A 70 8.40 -1.80 12.14
N PRO A 71 8.79 -1.20 13.28
CA PRO A 71 7.82 -0.60 14.22
C PRO A 71 7.17 0.66 13.65
N PRO A 72 6.04 1.05 14.24
CA PRO A 72 5.29 2.24 13.81
C PRO A 72 6.02 3.53 14.16
N GLY A 73 6.91 3.96 13.26
CA GLY A 73 7.66 5.18 13.48
C GLY A 73 9.03 4.92 14.09
N LEU A 74 9.58 5.93 14.74
CA LEU A 74 10.89 5.81 15.37
C LEU A 74 10.86 6.36 16.79
N THR A 75 10.25 7.52 16.97
CA THR A 75 10.15 8.15 18.27
C THR A 75 8.93 9.07 18.35
N GLY A 76 8.27 9.06 19.50
CA GLY A 76 7.10 9.90 19.68
C GLY A 76 5.87 9.36 18.98
N VAL A 77 5.48 8.14 19.34
CA VAL A 77 4.32 7.50 18.74
C VAL A 77 3.16 7.40 19.73
N GLY A 78 1.97 7.79 19.29
CA GLY A 78 0.81 7.76 20.15
C GLY A 78 0.48 9.10 20.75
ZN ZN B . -1.19 7.71 -2.56
ZN ZN C . -6.73 -4.38 2.05
N GLY A 1 0.45 6.87 -14.20
CA GLY A 1 0.52 7.45 -15.53
C GLY A 1 -0.46 6.81 -16.49
N SER A 2 -0.86 7.56 -17.51
CA SER A 2 -1.81 7.07 -18.50
C SER A 2 -1.09 6.69 -19.80
N SER A 3 -1.68 5.75 -20.54
CA SER A 3 -1.09 5.29 -21.80
C SER A 3 -2.18 4.73 -22.71
N GLY A 4 -2.00 4.93 -24.02
CA GLY A 4 -2.95 4.44 -24.99
C GLY A 4 -3.24 2.96 -24.82
N SER A 5 -2.68 2.15 -25.73
CA SER A 5 -2.87 0.71 -25.69
C SER A 5 -1.80 0.04 -24.84
N SER A 6 -2.10 -0.17 -23.57
CA SER A 6 -1.16 -0.80 -22.65
C SER A 6 -1.14 -2.31 -22.83
N GLY A 7 0.02 -2.86 -23.14
CA GLY A 7 0.14 -4.29 -23.33
C GLY A 7 0.06 -5.06 -22.03
N THR A 8 0.70 -6.23 -21.99
CA THR A 8 0.69 -7.06 -20.79
C THR A 8 1.92 -6.79 -19.93
N GLU A 9 2.39 -5.55 -19.94
CA GLU A 9 3.56 -5.17 -19.16
C GLU A 9 3.32 -5.40 -17.67
N GLU A 10 4.39 -5.67 -16.94
CA GLU A 10 4.29 -5.90 -15.51
C GLU A 10 4.25 -4.58 -14.74
N HIS A 11 3.36 -4.51 -13.75
CA HIS A 11 3.21 -3.30 -12.94
C HIS A 11 3.27 -2.06 -13.81
N VAL A 12 2.58 -2.11 -14.96
CA VAL A 12 2.55 -0.98 -15.88
C VAL A 12 1.58 0.09 -15.41
N GLY A 13 0.58 -0.33 -14.63
CA GLY A 13 -0.41 0.61 -14.12
C GLY A 13 -1.83 0.15 -14.37
N SER A 14 -2.08 -1.13 -14.13
CA SER A 14 -3.41 -1.70 -14.33
C SER A 14 -4.29 -1.48 -13.11
N GLY A 15 -5.10 -0.42 -13.16
CA GLY A 15 -5.98 -0.10 -12.05
C GLY A 15 -5.37 -0.46 -10.71
N LEU A 16 -4.15 0.02 -10.47
CA LEU A 16 -3.46 -0.25 -9.21
C LEU A 16 -3.19 1.04 -8.46
N GLU A 17 -3.56 2.17 -9.06
CA GLU A 17 -3.36 3.48 -8.44
C GLU A 17 -3.65 3.42 -6.93
N CYS A 18 -2.83 4.10 -6.15
CA CYS A 18 -3.00 4.12 -4.70
C CYS A 18 -4.40 4.58 -4.32
N PRO A 19 -5.08 3.80 -3.46
CA PRO A 19 -6.43 4.11 -3.01
C PRO A 19 -6.47 5.31 -2.08
N VAL A 20 -5.38 5.51 -1.33
CA VAL A 20 -5.29 6.63 -0.40
C VAL A 20 -5.58 7.96 -1.10
N CYS A 21 -4.89 8.20 -2.21
CA CYS A 21 -5.08 9.42 -2.98
C CYS A 21 -5.84 9.15 -4.27
N LYS A 22 -5.81 7.89 -4.71
CA LYS A 22 -6.51 7.49 -5.94
C LYS A 22 -5.88 8.17 -7.15
N GLU A 23 -4.56 8.26 -7.16
CA GLU A 23 -3.85 8.88 -8.27
C GLU A 23 -3.24 7.83 -9.20
N ASP A 24 -2.05 7.36 -8.83
CA ASP A 24 -1.36 6.34 -9.63
C ASP A 24 0.02 6.04 -9.04
N TYR A 25 0.64 4.98 -9.53
CA TYR A 25 1.96 4.58 -9.06
C TYR A 25 3.04 5.02 -10.04
N ALA A 26 4.29 4.67 -9.73
CA ALA A 26 5.42 5.02 -10.58
C ALA A 26 6.63 4.14 -10.29
N LEU A 27 7.25 3.63 -11.34
CA LEU A 27 8.42 2.78 -11.20
C LEU A 27 9.31 3.27 -10.07
N GLY A 28 9.59 4.57 -10.06
CA GLY A 28 10.42 5.15 -9.02
C GLY A 28 9.69 5.35 -7.71
N GLU A 29 8.38 5.57 -7.81
CA GLU A 29 7.55 5.78 -6.62
C GLU A 29 7.58 4.56 -5.72
N SER A 30 8.06 4.74 -4.50
CA SER A 30 8.15 3.66 -3.53
C SER A 30 6.76 3.21 -3.10
N VAL A 31 6.34 2.05 -3.59
CA VAL A 31 5.02 1.50 -3.25
C VAL A 31 5.14 0.41 -2.19
N ARG A 32 4.10 0.27 -1.38
CA ARG A 32 4.09 -0.74 -0.33
C ARG A 32 2.90 -1.67 -0.49
N GLN A 33 3.14 -2.97 -0.28
CA GLN A 33 2.08 -3.96 -0.41
C GLN A 33 1.62 -4.45 0.96
N LEU A 34 0.32 -4.66 1.10
CA LEU A 34 -0.25 -5.11 2.36
C LEU A 34 -0.51 -6.62 2.33
N PRO A 35 -0.65 -7.23 3.51
CA PRO A 35 -0.90 -8.67 3.65
C PRO A 35 -2.30 -9.05 3.18
N CYS A 36 -3.02 -8.08 2.63
CA CYS A 36 -4.37 -8.33 2.14
C CYS A 36 -4.43 -8.21 0.62
N ASN A 37 -3.26 -8.15 -0.01
CA ASN A 37 -3.18 -8.05 -1.46
C ASN A 37 -3.54 -6.64 -1.93
N HIS A 38 -3.18 -5.65 -1.11
CA HIS A 38 -3.47 -4.25 -1.44
C HIS A 38 -2.21 -3.40 -1.33
N LEU A 39 -1.91 -2.66 -2.40
CA LEU A 39 -0.73 -1.81 -2.42
C LEU A 39 -1.09 -0.37 -2.08
N PHE A 40 -0.11 0.40 -1.62
CA PHE A 40 -0.33 1.79 -1.27
C PHE A 40 0.99 2.57 -1.28
N HIS A 41 0.91 3.83 -1.70
CA HIS A 41 2.09 4.69 -1.77
C HIS A 41 2.86 4.66 -0.44
N ASP A 42 4.18 4.54 -0.53
CA ASP A 42 5.03 4.50 0.65
C ASP A 42 4.92 5.81 1.44
N SER A 43 4.20 6.77 0.89
CA SER A 43 4.02 8.07 1.53
C SER A 43 2.57 8.29 1.93
N CYS A 44 1.71 7.34 1.55
CA CYS A 44 0.29 7.43 1.86
C CYS A 44 -0.09 6.41 2.93
N ILE A 45 0.57 5.26 2.90
CA ILE A 45 0.30 4.20 3.86
C ILE A 45 1.13 4.37 5.12
N VAL A 46 2.42 4.65 4.95
CA VAL A 46 3.33 4.84 6.07
C VAL A 46 2.66 5.65 7.18
N PRO A 47 2.20 6.85 6.84
CA PRO A 47 1.53 7.76 7.78
C PRO A 47 0.15 7.24 8.19
N TRP A 48 -0.37 6.29 7.43
CA TRP A 48 -1.68 5.71 7.72
C TRP A 48 -1.57 4.63 8.79
N LEU A 49 -0.77 3.60 8.51
CA LEU A 49 -0.59 2.50 9.45
C LEU A 49 -0.10 3.02 10.80
N GLU A 50 0.63 4.12 10.79
CA GLU A 50 1.15 4.72 12.01
C GLU A 50 0.04 5.39 12.81
N GLN A 51 -1.16 5.41 12.22
CA GLN A 51 -2.32 6.03 12.88
C GLN A 51 -3.41 5.01 13.11
N HIS A 52 -3.66 4.16 12.12
CA HIS A 52 -4.69 3.12 12.22
C HIS A 52 -4.06 1.74 12.31
N ASP A 53 -2.93 1.56 11.64
CA ASP A 53 -2.23 0.29 11.64
C ASP A 53 -3.05 -0.78 10.92
N SER A 54 -3.75 -0.37 9.86
CA SER A 54 -4.58 -1.29 9.09
C SER A 54 -4.71 -0.82 7.65
N CYS A 55 -5.46 -1.58 6.85
CA CYS A 55 -5.67 -1.25 5.45
C CYS A 55 -6.80 -0.23 5.30
N PRO A 56 -6.48 0.90 4.65
CA PRO A 56 -7.45 1.97 4.41
C PRO A 56 -8.53 1.57 3.41
N VAL A 57 -8.50 0.32 2.97
CA VAL A 57 -9.47 -0.19 2.01
C VAL A 57 -10.35 -1.26 2.64
N CYS A 58 -9.73 -2.36 3.06
CA CYS A 58 -10.46 -3.47 3.68
C CYS A 58 -10.18 -3.53 5.18
N ARG A 59 -9.16 -2.80 5.61
CA ARG A 59 -8.80 -2.77 7.03
C ARG A 59 -8.41 -4.16 7.51
N LYS A 60 -7.75 -4.93 6.65
CA LYS A 60 -7.33 -6.28 7.00
C LYS A 60 -6.32 -6.26 8.14
N SER A 61 -6.77 -6.70 9.31
CA SER A 61 -5.92 -6.73 10.49
C SER A 61 -4.46 -7.02 10.11
N LEU A 62 -3.57 -6.09 10.43
CA LEU A 62 -2.16 -6.25 10.12
C LEU A 62 -1.37 -6.67 11.36
N THR A 63 -2.04 -6.68 12.50
CA THR A 63 -1.40 -7.06 13.76
C THR A 63 -2.05 -8.30 14.35
N GLY A 64 -3.37 -8.30 14.43
CA GLY A 64 -4.08 -9.44 14.98
C GLY A 64 -3.98 -9.53 16.49
N GLN A 65 -3.54 -10.67 16.99
CA GLN A 65 -3.40 -10.87 18.43
C GLN A 65 -2.05 -11.51 18.76
N ASN A 66 -1.72 -12.58 18.04
CA ASN A 66 -0.46 -13.28 18.25
C ASN A 66 0.37 -13.32 16.98
N THR A 67 -0.29 -13.55 15.85
CA THR A 67 0.38 -13.61 14.56
C THR A 67 1.54 -12.62 14.50
N ALA A 68 1.37 -11.47 15.14
CA ALA A 68 2.40 -10.45 15.16
C ALA A 68 2.05 -9.33 16.14
N THR A 69 3.08 -8.69 16.68
CA THR A 69 2.88 -7.60 17.64
C THR A 69 3.78 -6.41 17.31
N ASN A 70 3.32 -5.57 16.40
CA ASN A 70 4.09 -4.39 16.00
C ASN A 70 3.21 -3.14 15.98
N PRO A 71 3.26 -2.36 17.06
CA PRO A 71 2.47 -1.13 17.18
C PRO A 71 2.96 -0.03 16.23
N PRO A 72 2.06 0.93 15.94
CA PRO A 72 2.38 2.05 15.05
C PRO A 72 3.37 3.03 15.67
N GLY A 73 3.79 2.73 16.90
CA GLY A 73 4.75 3.60 17.58
C GLY A 73 4.49 3.67 19.07
N LEU A 74 5.53 3.38 19.86
CA LEU A 74 5.41 3.42 21.31
C LEU A 74 5.18 4.85 21.81
N THR A 75 5.77 5.81 21.12
CA THR A 75 5.64 7.22 21.48
C THR A 75 5.78 8.12 20.26
N GLY A 76 5.11 9.27 20.31
CA GLY A 76 5.19 10.21 19.20
C GLY A 76 3.83 10.78 18.83
N VAL A 77 3.14 10.11 17.91
CA VAL A 77 1.83 10.55 17.47
C VAL A 77 0.83 10.54 18.63
N GLY A 78 -0.09 11.50 18.63
CA GLY A 78 -1.09 11.57 19.67
C GLY A 78 -0.54 12.18 20.95
ZN ZN B . -1.17 7.76 -2.54
ZN ZN C . -6.74 -4.29 2.01
N GLY A 1 -6.70 -0.84 -31.02
CA GLY A 1 -5.32 -1.24 -30.84
C GLY A 1 -4.92 -2.37 -31.77
N SER A 2 -3.62 -2.53 -31.99
CA SER A 2 -3.12 -3.59 -32.86
C SER A 2 -3.75 -4.93 -32.51
N SER A 3 -4.42 -5.53 -33.50
CA SER A 3 -5.08 -6.82 -33.30
C SER A 3 -4.08 -7.97 -33.45
N GLY A 4 -3.91 -8.73 -32.38
CA GLY A 4 -2.99 -9.85 -32.42
C GLY A 4 -2.54 -10.28 -31.04
N SER A 5 -1.27 -10.67 -30.93
CA SER A 5 -0.71 -11.11 -29.64
C SER A 5 -1.30 -10.30 -28.49
N SER A 6 -1.62 -10.98 -27.40
CA SER A 6 -2.20 -10.33 -26.23
C SER A 6 -1.56 -10.86 -24.95
N GLY A 7 -0.78 -10.01 -24.29
CA GLY A 7 -0.13 -10.41 -23.05
C GLY A 7 -0.49 -9.51 -21.89
N THR A 8 0.45 -9.35 -20.96
CA THR A 8 0.22 -8.51 -19.79
C THR A 8 1.51 -8.31 -19.00
N GLU A 9 1.93 -7.05 -18.88
CA GLU A 9 3.14 -6.72 -18.15
C GLU A 9 2.91 -6.77 -16.64
N GLU A 10 4.00 -6.77 -15.88
CA GLU A 10 3.91 -6.81 -14.42
C GLU A 10 4.08 -5.42 -13.82
N HIS A 11 3.17 -5.04 -12.93
CA HIS A 11 3.22 -3.74 -12.28
C HIS A 11 3.39 -2.63 -13.32
N VAL A 12 2.66 -2.74 -14.43
CA VAL A 12 2.72 -1.75 -15.50
C VAL A 12 1.82 -0.56 -15.19
N GLY A 13 0.78 -0.79 -14.40
CA GLY A 13 -0.15 0.26 -14.05
C GLY A 13 -1.59 -0.09 -14.38
N SER A 14 -1.99 -1.32 -14.06
CA SER A 14 -3.34 -1.78 -14.33
C SER A 14 -4.25 -1.52 -13.13
N GLY A 15 -5.03 -0.45 -13.20
CA GLY A 15 -5.93 -0.10 -12.12
C GLY A 15 -5.37 -0.47 -10.77
N LEU A 16 -4.13 -0.05 -10.50
CA LEU A 16 -3.48 -0.33 -9.23
C LEU A 16 -3.20 0.96 -8.47
N GLU A 17 -3.52 2.10 -9.09
CA GLU A 17 -3.31 3.39 -8.46
C GLU A 17 -3.59 3.34 -6.96
N CYS A 18 -2.78 4.04 -6.18
CA CYS A 18 -2.95 4.07 -4.73
C CYS A 18 -4.35 4.54 -4.35
N PRO A 19 -5.02 3.76 -3.50
CA PRO A 19 -6.37 4.08 -3.03
C PRO A 19 -6.40 5.29 -2.11
N VAL A 20 -5.32 5.46 -1.34
CA VAL A 20 -5.22 6.58 -0.41
C VAL A 20 -5.51 7.91 -1.10
N CYS A 21 -4.85 8.14 -2.23
CA CYS A 21 -5.04 9.36 -3.00
C CYS A 21 -5.80 9.08 -4.29
N LYS A 22 -5.78 7.83 -4.73
CA LYS A 22 -6.47 7.43 -5.95
C LYS A 22 -5.84 8.09 -7.17
N GLU A 23 -4.51 8.19 -7.17
CA GLU A 23 -3.80 8.81 -8.28
C GLU A 23 -3.17 7.75 -9.19
N ASP A 24 -1.99 7.28 -8.83
CA ASP A 24 -1.29 6.27 -9.60
C ASP A 24 0.07 5.97 -9.01
N TYR A 25 0.73 4.94 -9.54
CA TYR A 25 2.05 4.55 -9.06
C TYR A 25 3.14 5.02 -10.02
N ALA A 26 4.38 4.65 -9.73
CA ALA A 26 5.52 5.02 -10.57
C ALA A 26 6.76 4.24 -10.20
N LEU A 27 7.41 3.65 -11.20
CA LEU A 27 8.62 2.87 -10.98
C LEU A 27 9.46 3.46 -9.85
N GLY A 28 9.70 4.76 -9.92
CA GLY A 28 10.48 5.43 -8.88
C GLY A 28 9.73 5.56 -7.59
N GLU A 29 8.41 5.73 -7.67
CA GLU A 29 7.57 5.87 -6.49
C GLU A 29 7.64 4.62 -5.62
N SER A 30 8.03 4.80 -4.36
CA SER A 30 8.13 3.70 -3.43
C SER A 30 6.75 3.21 -2.99
N VAL A 31 6.32 2.10 -3.58
CA VAL A 31 5.01 1.52 -3.25
C VAL A 31 5.14 0.43 -2.21
N ARG A 32 4.11 0.28 -1.40
CA ARG A 32 4.10 -0.74 -0.35
C ARG A 32 2.91 -1.68 -0.51
N GLN A 33 3.17 -2.98 -0.37
CA GLN A 33 2.11 -3.98 -0.49
C GLN A 33 1.67 -4.49 0.88
N LEU A 34 0.36 -4.69 1.03
CA LEU A 34 -0.19 -5.16 2.29
C LEU A 34 -0.44 -6.67 2.24
N PRO A 35 -0.57 -7.30 3.42
CA PRO A 35 -0.81 -8.73 3.54
C PRO A 35 -2.22 -9.12 3.08
N CYS A 36 -2.94 -8.15 2.52
CA CYS A 36 -4.29 -8.39 2.04
C CYS A 36 -4.37 -8.24 0.53
N ASN A 37 -3.20 -8.18 -0.12
CA ASN A 37 -3.13 -8.04 -1.56
C ASN A 37 -3.49 -6.62 -1.99
N HIS A 38 -3.22 -5.66 -1.12
CA HIS A 38 -3.50 -4.25 -1.40
C HIS A 38 -2.25 -3.41 -1.31
N LEU A 39 -1.95 -2.67 -2.37
CA LEU A 39 -0.77 -1.82 -2.41
C LEU A 39 -1.12 -0.38 -2.05
N PHE A 40 -0.12 0.38 -1.62
CA PHE A 40 -0.32 1.77 -1.24
C PHE A 40 1.00 2.54 -1.25
N HIS A 41 0.93 3.81 -1.65
CA HIS A 41 2.13 4.66 -1.71
C HIS A 41 2.87 4.64 -0.38
N ASP A 42 4.19 4.48 -0.45
CA ASP A 42 5.02 4.45 0.75
C ASP A 42 4.88 5.76 1.54
N SER A 43 4.23 6.74 0.94
CA SER A 43 4.04 8.04 1.57
C SER A 43 2.57 8.24 1.97
N CYS A 44 1.73 7.29 1.59
CA CYS A 44 0.30 7.36 1.90
C CYS A 44 -0.07 6.33 2.96
N ILE A 45 0.60 5.18 2.92
CA ILE A 45 0.34 4.11 3.88
C ILE A 45 1.15 4.30 5.15
N VAL A 46 2.43 4.61 4.99
CA VAL A 46 3.32 4.82 6.13
C VAL A 46 2.64 5.66 7.20
N PRO A 47 2.21 6.87 6.82
CA PRO A 47 1.54 7.81 7.73
C PRO A 47 0.15 7.33 8.13
N TRP A 48 -0.32 6.29 7.45
CA TRP A 48 -1.65 5.73 7.73
C TRP A 48 -1.57 4.65 8.79
N LEU A 49 -0.79 3.61 8.52
CA LEU A 49 -0.63 2.50 9.45
C LEU A 49 -0.17 3.01 10.81
N GLU A 50 0.65 4.06 10.81
CA GLU A 50 1.15 4.65 12.05
C GLU A 50 0.04 5.35 12.82
N GLN A 51 -1.17 5.33 12.25
CA GLN A 51 -2.31 5.96 12.89
C GLN A 51 -3.46 4.97 13.06
N HIS A 52 -3.64 4.10 12.07
CA HIS A 52 -4.70 3.10 12.12
C HIS A 52 -4.11 1.70 12.25
N ASP A 53 -2.88 1.52 11.77
CA ASP A 53 -2.20 0.24 11.84
C ASP A 53 -3.00 -0.84 11.09
N SER A 54 -3.65 -0.43 10.01
CA SER A 54 -4.45 -1.35 9.20
C SER A 54 -4.57 -0.86 7.76
N CYS A 55 -5.30 -1.60 6.94
CA CYS A 55 -5.49 -1.25 5.54
C CYS A 55 -6.56 -0.17 5.40
N PRO A 56 -6.21 0.91 4.69
CA PRO A 56 -7.12 2.04 4.47
C PRO A 56 -8.26 1.68 3.51
N VAL A 57 -8.30 0.41 3.11
CA VAL A 57 -9.33 -0.07 2.20
C VAL A 57 -10.20 -1.14 2.85
N CYS A 58 -9.61 -2.31 3.09
CA CYS A 58 -10.33 -3.41 3.72
C CYS A 58 -10.12 -3.40 5.23
N ARG A 59 -9.10 -2.68 5.68
CA ARG A 59 -8.80 -2.59 7.10
C ARG A 59 -8.52 -3.97 7.69
N LYS A 60 -7.65 -4.73 7.04
CA LYS A 60 -7.30 -6.07 7.50
C LYS A 60 -6.27 -6.01 8.62
N SER A 61 -6.55 -6.70 9.71
CA SER A 61 -5.65 -6.73 10.86
C SER A 61 -4.26 -7.19 10.45
N LEU A 62 -3.30 -6.26 10.45
CA LEU A 62 -1.93 -6.57 10.07
C LEU A 62 -1.19 -7.23 11.23
N THR A 63 -1.76 -7.15 12.41
CA THR A 63 -1.16 -7.74 13.61
C THR A 63 -2.02 -8.85 14.17
N GLY A 64 -2.40 -9.80 13.31
CA GLY A 64 -3.23 -10.91 13.75
C GLY A 64 -2.42 -12.04 14.35
N GLN A 65 -1.23 -11.71 14.85
CA GLN A 65 -0.36 -12.72 15.45
C GLN A 65 0.33 -12.17 16.69
N ASN A 66 0.97 -13.05 17.45
CA ASN A 66 1.67 -12.65 18.67
C ASN A 66 3.18 -12.55 18.43
N THR A 67 3.55 -11.95 17.30
CA THR A 67 4.96 -11.80 16.95
C THR A 67 5.63 -10.74 17.83
N ALA A 68 5.17 -9.50 17.68
CA ALA A 68 5.72 -8.39 18.46
C ALA A 68 4.72 -7.25 18.59
N THR A 69 5.01 -6.30 19.48
CA THR A 69 4.12 -5.16 19.69
C THR A 69 4.92 -3.86 19.77
N ASN A 70 4.57 -2.90 18.92
CA ASN A 70 5.26 -1.62 18.90
C ASN A 70 4.34 -0.52 18.34
N PRO A 71 3.88 0.37 19.23
CA PRO A 71 2.99 1.48 18.84
C PRO A 71 3.71 2.53 18.00
N PRO A 72 3.09 2.90 16.87
CA PRO A 72 3.65 3.91 15.96
C PRO A 72 3.62 5.31 16.56
N GLY A 73 2.89 5.47 17.65
CA GLY A 73 2.80 6.77 18.30
C GLY A 73 1.92 6.73 19.53
N LEU A 74 1.64 7.91 20.08
CA LEU A 74 0.80 8.02 21.27
C LEU A 74 -0.54 8.66 20.95
N THR A 75 -1.54 7.82 20.67
CA THR A 75 -2.87 8.29 20.34
C THR A 75 -2.81 9.57 19.51
N GLY A 76 -1.86 9.62 18.59
CA GLY A 76 -1.71 10.79 17.73
C GLY A 76 -0.26 11.15 17.49
N VAL A 77 0.14 11.16 16.23
CA VAL A 77 1.51 11.49 15.86
C VAL A 77 1.67 12.99 15.60
N GLY A 78 2.75 13.56 16.11
CA GLY A 78 3.00 14.98 15.92
C GLY A 78 4.29 15.44 16.58
ZN ZN B . -1.13 7.71 -2.56
ZN ZN C . -6.57 -4.36 2.16
#